data_2B8G
# 
_entry.id   2B8G 
# 
_audit_conform.dict_name       mmcif_pdbx.dic 
_audit_conform.dict_version    5.397 
_audit_conform.dict_location   http://mmcif.pdb.org/dictionaries/ascii/mmcif_pdbx.dic 
# 
loop_
_database_2.database_id 
_database_2.database_code 
_database_2.pdbx_database_accession 
_database_2.pdbx_DOI 
PDB   2B8G         pdb_00002b8g 10.2210/pdb2b8g/pdb 
RCSB  RCSB034805   ?            ?                   
WWPDB D_1000034805 ?            ?                   
# 
loop_
_pdbx_audit_revision_history.ordinal 
_pdbx_audit_revision_history.data_content_type 
_pdbx_audit_revision_history.major_revision 
_pdbx_audit_revision_history.minor_revision 
_pdbx_audit_revision_history.revision_date 
1 'Structure model' 1 0 2006-06-06 
2 'Structure model' 1 1 2008-05-01 
3 'Structure model' 1 2 2011-07-13 
4 'Structure model' 1 3 2022-03-09 
5 'Structure model' 1 4 2024-10-23 
# 
_pdbx_audit_revision_details.ordinal             1 
_pdbx_audit_revision_details.revision_ordinal    1 
_pdbx_audit_revision_details.data_content_type   'Structure model' 
_pdbx_audit_revision_details.provider            repository 
_pdbx_audit_revision_details.type                'Initial release' 
_pdbx_audit_revision_details.description         ? 
_pdbx_audit_revision_details.details             ? 
# 
loop_
_pdbx_audit_revision_group.ordinal 
_pdbx_audit_revision_group.revision_ordinal 
_pdbx_audit_revision_group.data_content_type 
_pdbx_audit_revision_group.group 
1 2 'Structure model' 'Version format compliance' 
2 3 'Structure model' 'Version format compliance' 
3 4 'Structure model' 'Data collection'           
4 4 'Structure model' 'Database references'       
5 4 'Structure model' 'Derived calculations'      
6 5 'Structure model' 'Data collection'           
7 5 'Structure model' 'Structure summary'         
# 
loop_
_pdbx_audit_revision_category.ordinal 
_pdbx_audit_revision_category.revision_ordinal 
_pdbx_audit_revision_category.data_content_type 
_pdbx_audit_revision_category.category 
1  4 'Structure model' database_2                
2  4 'Structure model' pdbx_nmr_software         
3  4 'Structure model' pdbx_nmr_spectrometer     
4  4 'Structure model' pdbx_struct_assembly      
5  4 'Structure model' pdbx_struct_oper_list     
6  4 'Structure model' struct_conn               
7  4 'Structure model' struct_site               
8  5 'Structure model' chem_comp_atom            
9  5 'Structure model' chem_comp_bond            
10 5 'Structure model' pdbx_entry_details        
11 5 'Structure model' pdbx_modification_feature 
# 
loop_
_pdbx_audit_revision_item.ordinal 
_pdbx_audit_revision_item.revision_ordinal 
_pdbx_audit_revision_item.data_content_type 
_pdbx_audit_revision_item.item 
1 4 'Structure model' '_database_2.pdbx_DOI'                
2 4 'Structure model' '_database_2.pdbx_database_accession' 
3 4 'Structure model' '_pdbx_nmr_software.name'             
4 4 'Structure model' '_pdbx_nmr_spectrometer.model'        
5 4 'Structure model' '_struct_conn.pdbx_leaving_atom_flag' 
6 4 'Structure model' '_struct_site.pdbx_auth_asym_id'      
7 4 'Structure model' '_struct_site.pdbx_auth_comp_id'      
8 4 'Structure model' '_struct_site.pdbx_auth_seq_id'       
# 
_pdbx_database_status.status_code                     REL 
_pdbx_database_status.entry_id                        2B8G 
_pdbx_database_status.recvd_initial_deposition_date   2005-10-06 
_pdbx_database_status.deposit_site                    RCSB 
_pdbx_database_status.process_site                    PDBJ 
_pdbx_database_status.status_code_sf                  ? 
_pdbx_database_status.status_code_mr                  ? 
_pdbx_database_status.SG_entry                        ? 
_pdbx_database_status.pdb_format_compatible           Y 
_pdbx_database_status.status_code_cs                  ? 
_pdbx_database_status.status_code_nmr_data            ? 
_pdbx_database_status.methods_development_category    ? 
# 
_pdbx_database_related.db_name        PDB 
_pdbx_database_related.db_id          2B8F 
_pdbx_database_related.details        'Bacillus subtilis BLAP Apo form' 
_pdbx_database_related.content_type   unspecified 
# 
loop_
_audit_author.name 
_audit_author.pdbx_ordinal 
'Cui, G.' 1 
'Xia, B.' 2 
'Jin, C.' 3 
# 
_citation.id                        primary 
_citation.title                     
'solution structure of Bacillus subtilis BLAP biotinylated-form (energy minimized mean structure)' 
_citation.journal_abbrev            'To be published' 
_citation.journal_volume            ? 
_citation.page_first                ? 
_citation.page_last                 ? 
_citation.year                      ? 
_citation.journal_id_ASTM           ? 
_citation.country                   ? 
_citation.journal_id_ISSN           ? 
_citation.journal_id_CSD            0353 
_citation.book_publisher            ? 
_citation.pdbx_database_id_PubMed   ? 
_citation.pdbx_database_id_DOI      ? 
# 
loop_
_citation_author.citation_id 
_citation_author.name 
_citation_author.ordinal 
_citation_author.identifier_ORCID 
primary 'Cui, G.' 1 ? 
primary 'Xia, B.' 2 ? 
primary 'Jin, C.' 3 ? 
# 
loop_
_entity.id 
_entity.type 
_entity.src_method 
_entity.pdbx_description 
_entity.formula_weight 
_entity.pdbx_number_of_molecules 
_entity.pdbx_ec 
_entity.pdbx_mutation 
_entity.pdbx_fragment 
_entity.details 
1 polymer     man 'Biotin/Lipoyl Attachment Protein' 7920.094 1 ? ? ? ? 
2 non-polymer syn BIOTIN                             244.311  1 ? ? ? ? 
# 
_entity_poly.entity_id                      1 
_entity_poly.type                           'polypeptide(L)' 
_entity_poly.nstd_linkage                   no 
_entity_poly.nstd_monomer                   no 
_entity_poly.pdbx_seq_one_letter_code       TVSIQMAGNLWKVHVKAGDQIEKGQEVAILESMKMEIPIVADRSGIVKEVKKKEGDFVNEGDVLLELSNSTQ 
_entity_poly.pdbx_seq_one_letter_code_can   TVSIQMAGNLWKVHVKAGDQIEKGQEVAILESMKMEIPIVADRSGIVKEVKKKEGDFVNEGDVLLELSNSTQ 
_entity_poly.pdbx_strand_id                 A 
_entity_poly.pdbx_target_identifier         ? 
# 
_pdbx_entity_nonpoly.entity_id   2 
_pdbx_entity_nonpoly.name        BIOTIN 
_pdbx_entity_nonpoly.comp_id     BTN 
# 
loop_
_entity_poly_seq.entity_id 
_entity_poly_seq.num 
_entity_poly_seq.mon_id 
_entity_poly_seq.hetero 
1 1  THR n 
1 2  VAL n 
1 3  SER n 
1 4  ILE n 
1 5  GLN n 
1 6  MET n 
1 7  ALA n 
1 8  GLY n 
1 9  ASN n 
1 10 LEU n 
1 11 TRP n 
1 12 LYS n 
1 13 VAL n 
1 14 HIS n 
1 15 VAL n 
1 16 LYS n 
1 17 ALA n 
1 18 GLY n 
1 19 ASP n 
1 20 GLN n 
1 21 ILE n 
1 22 GLU n 
1 23 LYS n 
1 24 GLY n 
1 25 GLN n 
1 26 GLU n 
1 27 VAL n 
1 28 ALA n 
1 29 ILE n 
1 30 LEU n 
1 31 GLU n 
1 32 SER n 
1 33 MET n 
1 34 LYS n 
1 35 MET n 
1 36 GLU n 
1 37 ILE n 
1 38 PRO n 
1 39 ILE n 
1 40 VAL n 
1 41 ALA n 
1 42 ASP n 
1 43 ARG n 
1 44 SER n 
1 45 GLY n 
1 46 ILE n 
1 47 VAL n 
1 48 LYS n 
1 49 GLU n 
1 50 VAL n 
1 51 LYS n 
1 52 LYS n 
1 53 LYS n 
1 54 GLU n 
1 55 GLY n 
1 56 ASP n 
1 57 PHE n 
1 58 VAL n 
1 59 ASN n 
1 60 GLU n 
1 61 GLY n 
1 62 ASP n 
1 63 VAL n 
1 64 LEU n 
1 65 LEU n 
1 66 GLU n 
1 67 LEU n 
1 68 SER n 
1 69 ASN n 
1 70 SER n 
1 71 THR n 
1 72 GLN n 
# 
_entity_src_gen.entity_id                          1 
_entity_src_gen.pdbx_src_id                        1 
_entity_src_gen.pdbx_alt_source_flag               sample 
_entity_src_gen.pdbx_seq_type                      ? 
_entity_src_gen.pdbx_beg_seq_num                   ? 
_entity_src_gen.pdbx_end_seq_num                   ? 
_entity_src_gen.gene_src_common_name               ? 
_entity_src_gen.gene_src_genus                     Bacillus 
_entity_src_gen.pdbx_gene_src_gene                 ? 
_entity_src_gen.gene_src_species                   ? 
_entity_src_gen.gene_src_strain                    ? 
_entity_src_gen.gene_src_tissue                    ? 
_entity_src_gen.gene_src_tissue_fraction           ? 
_entity_src_gen.gene_src_details                   ? 
_entity_src_gen.pdbx_gene_src_fragment             ? 
_entity_src_gen.pdbx_gene_src_scientific_name      'Bacillus subtilis' 
_entity_src_gen.pdbx_gene_src_ncbi_taxonomy_id     1423 
_entity_src_gen.pdbx_gene_src_variant              ? 
_entity_src_gen.pdbx_gene_src_cell_line            ? 
_entity_src_gen.pdbx_gene_src_atcc                 ? 
_entity_src_gen.pdbx_gene_src_organ                ? 
_entity_src_gen.pdbx_gene_src_organelle            ? 
_entity_src_gen.pdbx_gene_src_cell                 ? 
_entity_src_gen.pdbx_gene_src_cellular_location    ? 
_entity_src_gen.host_org_common_name               ? 
_entity_src_gen.pdbx_host_org_scientific_name      'Escherichia coli' 
_entity_src_gen.pdbx_host_org_ncbi_taxonomy_id     562 
_entity_src_gen.host_org_genus                     Escherichia 
_entity_src_gen.pdbx_host_org_gene                 ? 
_entity_src_gen.pdbx_host_org_organ                ? 
_entity_src_gen.host_org_species                   ? 
_entity_src_gen.pdbx_host_org_tissue               ? 
_entity_src_gen.pdbx_host_org_tissue_fraction      ? 
_entity_src_gen.pdbx_host_org_strain               'BL21(DE3)pLysS' 
_entity_src_gen.pdbx_host_org_variant              ? 
_entity_src_gen.pdbx_host_org_cell_line            ? 
_entity_src_gen.pdbx_host_org_atcc                 ? 
_entity_src_gen.pdbx_host_org_culture_collection   ? 
_entity_src_gen.pdbx_host_org_cell                 ? 
_entity_src_gen.pdbx_host_org_organelle            ? 
_entity_src_gen.pdbx_host_org_cellular_location    ? 
_entity_src_gen.pdbx_host_org_vector_type          plasmid 
_entity_src_gen.pdbx_host_org_vector               ? 
_entity_src_gen.host_org_details                   ? 
_entity_src_gen.expression_system_id               ? 
_entity_src_gen.plasmid_name                       'pET-21a(+)' 
_entity_src_gen.plasmid_details                    ? 
_entity_src_gen.pdbx_description                   ? 
# 
loop_
_chem_comp.id 
_chem_comp.type 
_chem_comp.mon_nstd_flag 
_chem_comp.name 
_chem_comp.pdbx_synonyms 
_chem_comp.formula 
_chem_comp.formula_weight 
ALA 'L-peptide linking' y ALANINE         ? 'C3 H7 N O2'      89.093  
ARG 'L-peptide linking' y ARGININE        ? 'C6 H15 N4 O2 1'  175.209 
ASN 'L-peptide linking' y ASPARAGINE      ? 'C4 H8 N2 O3'     132.118 
ASP 'L-peptide linking' y 'ASPARTIC ACID' ? 'C4 H7 N O4'      133.103 
BTN non-polymer         . BIOTIN          ? 'C10 H16 N2 O3 S' 244.311 
GLN 'L-peptide linking' y GLUTAMINE       ? 'C5 H10 N2 O3'    146.144 
GLU 'L-peptide linking' y 'GLUTAMIC ACID' ? 'C5 H9 N O4'      147.129 
GLY 'peptide linking'   y GLYCINE         ? 'C2 H5 N O2'      75.067  
HIS 'L-peptide linking' y HISTIDINE       ? 'C6 H10 N3 O2 1'  156.162 
ILE 'L-peptide linking' y ISOLEUCINE      ? 'C6 H13 N O2'     131.173 
LEU 'L-peptide linking' y LEUCINE         ? 'C6 H13 N O2'     131.173 
LYS 'L-peptide linking' y LYSINE          ? 'C6 H15 N2 O2 1'  147.195 
MET 'L-peptide linking' y METHIONINE      ? 'C5 H11 N O2 S'   149.211 
PHE 'L-peptide linking' y PHENYLALANINE   ? 'C9 H11 N O2'     165.189 
PRO 'L-peptide linking' y PROLINE         ? 'C5 H9 N O2'      115.130 
SER 'L-peptide linking' y SERINE          ? 'C3 H7 N O3'      105.093 
THR 'L-peptide linking' y THREONINE       ? 'C4 H9 N O3'      119.119 
TRP 'L-peptide linking' y TRYPTOPHAN      ? 'C11 H12 N2 O2'   204.225 
VAL 'L-peptide linking' y VALINE          ? 'C5 H11 N O2'     117.146 
# 
loop_
_pdbx_poly_seq_scheme.asym_id 
_pdbx_poly_seq_scheme.entity_id 
_pdbx_poly_seq_scheme.seq_id 
_pdbx_poly_seq_scheme.mon_id 
_pdbx_poly_seq_scheme.ndb_seq_num 
_pdbx_poly_seq_scheme.pdb_seq_num 
_pdbx_poly_seq_scheme.auth_seq_num 
_pdbx_poly_seq_scheme.pdb_mon_id 
_pdbx_poly_seq_scheme.auth_mon_id 
_pdbx_poly_seq_scheme.pdb_strand_id 
_pdbx_poly_seq_scheme.pdb_ins_code 
_pdbx_poly_seq_scheme.hetero 
A 1 1  THR 1  2  2  THR THR A . n 
A 1 2  VAL 2  3  3  VAL VAL A . n 
A 1 3  SER 3  4  4  SER SER A . n 
A 1 4  ILE 4  5  5  ILE ILE A . n 
A 1 5  GLN 5  6  6  GLN GLN A . n 
A 1 6  MET 6  7  7  MET MET A . n 
A 1 7  ALA 7  8  8  ALA ALA A . n 
A 1 8  GLY 8  9  9  GLY GLY A . n 
A 1 9  ASN 9  10 10 ASN ASN A . n 
A 1 10 LEU 10 11 11 LEU LEU A . n 
A 1 11 TRP 11 12 12 TRP TRP A . n 
A 1 12 LYS 12 13 13 LYS LYS A . n 
A 1 13 VAL 13 14 14 VAL VAL A . n 
A 1 14 HIS 14 15 15 HIS HIS A . n 
A 1 15 VAL 15 16 16 VAL VAL A . n 
A 1 16 LYS 16 17 17 LYS LYS A . n 
A 1 17 ALA 17 18 18 ALA ALA A . n 
A 1 18 GLY 18 19 19 GLY GLY A . n 
A 1 19 ASP 19 20 20 ASP ASP A . n 
A 1 20 GLN 20 21 21 GLN GLN A . n 
A 1 21 ILE 21 22 22 ILE ILE A . n 
A 1 22 GLU 22 23 23 GLU GLU A . n 
A 1 23 LYS 23 24 24 LYS LYS A . n 
A 1 24 GLY 24 25 25 GLY GLY A . n 
A 1 25 GLN 25 26 26 GLN GLN A . n 
A 1 26 GLU 26 27 27 GLU GLU A . n 
A 1 27 VAL 27 28 28 VAL VAL A . n 
A 1 28 ALA 28 29 29 ALA ALA A . n 
A 1 29 ILE 29 30 30 ILE ILE A . n 
A 1 30 LEU 30 31 31 LEU LEU A . n 
A 1 31 GLU 31 32 32 GLU GLU A . n 
A 1 32 SER 32 33 33 SER SER A . n 
A 1 33 MET 33 34 34 MET MET A . n 
A 1 34 LYS 34 35 35 LYS BTL A . n 
A 1 35 MET 35 36 36 MET MET A . n 
A 1 36 GLU 36 37 37 GLU GLU A . n 
A 1 37 ILE 37 38 38 ILE ILE A . n 
A 1 38 PRO 38 39 39 PRO PRO A . n 
A 1 39 ILE 39 40 40 ILE ILE A . n 
A 1 40 VAL 40 41 41 VAL VAL A . n 
A 1 41 ALA 41 42 42 ALA ALA A . n 
A 1 42 ASP 42 43 43 ASP ASP A . n 
A 1 43 ARG 43 44 44 ARG ARG A . n 
A 1 44 SER 44 45 45 SER SER A . n 
A 1 45 GLY 45 46 46 GLY GLY A . n 
A 1 46 ILE 46 47 47 ILE ILE A . n 
A 1 47 VAL 47 48 48 VAL VAL A . n 
A 1 48 LYS 48 49 49 LYS LYS A . n 
A 1 49 GLU 49 50 50 GLU GLU A . n 
A 1 50 VAL 50 51 51 VAL VAL A . n 
A 1 51 LYS 51 52 52 LYS LYS A . n 
A 1 52 LYS 52 53 53 LYS LYS A . n 
A 1 53 LYS 53 54 54 LYS LYS A . n 
A 1 54 GLU 54 55 55 GLU GLU A . n 
A 1 55 GLY 55 56 56 GLY GLY A . n 
A 1 56 ASP 56 57 57 ASP ASP A . n 
A 1 57 PHE 57 58 58 PHE PHE A . n 
A 1 58 VAL 58 59 59 VAL VAL A . n 
A 1 59 ASN 59 60 60 ASN ASN A . n 
A 1 60 GLU 60 61 61 GLU GLU A . n 
A 1 61 GLY 61 62 62 GLY GLY A . n 
A 1 62 ASP 62 63 63 ASP ASP A . n 
A 1 63 VAL 63 64 64 VAL VAL A . n 
A 1 64 LEU 64 65 65 LEU LEU A . n 
A 1 65 LEU 65 66 66 LEU LEU A . n 
A 1 66 GLU 66 67 67 GLU GLU A . n 
A 1 67 LEU 67 68 68 LEU LEU A . n 
A 1 68 SER 68 69 69 SER SER A . n 
A 1 69 ASN 69 70 70 ASN ASN A . n 
A 1 70 SER 70 71 71 SER SER A . n 
A 1 71 THR 71 72 72 THR THR A . n 
A 1 72 GLN 72 73 73 GLN GLN A . n 
# 
_pdbx_nonpoly_scheme.asym_id         B 
_pdbx_nonpoly_scheme.entity_id       2 
_pdbx_nonpoly_scheme.mon_id          BTN 
_pdbx_nonpoly_scheme.ndb_seq_num     1 
_pdbx_nonpoly_scheme.pdb_seq_num     135 
_pdbx_nonpoly_scheme.auth_seq_num    35 
_pdbx_nonpoly_scheme.pdb_mon_id      BTN 
_pdbx_nonpoly_scheme.auth_mon_id     BTL 
_pdbx_nonpoly_scheme.pdb_strand_id   A 
_pdbx_nonpoly_scheme.pdb_ins_code    . 
# 
_exptl.entry_id          2B8G 
_exptl.method            'SOLUTION NMR' 
_exptl.crystals_number   ? 
# 
_struct.entry_id                  2B8G 
_struct.title                     
'solution structure of Bacillus subtilis BLAP biotinylated-form (energy minimized mean structure)' 
_struct.pdbx_model_details        ? 
_struct.pdbx_CASP_flag            ? 
_struct.pdbx_model_type_details   'minimized average' 
# 
_struct_keywords.entry_id        2B8G 
_struct_keywords.pdbx_keywords   'BIOSYNTHETIC PROTEIN' 
_struct_keywords.text            
'Bacillus subtilis, Single-domain Biotin Carboxyl Carrier Protein, solution structure, BIOSYNTHETIC PROTEIN' 
# 
loop_
_struct_asym.id 
_struct_asym.pdbx_blank_PDB_chainid_flag 
_struct_asym.pdbx_modified 
_struct_asym.entity_id 
_struct_asym.details 
A N N 1 ? 
B N N 2 ? 
# 
_struct_ref.id                         1 
_struct_ref.db_name                    UNP 
_struct_ref.db_code                    Q9R9I3_BACSU 
_struct_ref.pdbx_db_accession          Q9R9I3 
_struct_ref.entity_id                  1 
_struct_ref.pdbx_align_begin           2 
_struct_ref.pdbx_db_isoform            ? 
_struct_ref.pdbx_seq_one_letter_code   ? 
# 
_struct_ref_seq.align_id                      1 
_struct_ref_seq.ref_id                        1 
_struct_ref_seq.pdbx_PDB_id_code              2B8G 
_struct_ref_seq.pdbx_strand_id                A 
_struct_ref_seq.seq_align_beg                 1 
_struct_ref_seq.pdbx_seq_align_beg_ins_code   ? 
_struct_ref_seq.seq_align_end                 72 
_struct_ref_seq.pdbx_seq_align_end_ins_code   ? 
_struct_ref_seq.pdbx_db_accession             Q9R9I3 
_struct_ref_seq.db_align_beg                  2 
_struct_ref_seq.pdbx_db_align_beg_ins_code    ? 
_struct_ref_seq.db_align_end                  73 
_struct_ref_seq.pdbx_db_align_end_ins_code    ? 
_struct_ref_seq.pdbx_auth_seq_align_beg       2 
_struct_ref_seq.pdbx_auth_seq_align_end       73 
# 
_pdbx_struct_assembly.id                   1 
_pdbx_struct_assembly.details              author_defined_assembly 
_pdbx_struct_assembly.method_details       ? 
_pdbx_struct_assembly.oligomeric_details   monomeric 
_pdbx_struct_assembly.oligomeric_count     1 
# 
_pdbx_struct_assembly_gen.assembly_id       1 
_pdbx_struct_assembly_gen.oper_expression   1 
_pdbx_struct_assembly_gen.asym_id_list      A,B 
# 
_pdbx_struct_oper_list.id                   1 
_pdbx_struct_oper_list.type                 'identity operation' 
_pdbx_struct_oper_list.name                 1_555 
_pdbx_struct_oper_list.symmetry_operation   x,y,z 
_pdbx_struct_oper_list.matrix[1][1]         1.0000000000 
_pdbx_struct_oper_list.matrix[1][2]         0.0000000000 
_pdbx_struct_oper_list.matrix[1][3]         0.0000000000 
_pdbx_struct_oper_list.vector[1]            0.0000000000 
_pdbx_struct_oper_list.matrix[2][1]         0.0000000000 
_pdbx_struct_oper_list.matrix[2][2]         1.0000000000 
_pdbx_struct_oper_list.matrix[2][3]         0.0000000000 
_pdbx_struct_oper_list.vector[2]            0.0000000000 
_pdbx_struct_oper_list.matrix[3][1]         0.0000000000 
_pdbx_struct_oper_list.matrix[3][2]         0.0000000000 
_pdbx_struct_oper_list.matrix[3][3]         1.0000000000 
_pdbx_struct_oper_list.vector[3]            0.0000000000 
# 
_struct_biol.id   1 
# 
_struct_conn.id                            covale1 
_struct_conn.conn_type_id                  covale 
_struct_conn.pdbx_leaving_atom_flag        one 
_struct_conn.pdbx_PDB_id                   ? 
_struct_conn.ptnr1_label_asym_id           A 
_struct_conn.ptnr1_label_comp_id           LYS 
_struct_conn.ptnr1_label_seq_id            34 
_struct_conn.ptnr1_label_atom_id           NZ 
_struct_conn.pdbx_ptnr1_label_alt_id       ? 
_struct_conn.pdbx_ptnr1_PDB_ins_code       ? 
_struct_conn.pdbx_ptnr1_standard_comp_id   ? 
_struct_conn.ptnr1_symmetry                1_555 
_struct_conn.ptnr2_label_asym_id           B 
_struct_conn.ptnr2_label_comp_id           BTN 
_struct_conn.ptnr2_label_seq_id            . 
_struct_conn.ptnr2_label_atom_id           C11 
_struct_conn.pdbx_ptnr2_label_alt_id       ? 
_struct_conn.pdbx_ptnr2_PDB_ins_code       ? 
_struct_conn.ptnr1_auth_asym_id            A 
_struct_conn.ptnr1_auth_comp_id            LYS 
_struct_conn.ptnr1_auth_seq_id             35 
_struct_conn.ptnr2_auth_asym_id            A 
_struct_conn.ptnr2_auth_comp_id            BTN 
_struct_conn.ptnr2_auth_seq_id             135 
_struct_conn.ptnr2_symmetry                1_555 
_struct_conn.pdbx_ptnr3_label_atom_id      ? 
_struct_conn.pdbx_ptnr3_label_seq_id       ? 
_struct_conn.pdbx_ptnr3_label_comp_id      ? 
_struct_conn.pdbx_ptnr3_label_asym_id      ? 
_struct_conn.pdbx_ptnr3_label_alt_id       ? 
_struct_conn.pdbx_ptnr3_PDB_ins_code       ? 
_struct_conn.details                       ? 
_struct_conn.pdbx_dist_value               1.340 
_struct_conn.pdbx_value_order              ? 
_struct_conn.pdbx_role                     ? 
# 
_struct_conn_type.id          covale 
_struct_conn_type.criteria    ? 
_struct_conn_type.reference   ? 
# 
_pdbx_modification_feature.ordinal                            1 
_pdbx_modification_feature.label_comp_id                      BTN 
_pdbx_modification_feature.label_asym_id                      B 
_pdbx_modification_feature.label_seq_id                       . 
_pdbx_modification_feature.label_alt_id                       ? 
_pdbx_modification_feature.modified_residue_label_comp_id     LYS 
_pdbx_modification_feature.modified_residue_label_asym_id     A 
_pdbx_modification_feature.modified_residue_label_seq_id      34 
_pdbx_modification_feature.modified_residue_label_alt_id      ? 
_pdbx_modification_feature.auth_comp_id                       BTN 
_pdbx_modification_feature.auth_asym_id                       A 
_pdbx_modification_feature.auth_seq_id                        135 
_pdbx_modification_feature.PDB_ins_code                       ? 
_pdbx_modification_feature.symmetry                           1_555 
_pdbx_modification_feature.modified_residue_auth_comp_id      LYS 
_pdbx_modification_feature.modified_residue_auth_asym_id      A 
_pdbx_modification_feature.modified_residue_auth_seq_id       35 
_pdbx_modification_feature.modified_residue_PDB_ins_code      ? 
_pdbx_modification_feature.modified_residue_symmetry          1_555 
_pdbx_modification_feature.comp_id_linking_atom               C11 
_pdbx_modification_feature.modified_residue_id_linking_atom   NZ 
_pdbx_modification_feature.modified_residue_id                LYS 
_pdbx_modification_feature.ref_pcm_id                         1 
_pdbx_modification_feature.ref_comp_id                        BTN 
_pdbx_modification_feature.type                               Biotinylation 
_pdbx_modification_feature.category                           Biotin 
# 
loop_
_struct_sheet.id 
_struct_sheet.type 
_struct_sheet.number_strands 
_struct_sheet.details 
A ? 4 ? 
B ? 4 ? 
# 
loop_
_struct_sheet_order.sheet_id 
_struct_sheet_order.range_id_1 
_struct_sheet_order.range_id_2 
_struct_sheet_order.offset 
_struct_sheet_order.sense 
A 1 2 ? anti-parallel 
A 2 3 ? anti-parallel 
A 3 4 ? anti-parallel 
B 1 2 ? anti-parallel 
B 2 3 ? anti-parallel 
B 3 4 ? anti-parallel 
# 
loop_
_struct_sheet_range.sheet_id 
_struct_sheet_range.id 
_struct_sheet_range.beg_label_comp_id 
_struct_sheet_range.beg_label_asym_id 
_struct_sheet_range.beg_label_seq_id 
_struct_sheet_range.pdbx_beg_PDB_ins_code 
_struct_sheet_range.end_label_comp_id 
_struct_sheet_range.end_label_asym_id 
_struct_sheet_range.end_label_seq_id 
_struct_sheet_range.pdbx_end_PDB_ins_code 
_struct_sheet_range.beg_auth_comp_id 
_struct_sheet_range.beg_auth_asym_id 
_struct_sheet_range.beg_auth_seq_id 
_struct_sheet_range.end_auth_comp_id 
_struct_sheet_range.end_auth_asym_id 
_struct_sheet_range.end_auth_seq_id 
A 1 VAL A 2  ? SER A 3  ? VAL A 3  SER A 4  
A 2 VAL A 63 ? LEU A 67 ? VAL A 64 LEU A 68 
A 3 GLY A 45 ? VAL A 50 ? GLY A 46 VAL A 51 
A 4 GLN A 20 ? ILE A 21 ? GLN A 21 ILE A 22 
B 1 MET A 35 ? VAL A 40 ? MET A 36 VAL A 41 
B 2 GLU A 26 ? SER A 32 ? GLU A 27 SER A 33 
B 3 GLY A 8  ? VAL A 13 ? GLY A 9  VAL A 14 
B 4 PHE A 57 ? VAL A 58 ? PHE A 58 VAL A 59 
# 
loop_
_pdbx_struct_sheet_hbond.sheet_id 
_pdbx_struct_sheet_hbond.range_id_1 
_pdbx_struct_sheet_hbond.range_id_2 
_pdbx_struct_sheet_hbond.range_1_label_atom_id 
_pdbx_struct_sheet_hbond.range_1_label_comp_id 
_pdbx_struct_sheet_hbond.range_1_label_asym_id 
_pdbx_struct_sheet_hbond.range_1_label_seq_id 
_pdbx_struct_sheet_hbond.range_1_PDB_ins_code 
_pdbx_struct_sheet_hbond.range_1_auth_atom_id 
_pdbx_struct_sheet_hbond.range_1_auth_comp_id 
_pdbx_struct_sheet_hbond.range_1_auth_asym_id 
_pdbx_struct_sheet_hbond.range_1_auth_seq_id 
_pdbx_struct_sheet_hbond.range_2_label_atom_id 
_pdbx_struct_sheet_hbond.range_2_label_comp_id 
_pdbx_struct_sheet_hbond.range_2_label_asym_id 
_pdbx_struct_sheet_hbond.range_2_label_seq_id 
_pdbx_struct_sheet_hbond.range_2_PDB_ins_code 
_pdbx_struct_sheet_hbond.range_2_auth_atom_id 
_pdbx_struct_sheet_hbond.range_2_auth_comp_id 
_pdbx_struct_sheet_hbond.range_2_auth_asym_id 
_pdbx_struct_sheet_hbond.range_2_auth_seq_id 
A 1 2 N VAL A 2  ? N VAL A 3  O LEU A 65 ? O LEU A 66 
A 2 3 O GLU A 66 ? O GLU A 67 N GLU A 49 ? N GLU A 50 
A 3 4 O GLY A 45 ? O GLY A 46 N ILE A 21 ? N ILE A 22 
B 1 2 O ILE A 39 ? O ILE A 40 N VAL A 27 ? N VAL A 28 
B 2 3 O GLU A 31 ? O GLU A 32 N ASN A 9  ? N ASN A 10 
B 3 4 N GLY A 8  ? N GLY A 9  O VAL A 58 ? O VAL A 59 
# 
_struct_site.id                   AC1 
_struct_site.pdbx_evidence_code   Software 
_struct_site.pdbx_auth_asym_id    A 
_struct_site.pdbx_auth_comp_id    BTN 
_struct_site.pdbx_auth_seq_id     135 
_struct_site.pdbx_auth_ins_code   ? 
_struct_site.pdbx_num_residues    2 
_struct_site.details              'BINDING SITE FOR RESIDUE BTN A 135' 
# 
loop_
_struct_site_gen.id 
_struct_site_gen.site_id 
_struct_site_gen.pdbx_num_res 
_struct_site_gen.label_comp_id 
_struct_site_gen.label_asym_id 
_struct_site_gen.label_seq_id 
_struct_site_gen.pdbx_auth_ins_code 
_struct_site_gen.auth_comp_id 
_struct_site_gen.auth_asym_id 
_struct_site_gen.auth_seq_id 
_struct_site_gen.label_atom_id 
_struct_site_gen.label_alt_id 
_struct_site_gen.symmetry 
_struct_site_gen.details 
1 AC1 2 TRP A 11 ? TRP A 12 . ? 1_555 ? 
2 AC1 2 LYS A 34 ? LYS A 35 . ? 1_555 ? 
# 
_pdbx_entry_details.entry_id                   2B8G 
_pdbx_entry_details.compound_details           ? 
_pdbx_entry_details.source_details             ? 
_pdbx_entry_details.nonpolymer_details         ? 
_pdbx_entry_details.sequence_details           ? 
_pdbx_entry_details.has_ligand_of_interest     ? 
_pdbx_entry_details.has_protein_modification   Y 
# 
loop_
_pdbx_validate_torsion.id 
_pdbx_validate_torsion.PDB_model_num 
_pdbx_validate_torsion.auth_comp_id 
_pdbx_validate_torsion.auth_asym_id 
_pdbx_validate_torsion.auth_seq_id 
_pdbx_validate_torsion.PDB_ins_code 
_pdbx_validate_torsion.label_alt_id 
_pdbx_validate_torsion.phi 
_pdbx_validate_torsion.psi 
1 1 LYS A 35 ? ? 88.68   7.86   
2 1 LEU A 65 ? ? -133.35 -44.09 
# 
loop_
_pdbx_validate_peptide_omega.id 
_pdbx_validate_peptide_omega.PDB_model_num 
_pdbx_validate_peptide_omega.auth_comp_id_1 
_pdbx_validate_peptide_omega.auth_asym_id_1 
_pdbx_validate_peptide_omega.auth_seq_id_1 
_pdbx_validate_peptide_omega.PDB_ins_code_1 
_pdbx_validate_peptide_omega.label_alt_id_1 
_pdbx_validate_peptide_omega.auth_comp_id_2 
_pdbx_validate_peptide_omega.auth_asym_id_2 
_pdbx_validate_peptide_omega.auth_seq_id_2 
_pdbx_validate_peptide_omega.PDB_ins_code_2 
_pdbx_validate_peptide_omega.label_alt_id_2 
_pdbx_validate_peptide_omega.omega 
1 1 LEU A 31 ? ? GLU A 32 ? ? 135.22 
2 1 THR A 72 ? ? GLN A 73 ? ? 124.85 
# 
_pdbx_validate_planes.id              1 
_pdbx_validate_planes.PDB_model_num   1 
_pdbx_validate_planes.auth_comp_id    ARG 
_pdbx_validate_planes.auth_asym_id    A 
_pdbx_validate_planes.auth_seq_id     44 
_pdbx_validate_planes.PDB_ins_code    ? 
_pdbx_validate_planes.label_alt_id    ? 
_pdbx_validate_planes.rmsd            0.133 
_pdbx_validate_planes.type            'SIDE CHAIN' 
# 
_pdbx_nmr_ensemble.entry_id                             2B8G 
_pdbx_nmr_ensemble.conformers_calculated_total_number   ? 
_pdbx_nmr_ensemble.conformers_submitted_total_number    1 
_pdbx_nmr_ensemble.conformer_selection_criteria         ? 
# 
_pdbx_nmr_representative.entry_id             2B8G 
_pdbx_nmr_representative.conformer_id         ? 
_pdbx_nmr_representative.selection_criteria   'minimized average structure' 
# 
_pdbx_nmr_sample_details.solution_id      1 
_pdbx_nmr_sample_details.contents         '1.2mM S-BCCP, U-15N,13C; 50mM phosphate buffer NA; 90% H2O, 10% D2O' 
_pdbx_nmr_sample_details.solvent_system   '90% H2O/10% D2O' 
# 
_pdbx_nmr_exptl_sample_conditions.conditions_id       1 
_pdbx_nmr_exptl_sample_conditions.temperature         298 
_pdbx_nmr_exptl_sample_conditions.pressure            ambient 
_pdbx_nmr_exptl_sample_conditions.pH                  7.0 
_pdbx_nmr_exptl_sample_conditions.ionic_strength      '150 mM' 
_pdbx_nmr_exptl_sample_conditions.pressure_units      . 
_pdbx_nmr_exptl_sample_conditions.temperature_units   K 
# 
loop_
_pdbx_nmr_exptl.experiment_id 
_pdbx_nmr_exptl.conditions_id 
_pdbx_nmr_exptl.type 
_pdbx_nmr_exptl.solution_id 
1 1 3D_13C-separated_NOESY 1 
2 1 3D_15N-separated_NOESY 1 
3 1 '2D NOESY'             1 
# 
_pdbx_nmr_details.entry_id   2B8G 
_pdbx_nmr_details.text       'this structure was determined using standard 3D heternuclear techniques' 
# 
_pdbx_nmr_refine.entry_id           2B8G 
_pdbx_nmr_refine.method             'smulated annealing molecular dynamics' 
_pdbx_nmr_refine.details            
;the structures are based on a total of 4560 restraints. 4160 are NOE-derived   
distance constraints, 117 dihedral angle restraints,30 distance restraints from hydrogen bonds, 253 charity restraints
;
_pdbx_nmr_refine.software_ordinal   1 
# 
loop_
_pdbx_nmr_software.classification 
_pdbx_nmr_software.name 
_pdbx_nmr_software.version 
_pdbx_nmr_software.authors 
_pdbx_nmr_software.ordinal 
collection           XwinNMR 3.5   Bruker           1 
processing           NMRPipe 2.1   'Frank Delaglio' 2 
'data analysis'      NMRView 5     'Bruce Johnson'  3 
'structure solution' CYANA   1.0.6 'Peter Guntert'  4 
refinement           Amber   7.0   'David Case'     5 
# 
loop_
_chem_comp_atom.comp_id 
_chem_comp_atom.atom_id 
_chem_comp_atom.type_symbol 
_chem_comp_atom.pdbx_aromatic_flag 
_chem_comp_atom.pdbx_stereo_config 
_chem_comp_atom.pdbx_ordinal 
ALA N    N N N 1   
ALA CA   C N S 2   
ALA C    C N N 3   
ALA O    O N N 4   
ALA CB   C N N 5   
ALA OXT  O N N 6   
ALA H    H N N 7   
ALA H2   H N N 8   
ALA HA   H N N 9   
ALA HB1  H N N 10  
ALA HB2  H N N 11  
ALA HB3  H N N 12  
ALA HXT  H N N 13  
ARG N    N N N 14  
ARG CA   C N S 15  
ARG C    C N N 16  
ARG O    O N N 17  
ARG CB   C N N 18  
ARG CG   C N N 19  
ARG CD   C N N 20  
ARG NE   N N N 21  
ARG CZ   C N N 22  
ARG NH1  N N N 23  
ARG NH2  N N N 24  
ARG OXT  O N N 25  
ARG H    H N N 26  
ARG H2   H N N 27  
ARG HA   H N N 28  
ARG HB2  H N N 29  
ARG HB3  H N N 30  
ARG HG2  H N N 31  
ARG HG3  H N N 32  
ARG HD2  H N N 33  
ARG HD3  H N N 34  
ARG HE   H N N 35  
ARG HH11 H N N 36  
ARG HH12 H N N 37  
ARG HH21 H N N 38  
ARG HH22 H N N 39  
ARG HXT  H N N 40  
ASN N    N N N 41  
ASN CA   C N S 42  
ASN C    C N N 43  
ASN O    O N N 44  
ASN CB   C N N 45  
ASN CG   C N N 46  
ASN OD1  O N N 47  
ASN ND2  N N N 48  
ASN OXT  O N N 49  
ASN H    H N N 50  
ASN H2   H N N 51  
ASN HA   H N N 52  
ASN HB2  H N N 53  
ASN HB3  H N N 54  
ASN HD21 H N N 55  
ASN HD22 H N N 56  
ASN HXT  H N N 57  
ASP N    N N N 58  
ASP CA   C N S 59  
ASP C    C N N 60  
ASP O    O N N 61  
ASP CB   C N N 62  
ASP CG   C N N 63  
ASP OD1  O N N 64  
ASP OD2  O N N 65  
ASP OXT  O N N 66  
ASP H    H N N 67  
ASP H2   H N N 68  
ASP HA   H N N 69  
ASP HB2  H N N 70  
ASP HB3  H N N 71  
ASP HD2  H N N 72  
ASP HXT  H N N 73  
BTN C11  C N N 74  
BTN O11  O N N 75  
BTN O12  O N N 76  
BTN C10  C N N 77  
BTN C9   C N N 78  
BTN C8   C N N 79  
BTN C7   C N N 80  
BTN C2   C N S 81  
BTN S1   S N N 82  
BTN C6   C N N 83  
BTN C5   C N R 84  
BTN N1   N N N 85  
BTN C3   C N N 86  
BTN O3   O N N 87  
BTN N2   N N N 88  
BTN C4   C N S 89  
BTN HO2  H N N 90  
BTN H101 H N N 91  
BTN H102 H N N 92  
BTN H91  H N N 93  
BTN H92  H N N 94  
BTN H81  H N N 95  
BTN H82  H N N 96  
BTN H71  H N N 97  
BTN H72  H N N 98  
BTN H2   H N N 99  
BTN H61  H N N 100 
BTN H62  H N N 101 
BTN H5   H N N 102 
BTN HN1  H N N 103 
BTN HN2  H N N 104 
BTN H4   H N N 105 
GLN N    N N N 106 
GLN CA   C N S 107 
GLN C    C N N 108 
GLN O    O N N 109 
GLN CB   C N N 110 
GLN CG   C N N 111 
GLN CD   C N N 112 
GLN OE1  O N N 113 
GLN NE2  N N N 114 
GLN OXT  O N N 115 
GLN H    H N N 116 
GLN H2   H N N 117 
GLN HA   H N N 118 
GLN HB2  H N N 119 
GLN HB3  H N N 120 
GLN HG2  H N N 121 
GLN HG3  H N N 122 
GLN HE21 H N N 123 
GLN HE22 H N N 124 
GLN HXT  H N N 125 
GLU N    N N N 126 
GLU CA   C N S 127 
GLU C    C N N 128 
GLU O    O N N 129 
GLU CB   C N N 130 
GLU CG   C N N 131 
GLU CD   C N N 132 
GLU OE1  O N N 133 
GLU OE2  O N N 134 
GLU OXT  O N N 135 
GLU H    H N N 136 
GLU H2   H N N 137 
GLU HA   H N N 138 
GLU HB2  H N N 139 
GLU HB3  H N N 140 
GLU HG2  H N N 141 
GLU HG3  H N N 142 
GLU HE2  H N N 143 
GLU HXT  H N N 144 
GLY N    N N N 145 
GLY CA   C N N 146 
GLY C    C N N 147 
GLY O    O N N 148 
GLY OXT  O N N 149 
GLY H    H N N 150 
GLY H2   H N N 151 
GLY HA2  H N N 152 
GLY HA3  H N N 153 
GLY HXT  H N N 154 
HIS N    N N N 155 
HIS CA   C N S 156 
HIS C    C N N 157 
HIS O    O N N 158 
HIS CB   C N N 159 
HIS CG   C Y N 160 
HIS ND1  N Y N 161 
HIS CD2  C Y N 162 
HIS CE1  C Y N 163 
HIS NE2  N Y N 164 
HIS OXT  O N N 165 
HIS H    H N N 166 
HIS H2   H N N 167 
HIS HA   H N N 168 
HIS HB2  H N N 169 
HIS HB3  H N N 170 
HIS HD1  H N N 171 
HIS HD2  H N N 172 
HIS HE1  H N N 173 
HIS HE2  H N N 174 
HIS HXT  H N N 175 
ILE N    N N N 176 
ILE CA   C N S 177 
ILE C    C N N 178 
ILE O    O N N 179 
ILE CB   C N S 180 
ILE CG1  C N N 181 
ILE CG2  C N N 182 
ILE CD1  C N N 183 
ILE OXT  O N N 184 
ILE H    H N N 185 
ILE H2   H N N 186 
ILE HA   H N N 187 
ILE HB   H N N 188 
ILE HG12 H N N 189 
ILE HG13 H N N 190 
ILE HG21 H N N 191 
ILE HG22 H N N 192 
ILE HG23 H N N 193 
ILE HD11 H N N 194 
ILE HD12 H N N 195 
ILE HD13 H N N 196 
ILE HXT  H N N 197 
LEU N    N N N 198 
LEU CA   C N S 199 
LEU C    C N N 200 
LEU O    O N N 201 
LEU CB   C N N 202 
LEU CG   C N N 203 
LEU CD1  C N N 204 
LEU CD2  C N N 205 
LEU OXT  O N N 206 
LEU H    H N N 207 
LEU H2   H N N 208 
LEU HA   H N N 209 
LEU HB2  H N N 210 
LEU HB3  H N N 211 
LEU HG   H N N 212 
LEU HD11 H N N 213 
LEU HD12 H N N 214 
LEU HD13 H N N 215 
LEU HD21 H N N 216 
LEU HD22 H N N 217 
LEU HD23 H N N 218 
LEU HXT  H N N 219 
LYS N    N N N 220 
LYS CA   C N S 221 
LYS C    C N N 222 
LYS O    O N N 223 
LYS CB   C N N 224 
LYS CG   C N N 225 
LYS CD   C N N 226 
LYS CE   C N N 227 
LYS NZ   N N N 228 
LYS OXT  O N N 229 
LYS H    H N N 230 
LYS H2   H N N 231 
LYS HA   H N N 232 
LYS HB2  H N N 233 
LYS HB3  H N N 234 
LYS HG2  H N N 235 
LYS HG3  H N N 236 
LYS HD2  H N N 237 
LYS HD3  H N N 238 
LYS HE2  H N N 239 
LYS HE3  H N N 240 
LYS HZ1  H N N 241 
LYS HZ2  H N N 242 
LYS HZ3  H N N 243 
LYS HXT  H N N 244 
MET N    N N N 245 
MET CA   C N S 246 
MET C    C N N 247 
MET O    O N N 248 
MET CB   C N N 249 
MET CG   C N N 250 
MET SD   S N N 251 
MET CE   C N N 252 
MET OXT  O N N 253 
MET H    H N N 254 
MET H2   H N N 255 
MET HA   H N N 256 
MET HB2  H N N 257 
MET HB3  H N N 258 
MET HG2  H N N 259 
MET HG3  H N N 260 
MET HE1  H N N 261 
MET HE2  H N N 262 
MET HE3  H N N 263 
MET HXT  H N N 264 
PHE N    N N N 265 
PHE CA   C N S 266 
PHE C    C N N 267 
PHE O    O N N 268 
PHE CB   C N N 269 
PHE CG   C Y N 270 
PHE CD1  C Y N 271 
PHE CD2  C Y N 272 
PHE CE1  C Y N 273 
PHE CE2  C Y N 274 
PHE CZ   C Y N 275 
PHE OXT  O N N 276 
PHE H    H N N 277 
PHE H2   H N N 278 
PHE HA   H N N 279 
PHE HB2  H N N 280 
PHE HB3  H N N 281 
PHE HD1  H N N 282 
PHE HD2  H N N 283 
PHE HE1  H N N 284 
PHE HE2  H N N 285 
PHE HZ   H N N 286 
PHE HXT  H N N 287 
PRO N    N N N 288 
PRO CA   C N S 289 
PRO C    C N N 290 
PRO O    O N N 291 
PRO CB   C N N 292 
PRO CG   C N N 293 
PRO CD   C N N 294 
PRO OXT  O N N 295 
PRO H    H N N 296 
PRO HA   H N N 297 
PRO HB2  H N N 298 
PRO HB3  H N N 299 
PRO HG2  H N N 300 
PRO HG3  H N N 301 
PRO HD2  H N N 302 
PRO HD3  H N N 303 
PRO HXT  H N N 304 
SER N    N N N 305 
SER CA   C N S 306 
SER C    C N N 307 
SER O    O N N 308 
SER CB   C N N 309 
SER OG   O N N 310 
SER OXT  O N N 311 
SER H    H N N 312 
SER H2   H N N 313 
SER HA   H N N 314 
SER HB2  H N N 315 
SER HB3  H N N 316 
SER HG   H N N 317 
SER HXT  H N N 318 
THR N    N N N 319 
THR CA   C N S 320 
THR C    C N N 321 
THR O    O N N 322 
THR CB   C N R 323 
THR OG1  O N N 324 
THR CG2  C N N 325 
THR OXT  O N N 326 
THR H    H N N 327 
THR H2   H N N 328 
THR HA   H N N 329 
THR HB   H N N 330 
THR HG1  H N N 331 
THR HG21 H N N 332 
THR HG22 H N N 333 
THR HG23 H N N 334 
THR HXT  H N N 335 
TRP N    N N N 336 
TRP CA   C N S 337 
TRP C    C N N 338 
TRP O    O N N 339 
TRP CB   C N N 340 
TRP CG   C Y N 341 
TRP CD1  C Y N 342 
TRP CD2  C Y N 343 
TRP NE1  N Y N 344 
TRP CE2  C Y N 345 
TRP CE3  C Y N 346 
TRP CZ2  C Y N 347 
TRP CZ3  C Y N 348 
TRP CH2  C Y N 349 
TRP OXT  O N N 350 
TRP H    H N N 351 
TRP H2   H N N 352 
TRP HA   H N N 353 
TRP HB2  H N N 354 
TRP HB3  H N N 355 
TRP HD1  H N N 356 
TRP HE1  H N N 357 
TRP HE3  H N N 358 
TRP HZ2  H N N 359 
TRP HZ3  H N N 360 
TRP HH2  H N N 361 
TRP HXT  H N N 362 
VAL N    N N N 363 
VAL CA   C N S 364 
VAL C    C N N 365 
VAL O    O N N 366 
VAL CB   C N N 367 
VAL CG1  C N N 368 
VAL CG2  C N N 369 
VAL OXT  O N N 370 
VAL H    H N N 371 
VAL H2   H N N 372 
VAL HA   H N N 373 
VAL HB   H N N 374 
VAL HG11 H N N 375 
VAL HG12 H N N 376 
VAL HG13 H N N 377 
VAL HG21 H N N 378 
VAL HG22 H N N 379 
VAL HG23 H N N 380 
VAL HXT  H N N 381 
# 
loop_
_chem_comp_bond.comp_id 
_chem_comp_bond.atom_id_1 
_chem_comp_bond.atom_id_2 
_chem_comp_bond.value_order 
_chem_comp_bond.pdbx_aromatic_flag 
_chem_comp_bond.pdbx_stereo_config 
_chem_comp_bond.pdbx_ordinal 
ALA N   CA   sing N N 1   
ALA N   H    sing N N 2   
ALA N   H2   sing N N 3   
ALA CA  C    sing N N 4   
ALA CA  CB   sing N N 5   
ALA CA  HA   sing N N 6   
ALA C   O    doub N N 7   
ALA C   OXT  sing N N 8   
ALA CB  HB1  sing N N 9   
ALA CB  HB2  sing N N 10  
ALA CB  HB3  sing N N 11  
ALA OXT HXT  sing N N 12  
ARG N   CA   sing N N 13  
ARG N   H    sing N N 14  
ARG N   H2   sing N N 15  
ARG CA  C    sing N N 16  
ARG CA  CB   sing N N 17  
ARG CA  HA   sing N N 18  
ARG C   O    doub N N 19  
ARG C   OXT  sing N N 20  
ARG CB  CG   sing N N 21  
ARG CB  HB2  sing N N 22  
ARG CB  HB3  sing N N 23  
ARG CG  CD   sing N N 24  
ARG CG  HG2  sing N N 25  
ARG CG  HG3  sing N N 26  
ARG CD  NE   sing N N 27  
ARG CD  HD2  sing N N 28  
ARG CD  HD3  sing N N 29  
ARG NE  CZ   sing N N 30  
ARG NE  HE   sing N N 31  
ARG CZ  NH1  sing N N 32  
ARG CZ  NH2  doub N N 33  
ARG NH1 HH11 sing N N 34  
ARG NH1 HH12 sing N N 35  
ARG NH2 HH21 sing N N 36  
ARG NH2 HH22 sing N N 37  
ARG OXT HXT  sing N N 38  
ASN N   CA   sing N N 39  
ASN N   H    sing N N 40  
ASN N   H2   sing N N 41  
ASN CA  C    sing N N 42  
ASN CA  CB   sing N N 43  
ASN CA  HA   sing N N 44  
ASN C   O    doub N N 45  
ASN C   OXT  sing N N 46  
ASN CB  CG   sing N N 47  
ASN CB  HB2  sing N N 48  
ASN CB  HB3  sing N N 49  
ASN CG  OD1  doub N N 50  
ASN CG  ND2  sing N N 51  
ASN ND2 HD21 sing N N 52  
ASN ND2 HD22 sing N N 53  
ASN OXT HXT  sing N N 54  
ASP N   CA   sing N N 55  
ASP N   H    sing N N 56  
ASP N   H2   sing N N 57  
ASP CA  C    sing N N 58  
ASP CA  CB   sing N N 59  
ASP CA  HA   sing N N 60  
ASP C   O    doub N N 61  
ASP C   OXT  sing N N 62  
ASP CB  CG   sing N N 63  
ASP CB  HB2  sing N N 64  
ASP CB  HB3  sing N N 65  
ASP CG  OD1  doub N N 66  
ASP CG  OD2  sing N N 67  
ASP OD2 HD2  sing N N 68  
ASP OXT HXT  sing N N 69  
BTN C11 O11  doub N N 70  
BTN C11 O12  sing N N 71  
BTN C11 C10  sing N N 72  
BTN O12 HO2  sing N N 73  
BTN C10 C9   sing N N 74  
BTN C10 H101 sing N N 75  
BTN C10 H102 sing N N 76  
BTN C9  C8   sing N N 77  
BTN C9  H91  sing N N 78  
BTN C9  H92  sing N N 79  
BTN C8  C7   sing N N 80  
BTN C8  H81  sing N N 81  
BTN C8  H82  sing N N 82  
BTN C7  C2   sing N N 83  
BTN C7  H71  sing N N 84  
BTN C7  H72  sing N N 85  
BTN C2  S1   sing N N 86  
BTN C2  C4   sing N N 87  
BTN C2  H2   sing N N 88  
BTN S1  C6   sing N N 89  
BTN C6  C5   sing N N 90  
BTN C6  H61  sing N N 91  
BTN C6  H62  sing N N 92  
BTN C5  N1   sing N N 93  
BTN C5  C4   sing N N 94  
BTN C5  H5   sing N N 95  
BTN N1  C3   sing N N 96  
BTN N1  HN1  sing N N 97  
BTN C3  O3   doub N N 98  
BTN C3  N2   sing N N 99  
BTN N2  C4   sing N N 100 
BTN N2  HN2  sing N N 101 
BTN C4  H4   sing N N 102 
GLN N   CA   sing N N 103 
GLN N   H    sing N N 104 
GLN N   H2   sing N N 105 
GLN CA  C    sing N N 106 
GLN CA  CB   sing N N 107 
GLN CA  HA   sing N N 108 
GLN C   O    doub N N 109 
GLN C   OXT  sing N N 110 
GLN CB  CG   sing N N 111 
GLN CB  HB2  sing N N 112 
GLN CB  HB3  sing N N 113 
GLN CG  CD   sing N N 114 
GLN CG  HG2  sing N N 115 
GLN CG  HG3  sing N N 116 
GLN CD  OE1  doub N N 117 
GLN CD  NE2  sing N N 118 
GLN NE2 HE21 sing N N 119 
GLN NE2 HE22 sing N N 120 
GLN OXT HXT  sing N N 121 
GLU N   CA   sing N N 122 
GLU N   H    sing N N 123 
GLU N   H2   sing N N 124 
GLU CA  C    sing N N 125 
GLU CA  CB   sing N N 126 
GLU CA  HA   sing N N 127 
GLU C   O    doub N N 128 
GLU C   OXT  sing N N 129 
GLU CB  CG   sing N N 130 
GLU CB  HB2  sing N N 131 
GLU CB  HB3  sing N N 132 
GLU CG  CD   sing N N 133 
GLU CG  HG2  sing N N 134 
GLU CG  HG3  sing N N 135 
GLU CD  OE1  doub N N 136 
GLU CD  OE2  sing N N 137 
GLU OE2 HE2  sing N N 138 
GLU OXT HXT  sing N N 139 
GLY N   CA   sing N N 140 
GLY N   H    sing N N 141 
GLY N   H2   sing N N 142 
GLY CA  C    sing N N 143 
GLY CA  HA2  sing N N 144 
GLY CA  HA3  sing N N 145 
GLY C   O    doub N N 146 
GLY C   OXT  sing N N 147 
GLY OXT HXT  sing N N 148 
HIS N   CA   sing N N 149 
HIS N   H    sing N N 150 
HIS N   H2   sing N N 151 
HIS CA  C    sing N N 152 
HIS CA  CB   sing N N 153 
HIS CA  HA   sing N N 154 
HIS C   O    doub N N 155 
HIS C   OXT  sing N N 156 
HIS CB  CG   sing N N 157 
HIS CB  HB2  sing N N 158 
HIS CB  HB3  sing N N 159 
HIS CG  ND1  sing Y N 160 
HIS CG  CD2  doub Y N 161 
HIS ND1 CE1  doub Y N 162 
HIS ND1 HD1  sing N N 163 
HIS CD2 NE2  sing Y N 164 
HIS CD2 HD2  sing N N 165 
HIS CE1 NE2  sing Y N 166 
HIS CE1 HE1  sing N N 167 
HIS NE2 HE2  sing N N 168 
HIS OXT HXT  sing N N 169 
ILE N   CA   sing N N 170 
ILE N   H    sing N N 171 
ILE N   H2   sing N N 172 
ILE CA  C    sing N N 173 
ILE CA  CB   sing N N 174 
ILE CA  HA   sing N N 175 
ILE C   O    doub N N 176 
ILE C   OXT  sing N N 177 
ILE CB  CG1  sing N N 178 
ILE CB  CG2  sing N N 179 
ILE CB  HB   sing N N 180 
ILE CG1 CD1  sing N N 181 
ILE CG1 HG12 sing N N 182 
ILE CG1 HG13 sing N N 183 
ILE CG2 HG21 sing N N 184 
ILE CG2 HG22 sing N N 185 
ILE CG2 HG23 sing N N 186 
ILE CD1 HD11 sing N N 187 
ILE CD1 HD12 sing N N 188 
ILE CD1 HD13 sing N N 189 
ILE OXT HXT  sing N N 190 
LEU N   CA   sing N N 191 
LEU N   H    sing N N 192 
LEU N   H2   sing N N 193 
LEU CA  C    sing N N 194 
LEU CA  CB   sing N N 195 
LEU CA  HA   sing N N 196 
LEU C   O    doub N N 197 
LEU C   OXT  sing N N 198 
LEU CB  CG   sing N N 199 
LEU CB  HB2  sing N N 200 
LEU CB  HB3  sing N N 201 
LEU CG  CD1  sing N N 202 
LEU CG  CD2  sing N N 203 
LEU CG  HG   sing N N 204 
LEU CD1 HD11 sing N N 205 
LEU CD1 HD12 sing N N 206 
LEU CD1 HD13 sing N N 207 
LEU CD2 HD21 sing N N 208 
LEU CD2 HD22 sing N N 209 
LEU CD2 HD23 sing N N 210 
LEU OXT HXT  sing N N 211 
LYS N   CA   sing N N 212 
LYS N   H    sing N N 213 
LYS N   H2   sing N N 214 
LYS CA  C    sing N N 215 
LYS CA  CB   sing N N 216 
LYS CA  HA   sing N N 217 
LYS C   O    doub N N 218 
LYS C   OXT  sing N N 219 
LYS CB  CG   sing N N 220 
LYS CB  HB2  sing N N 221 
LYS CB  HB3  sing N N 222 
LYS CG  CD   sing N N 223 
LYS CG  HG2  sing N N 224 
LYS CG  HG3  sing N N 225 
LYS CD  CE   sing N N 226 
LYS CD  HD2  sing N N 227 
LYS CD  HD3  sing N N 228 
LYS CE  NZ   sing N N 229 
LYS CE  HE2  sing N N 230 
LYS CE  HE3  sing N N 231 
LYS NZ  HZ1  sing N N 232 
LYS NZ  HZ2  sing N N 233 
LYS NZ  HZ3  sing N N 234 
LYS OXT HXT  sing N N 235 
MET N   CA   sing N N 236 
MET N   H    sing N N 237 
MET N   H2   sing N N 238 
MET CA  C    sing N N 239 
MET CA  CB   sing N N 240 
MET CA  HA   sing N N 241 
MET C   O    doub N N 242 
MET C   OXT  sing N N 243 
MET CB  CG   sing N N 244 
MET CB  HB2  sing N N 245 
MET CB  HB3  sing N N 246 
MET CG  SD   sing N N 247 
MET CG  HG2  sing N N 248 
MET CG  HG3  sing N N 249 
MET SD  CE   sing N N 250 
MET CE  HE1  sing N N 251 
MET CE  HE2  sing N N 252 
MET CE  HE3  sing N N 253 
MET OXT HXT  sing N N 254 
PHE N   CA   sing N N 255 
PHE N   H    sing N N 256 
PHE N   H2   sing N N 257 
PHE CA  C    sing N N 258 
PHE CA  CB   sing N N 259 
PHE CA  HA   sing N N 260 
PHE C   O    doub N N 261 
PHE C   OXT  sing N N 262 
PHE CB  CG   sing N N 263 
PHE CB  HB2  sing N N 264 
PHE CB  HB3  sing N N 265 
PHE CG  CD1  doub Y N 266 
PHE CG  CD2  sing Y N 267 
PHE CD1 CE1  sing Y N 268 
PHE CD1 HD1  sing N N 269 
PHE CD2 CE2  doub Y N 270 
PHE CD2 HD2  sing N N 271 
PHE CE1 CZ   doub Y N 272 
PHE CE1 HE1  sing N N 273 
PHE CE2 CZ   sing Y N 274 
PHE CE2 HE2  sing N N 275 
PHE CZ  HZ   sing N N 276 
PHE OXT HXT  sing N N 277 
PRO N   CA   sing N N 278 
PRO N   CD   sing N N 279 
PRO N   H    sing N N 280 
PRO CA  C    sing N N 281 
PRO CA  CB   sing N N 282 
PRO CA  HA   sing N N 283 
PRO C   O    doub N N 284 
PRO C   OXT  sing N N 285 
PRO CB  CG   sing N N 286 
PRO CB  HB2  sing N N 287 
PRO CB  HB3  sing N N 288 
PRO CG  CD   sing N N 289 
PRO CG  HG2  sing N N 290 
PRO CG  HG3  sing N N 291 
PRO CD  HD2  sing N N 292 
PRO CD  HD3  sing N N 293 
PRO OXT HXT  sing N N 294 
SER N   CA   sing N N 295 
SER N   H    sing N N 296 
SER N   H2   sing N N 297 
SER CA  C    sing N N 298 
SER CA  CB   sing N N 299 
SER CA  HA   sing N N 300 
SER C   O    doub N N 301 
SER C   OXT  sing N N 302 
SER CB  OG   sing N N 303 
SER CB  HB2  sing N N 304 
SER CB  HB3  sing N N 305 
SER OG  HG   sing N N 306 
SER OXT HXT  sing N N 307 
THR N   CA   sing N N 308 
THR N   H    sing N N 309 
THR N   H2   sing N N 310 
THR CA  C    sing N N 311 
THR CA  CB   sing N N 312 
THR CA  HA   sing N N 313 
THR C   O    doub N N 314 
THR C   OXT  sing N N 315 
THR CB  OG1  sing N N 316 
THR CB  CG2  sing N N 317 
THR CB  HB   sing N N 318 
THR OG1 HG1  sing N N 319 
THR CG2 HG21 sing N N 320 
THR CG2 HG22 sing N N 321 
THR CG2 HG23 sing N N 322 
THR OXT HXT  sing N N 323 
TRP N   CA   sing N N 324 
TRP N   H    sing N N 325 
TRP N   H2   sing N N 326 
TRP CA  C    sing N N 327 
TRP CA  CB   sing N N 328 
TRP CA  HA   sing N N 329 
TRP C   O    doub N N 330 
TRP C   OXT  sing N N 331 
TRP CB  CG   sing N N 332 
TRP CB  HB2  sing N N 333 
TRP CB  HB3  sing N N 334 
TRP CG  CD1  doub Y N 335 
TRP CG  CD2  sing Y N 336 
TRP CD1 NE1  sing Y N 337 
TRP CD1 HD1  sing N N 338 
TRP CD2 CE2  doub Y N 339 
TRP CD2 CE3  sing Y N 340 
TRP NE1 CE2  sing Y N 341 
TRP NE1 HE1  sing N N 342 
TRP CE2 CZ2  sing Y N 343 
TRP CE3 CZ3  doub Y N 344 
TRP CE3 HE3  sing N N 345 
TRP CZ2 CH2  doub Y N 346 
TRP CZ2 HZ2  sing N N 347 
TRP CZ3 CH2  sing Y N 348 
TRP CZ3 HZ3  sing N N 349 
TRP CH2 HH2  sing N N 350 
TRP OXT HXT  sing N N 351 
VAL N   CA   sing N N 352 
VAL N   H    sing N N 353 
VAL N   H2   sing N N 354 
VAL CA  C    sing N N 355 
VAL CA  CB   sing N N 356 
VAL CA  HA   sing N N 357 
VAL C   O    doub N N 358 
VAL C   OXT  sing N N 359 
VAL CB  CG1  sing N N 360 
VAL CB  CG2  sing N N 361 
VAL CB  HB   sing N N 362 
VAL CG1 HG11 sing N N 363 
VAL CG1 HG12 sing N N 364 
VAL CG1 HG13 sing N N 365 
VAL CG2 HG21 sing N N 366 
VAL CG2 HG22 sing N N 367 
VAL CG2 HG23 sing N N 368 
VAL OXT HXT  sing N N 369 
# 
_pdbx_nmr_spectrometer.spectrometer_id   1 
_pdbx_nmr_spectrometer.model             AVANCE 
_pdbx_nmr_spectrometer.manufacturer      Bruker 
_pdbx_nmr_spectrometer.field_strength    600 
_pdbx_nmr_spectrometer.type              ? 
# 
_atom_sites.entry_id                    2B8G 
_atom_sites.fract_transf_matrix[1][1]   1.000000 
_atom_sites.fract_transf_matrix[1][2]   0.000000 
_atom_sites.fract_transf_matrix[1][3]   0.000000 
_atom_sites.fract_transf_matrix[2][1]   0.000000 
_atom_sites.fract_transf_matrix[2][2]   1.000000 
_atom_sites.fract_transf_matrix[2][3]   0.000000 
_atom_sites.fract_transf_matrix[3][1]   0.000000 
_atom_sites.fract_transf_matrix[3][2]   0.000000 
_atom_sites.fract_transf_matrix[3][3]   1.000000 
_atom_sites.fract_transf_vector[1]      0.00000 
_atom_sites.fract_transf_vector[2]      0.00000 
_atom_sites.fract_transf_vector[3]      0.00000 
# 
loop_
_atom_type.symbol 
C 
H 
N 
O 
S 
# 
loop_
_atom_site.group_PDB 
_atom_site.id 
_atom_site.type_symbol 
_atom_site.label_atom_id 
_atom_site.label_alt_id 
_atom_site.label_comp_id 
_atom_site.label_asym_id 
_atom_site.label_entity_id 
_atom_site.label_seq_id 
_atom_site.pdbx_PDB_ins_code 
_atom_site.Cartn_x 
_atom_site.Cartn_y 
_atom_site.Cartn_z 
_atom_site.occupancy 
_atom_site.B_iso_or_equiv 
_atom_site.pdbx_formal_charge 
_atom_site.auth_seq_id 
_atom_site.auth_comp_id 
_atom_site.auth_asym_id 
_atom_site.auth_atom_id 
_atom_site.pdbx_PDB_model_num 
ATOM   1    N N    . THR A 1 1  ? 8.776   3.293   0.281   1.00 10.00 ? 2   THR A N    1 
ATOM   2    C CA   . THR A 1 1  ? 9.019   1.862   0.508   1.00 10.00 ? 2   THR A CA   1 
ATOM   3    C C    . THR A 1 1  ? 8.104   0.953   -0.318  1.00 10.00 ? 2   THR A C    1 
ATOM   4    O O    . THR A 1 1  ? 8.559   0.503   -1.359  1.00 10.00 ? 2   THR A O    1 
ATOM   5    C CB   . THR A 1 1  ? 8.983   1.556   1.996   1.00 10.00 ? 2   THR A CB   1 
ATOM   6    O OG1  . THR A 1 1  ? 9.833   2.468   2.681   1.00 10.00 ? 2   THR A OG1  1 
ATOM   7    C CG2  . THR A 1 1  ? 9.402   0.117   2.212   1.00 10.00 ? 2   THR A CG2  1 
ATOM   8    H H1   . THR A 1 1  ? 8.937   3.521   -0.688  1.00 10.00 ? 2   THR A H1   1 
ATOM   9    H H2   . THR A 1 1  ? 7.830   3.522   0.558   1.00 10.00 ? 2   THR A H2   1 
ATOM   10   H H3   . THR A 1 1  ? 9.422   3.806   0.870   1.00 10.00 ? 2   THR A H3   1 
ATOM   11   H HA   . THR A 1 1  ? 10.039  1.646   0.190   1.00 10.00 ? 2   THR A HA   1 
ATOM   12   H HB   . THR A 1 1  ? 7.973   1.653   2.379   1.00 10.00 ? 2   THR A HB   1 
ATOM   13   H HG1  . THR A 1 1  ? 9.824   2.323   3.633   1.00 10.00 ? 2   THR A HG1  1 
ATOM   14   H HG21 . THR A 1 1  ? 8.913   -0.590  1.540   1.00 10.00 ? 2   THR A HG21 1 
ATOM   15   H HG22 . THR A 1 1  ? 10.487  0.019   2.095   1.00 10.00 ? 2   THR A HG22 1 
ATOM   16   H HG23 . THR A 1 1  ? 9.013   -0.122  3.187   1.00 10.00 ? 2   THR A HG23 1 
ATOM   17   N N    . VAL A 1 2  ? 6.886   0.615   0.130   1.00 10.00 ? 3   VAL A N    1 
ATOM   18   C CA   . VAL A 1 2  ? 5.970   -0.151  -0.716  1.00 10.00 ? 3   VAL A CA   1 
ATOM   19   C C    . VAL A 1 2  ? 5.320   0.908   -1.616  1.00 10.00 ? 3   VAL A C    1 
ATOM   20   O O    . VAL A 1 2  ? 5.143   2.048   -1.160  1.00 10.00 ? 3   VAL A O    1 
ATOM   21   C CB   . VAL A 1 2  ? 4.943   -0.966  0.113   1.00 10.00 ? 3   VAL A CB   1 
ATOM   22   C CG1  . VAL A 1 2  ? 4.293   -2.069  -0.737  1.00 10.00 ? 3   VAL A CG1  1 
ATOM   23   C CG2  . VAL A 1 2  ? 5.526   -1.607  1.392   1.00 10.00 ? 3   VAL A CG2  1 
ATOM   24   H H    . VAL A 1 2  ? 6.446   1.168   0.853   1.00 10.00 ? 3   VAL A H    1 
ATOM   25   H HA   . VAL A 1 2  ? 6.542   -0.853  -1.328  1.00 10.00 ? 3   VAL A HA   1 
ATOM   26   H HB   . VAL A 1 2  ? 4.144   -0.300  0.413   1.00 10.00 ? 3   VAL A HB   1 
ATOM   27   H HG11 . VAL A 1 2  ? 3.787   -1.635  -1.600  1.00 10.00 ? 3   VAL A HG11 1 
ATOM   28   H HG12 . VAL A 1 2  ? 5.050   -2.769  -1.093  1.00 10.00 ? 3   VAL A HG12 1 
ATOM   29   H HG13 . VAL A 1 2  ? 3.548   -2.617  -0.157  1.00 10.00 ? 3   VAL A HG13 1 
ATOM   30   H HG21 . VAL A 1 2  ? 6.348   -2.277  1.138   1.00 10.00 ? 3   VAL A HG21 1 
ATOM   31   H HG22 . VAL A 1 2  ? 5.876   -0.841  2.083   1.00 10.00 ? 3   VAL A HG22 1 
ATOM   32   H HG23 . VAL A 1 2  ? 4.746   -2.175  1.904   1.00 10.00 ? 3   VAL A HG23 1 
ATOM   33   N N    . SER A 1 3  ? 4.992   0.553   -2.852  1.00 10.00 ? 4   SER A N    1 
ATOM   34   C CA   . SER A 1 3  ? 4.452   1.448   -3.859  1.00 10.00 ? 4   SER A CA   1 
ATOM   35   C C    . SER A 1 3  ? 3.406   0.680   -4.672  1.00 10.00 ? 4   SER A C    1 
ATOM   36   O O    . SER A 1 3  ? 3.360   -0.556  -4.647  1.00 10.00 ? 4   SER A O    1 
ATOM   37   C CB   . SER A 1 3  ? 5.601   1.949   -4.747  1.00 10.00 ? 4   SER A CB   1 
ATOM   38   O OG   . SER A 1 3  ? 6.610   2.605   -3.992  1.00 10.00 ? 4   SER A OG   1 
ATOM   39   H H    . SER A 1 3  ? 5.134   -0.393  -3.171  1.00 10.00 ? 4   SER A H    1 
ATOM   40   H HA   . SER A 1 3  ? 3.966   2.301   -3.388  1.00 10.00 ? 4   SER A HA   1 
ATOM   41   H HB2  . SER A 1 3  ? 6.048   1.100   -5.266  1.00 10.00 ? 4   SER A HB2  1 
ATOM   42   H HB3  . SER A 1 3  ? 5.212   2.633   -5.501  1.00 10.00 ? 4   SER A HB3  1 
ATOM   43   H HG   . SER A 1 3  ? 7.218   2.980   -4.638  1.00 10.00 ? 4   SER A HG   1 
ATOM   44   N N    . ILE A 1 4  ? 2.545   1.423   -5.358  1.00 10.00 ? 5   ILE A N    1 
ATOM   45   C CA   . ILE A 1 4  ? 1.562   0.909   -6.283  1.00 10.00 ? 5   ILE A CA   1 
ATOM   46   C C    . ILE A 1 4  ? 2.303   0.450   -7.547  1.00 10.00 ? 5   ILE A C    1 
ATOM   47   O O    . ILE A 1 4  ? 3.407   0.904   -7.858  1.00 10.00 ? 5   ILE A O    1 
ATOM   48   C CB   . ILE A 1 4  ? 0.510   2.014   -6.545  1.00 10.00 ? 5   ILE A CB   1 
ATOM   49   C CG1  . ILE A 1 4  ? -0.176  2.586   -5.280  1.00 10.00 ? 5   ILE A CG1  1 
ATOM   50   C CG2  . ILE A 1 4  ? -0.576  1.509   -7.499  1.00 10.00 ? 5   ILE A CG2  1 
ATOM   51   C CD1  . ILE A 1 4  ? -0.416  1.627   -4.118  1.00 10.00 ? 5   ILE A CD1  1 
ATOM   52   H H    . ILE A 1 4  ? 2.677   2.431   -5.365  1.00 10.00 ? 5   ILE A H    1 
ATOM   53   H HA   . ILE A 1 4  ? 1.071   0.044   -5.832  1.00 10.00 ? 5   ILE A HA   1 
ATOM   54   H HB   . ILE A 1 4  ? 1.018   2.845   -7.022  1.00 10.00 ? 5   ILE A HB   1 
ATOM   55   H HG12 . ILE A 1 4  ? 0.386   3.459   -4.936  1.00 10.00 ? 5   ILE A HG12 1 
ATOM   56   H HG13 . ILE A 1 4  ? -1.164  2.934   -5.539  1.00 10.00 ? 5   ILE A HG13 1 
ATOM   57   H HG21 . ILE A 1 4  ? -0.142  1.325   -8.476  1.00 10.00 ? 5   ILE A HG21 1 
ATOM   58   H HG22 . ILE A 1 4  ? -1.026  0.608   -7.093  1.00 10.00 ? 5   ILE A HG22 1 
ATOM   59   H HG23 . ILE A 1 4  ? -1.342  2.267   -7.660  1.00 10.00 ? 5   ILE A HG23 1 
ATOM   60   H HD11 . ILE A 1 4  ? -1.087  0.825   -4.420  1.00 10.00 ? 5   ILE A HD11 1 
ATOM   61   H HD12 . ILE A 1 4  ? 0.519   1.195   -3.772  1.00 10.00 ? 5   ILE A HD12 1 
ATOM   62   H HD13 . ILE A 1 4  ? -0.872  2.187   -3.301  1.00 10.00 ? 5   ILE A HD13 1 
ATOM   63   N N    . GLN A 1 5  ? 1.677   -0.471  -8.283  1.00 10.00 ? 6   GLN A N    1 
ATOM   64   C CA   . GLN A 1 5  ? 2.265   -1.170  -9.421  1.00 10.00 ? 6   GLN A CA   1 
ATOM   65   C C    . GLN A 1 5  ? 1.378   -1.082  -10.679 1.00 10.00 ? 6   GLN A C    1 
ATOM   66   O O    . GLN A 1 5  ? 1.642   -1.782  -11.646 1.00 10.00 ? 6   GLN A O    1 
ATOM   67   C CB   . GLN A 1 5  ? 2.512   -2.636  -8.987  1.00 10.00 ? 6   GLN A CB   1 
ATOM   68   C CG   . GLN A 1 5  ? 1.203   -3.477  -9.017  1.00 10.00 ? 6   GLN A CG   1 
ATOM   69   C CD   . GLN A 1 5  ? 0.868   -4.413  -7.848  1.00 10.00 ? 6   GLN A CD   1 
ATOM   70   O OE1  . GLN A 1 5  ? 0.099   -5.348  -8.033  1.00 10.00 ? 6   GLN A OE1  1 
ATOM   71   N NE2  . GLN A 1 5  ? 1.314   -4.144  -6.627  1.00 10.00 ? 6   GLN A NE2  1 
ATOM   72   H H    . GLN A 1 5  ? 0.770   -0.788  -7.976  1.00 10.00 ? 6   GLN A H    1 
ATOM   73   H HA   . GLN A 1 5  ? 3.225   -0.708  -9.669  1.00 10.00 ? 6   GLN A HA   1 
ATOM   74   H HB2  . GLN A 1 5  ? 3.227   -3.076  -9.685  1.00 10.00 ? 6   GLN A HB2  1 
ATOM   75   H HB3  . GLN A 1 5  ? 2.978   -2.647  -8.000  1.00 10.00 ? 6   GLN A HB3  1 
ATOM   76   H HG2  . GLN A 1 5  ? 0.346   -2.811  -9.100  1.00 10.00 ? 6   GLN A HG2  1 
ATOM   77   H HG3  . GLN A 1 5  ? 1.228   -4.074  -9.931  1.00 10.00 ? 6   GLN A HG3  1 
ATOM   78   H HE21 . GLN A 1 5  ? 1.991   -3.412  -6.468  1.00 10.00 ? 6   GLN A HE21 1 
ATOM   79   H HE22 . GLN A 1 5  ? 0.968   -4.725  -5.878  1.00 10.00 ? 6   GLN A HE22 1 
ATOM   80   N N    . MET A 1 6  ? 0.274   -0.326  -10.643 1.00 10.00 ? 7   MET A N    1 
ATOM   81   C CA   . MET A 1 6  ? -0.706  -0.265  -11.721 1.00 10.00 ? 7   MET A CA   1 
ATOM   82   C C    . MET A 1 6  ? -1.464  1.063   -11.595 1.00 10.00 ? 7   MET A C    1 
ATOM   83   O O    . MET A 1 6  ? -1.616  1.595   -10.495 1.00 10.00 ? 7   MET A O    1 
ATOM   84   C CB   . MET A 1 6  ? -1.614  -1.511  -11.609 1.00 10.00 ? 7   MET A CB   1 
ATOM   85   C CG   . MET A 1 6  ? -2.720  -1.666  -12.659 1.00 10.00 ? 7   MET A CG   1 
ATOM   86   S SD   . MET A 1 6  ? -2.403  -1.108  -14.351 1.00 10.00 ? 7   MET A SD   1 
ATOM   87   C CE   . MET A 1 6  ? -4.139  -1.072  -14.883 1.00 10.00 ? 7   MET A CE   1 
ATOM   88   H H    . MET A 1 6  ? 0.082   0.256   -9.843  1.00 10.00 ? 7   MET A H    1 
ATOM   89   H HA   . MET A 1 6  ? -0.177  -0.294  -12.677 1.00 10.00 ? 7   MET A HA   1 
ATOM   90   H HB2  . MET A 1 6  ? -0.983  -2.400  -11.668 1.00 10.00 ? 7   MET A HB2  1 
ATOM   91   H HB3  . MET A 1 6  ? -2.088  -1.519  -10.627 1.00 10.00 ? 7   MET A HB3  1 
ATOM   92   H HG2  . MET A 1 6  ? -2.975  -2.725  -12.717 1.00 10.00 ? 7   MET A HG2  1 
ATOM   93   H HG3  . MET A 1 6  ? -3.601  -1.138  -12.298 1.00 10.00 ? 7   MET A HG3  1 
ATOM   94   H HE1  . MET A 1 6  ? -4.578  -2.061  -14.749 1.00 10.00 ? 7   MET A HE1  1 
ATOM   95   H HE2  . MET A 1 6  ? -4.691  -0.353  -14.276 1.00 10.00 ? 7   MET A HE2  1 
ATOM   96   H HE3  . MET A 1 6  ? -4.208  -0.782  -15.930 1.00 10.00 ? 7   MET A HE3  1 
ATOM   97   N N    . ALA A 1 7  ? -1.926  1.618   -12.716 1.00 10.00 ? 8   ALA A N    1 
ATOM   98   C CA   . ALA A 1 7  ? -2.803  2.784   -12.740 1.00 10.00 ? 8   ALA A CA   1 
ATOM   99   C C    . ALA A 1 7  ? -4.143  2.412   -12.105 1.00 10.00 ? 8   ALA A C    1 
ATOM   100  O O    . ALA A 1 7  ? -4.688  1.364   -12.456 1.00 10.00 ? 8   ALA A O    1 
ATOM   101  C CB   . ALA A 1 7  ? -2.982  3.248   -14.189 1.00 10.00 ? 8   ALA A CB   1 
ATOM   102  H H    . ALA A 1 7  ? -1.835  1.097   -13.578 1.00 10.00 ? 8   ALA A H    1 
ATOM   103  H HA   . ALA A 1 7  ? -2.359  3.592   -12.174 1.00 10.00 ? 8   ALA A HA   1 
ATOM   104  H HB1  . ALA A 1 7  ? -2.015  3.528   -14.609 1.00 10.00 ? 8   ALA A HB1  1 
ATOM   105  H HB2  . ALA A 1 7  ? -3.421  2.443   -14.781 1.00 10.00 ? 8   ALA A HB2  1 
ATOM   106  H HB3  . ALA A 1 7  ? -3.647  4.110   -14.213 1.00 10.00 ? 8   ALA A HB3  1 
ATOM   107  N N    . GLY A 1 8  ? -4.686  3.240   -11.209 1.00 10.00 ? 9   GLY A N    1 
ATOM   108  C CA   . GLY A 1 8  ? -5.939  2.919   -10.543 1.00 10.00 ? 9   GLY A CA   1 
ATOM   109  C C    . GLY A 1 8  ? -6.293  3.914   -9.452  1.00 10.00 ? 9   GLY A C    1 
ATOM   110  O O    . GLY A 1 8  ? -5.762  5.023   -9.411  1.00 10.00 ? 9   GLY A O    1 
ATOM   111  H H    . GLY A 1 8  ? -4.217  4.091   -10.903 1.00 10.00 ? 9   GLY A H    1 
ATOM   112  H HA2  . GLY A 1 8  ? -6.753  2.910   -11.267 1.00 10.00 ? 9   GLY A HA2  1 
ATOM   113  H HA3  . GLY A 1 8  ? -5.859  1.925   -10.105 1.00 10.00 ? 9   GLY A HA3  1 
ATOM   114  N N    . ASN A 1 9  ? -7.183  3.498   -8.558  1.00 10.00 ? 10  ASN A N    1 
ATOM   115  C CA   . ASN A 1 9  ? -7.741  4.276   -7.465  1.00 10.00 ? 10  ASN A CA   1 
ATOM   116  C C    . ASN A 1 9  ? -7.713  3.359   -6.255  1.00 10.00 ? 10  ASN A C    1 
ATOM   117  O O    . ASN A 1 9  ? -8.090  2.188   -6.340  1.00 10.00 ? 10  ASN A O    1 
ATOM   118  C CB   . ASN A 1 9  ? -9.184  4.699   -7.777  1.00 10.00 ? 10  ASN A CB   1 
ATOM   119  C CG   . ASN A 1 9  ? -9.253  5.635   -8.975  1.00 10.00 ? 10  ASN A CG   1 
ATOM   120  O OD1  . ASN A 1 9  ? -8.997  6.830   -8.854  1.00 10.00 ? 10  ASN A OD1  1 
ATOM   121  N ND2  . ASN A 1 9  ? -9.530  5.108   -10.161 1.00 10.00 ? 10  ASN A ND2  1 
ATOM   122  H H    . ASN A 1 9  ? -7.529  2.544   -8.645  1.00 10.00 ? 10  ASN A H    1 
ATOM   123  H HA   . ASN A 1 9  ? -7.136  5.165   -7.286  1.00 10.00 ? 10  ASN A HA   1 
ATOM   124  H HB2  . ASN A 1 9  ? -9.794  3.814   -7.963  1.00 10.00 ? 10  ASN A HB2  1 
ATOM   125  H HB3  . ASN A 1 9  ? -9.599  5.215   -6.910  1.00 10.00 ? 10  ASN A HB3  1 
ATOM   126  H HD21 . ASN A 1 9  ? -9.870  4.138   -10.245 1.00 10.00 ? 10  ASN A HD21 1 
ATOM   127  H HD22 . ASN A 1 9  ? -9.569  5.703   -10.962 1.00 10.00 ? 10  ASN A HD22 1 
ATOM   128  N N    . LEU A 1 10 ? -7.246  3.865   -5.118  1.00 10.00 ? 11  LEU A N    1 
ATOM   129  C CA   . LEU A 1 10 ? -6.904  3.052   -3.955  1.00 10.00 ? 11  LEU A CA   1 
ATOM   130  C C    . LEU A 1 10 ? -8.171  2.673   -3.171  1.00 10.00 ? 11  LEU A C    1 
ATOM   131  O O    . LEU A 1 10 ? -8.377  3.179   -2.071  1.00 10.00 ? 11  LEU A O    1 
ATOM   132  C CB   . LEU A 1 10 ? -5.833  3.795   -3.125  1.00 10.00 ? 11  LEU A CB   1 
ATOM   133  C CG   . LEU A 1 10 ? -4.982  2.879   -2.223  1.00 10.00 ? 11  LEU A CG   1 
ATOM   134  C CD1  . LEU A 1 10 ? -4.082  1.935   -3.041  1.00 10.00 ? 11  LEU A CD1  1 
ATOM   135  C CD2  . LEU A 1 10 ? -4.039  3.729   -1.362  1.00 10.00 ? 11  LEU A CD2  1 
ATOM   136  H H    . LEU A 1 10 ? -7.009  4.855   -5.085  1.00 10.00 ? 11  LEU A H    1 
ATOM   137  H HA   . LEU A 1 10 ? -6.471  2.128   -4.334  1.00 10.00 ? 11  LEU A HA   1 
ATOM   138  H HB2  . LEU A 1 10 ? -5.159  4.320   -3.803  1.00 10.00 ? 11  LEU A HB2  1 
ATOM   139  H HB3  . LEU A 1 10 ? -6.321  4.559   -2.517  1.00 10.00 ? 11  LEU A HB3  1 
ATOM   140  H HG   . LEU A 1 10 ? -5.631  2.290   -1.575  1.00 10.00 ? 11  LEU A HG   1 
ATOM   141  H HD11 . LEU A 1 10 ? -4.681  1.239   -3.628  1.00 10.00 ? 11  LEU A HD11 1 
ATOM   142  H HD12 . LEU A 1 10 ? -3.447  2.501   -3.722  1.00 10.00 ? 11  LEU A HD12 1 
ATOM   143  H HD13 . LEU A 1 10 ? -3.450  1.349   -2.375  1.00 10.00 ? 11  LEU A HD13 1 
ATOM   144  H HD21 . LEU A 1 10 ? -3.362  4.292   -2.002  1.00 10.00 ? 11  LEU A HD21 1 
ATOM   145  H HD22 . LEU A 1 10 ? -4.622  4.424   -0.761  1.00 10.00 ? 11  LEU A HD22 1 
ATOM   146  H HD23 . LEU A 1 10 ? -3.468  3.092   -0.689  1.00 10.00 ? 11  LEU A HD23 1 
ATOM   147  N N    . TRP A 1 11 ? -9.028  1.840   -3.773  1.00 10.00 ? 12  TRP A N    1 
ATOM   148  C CA   . TRP A 1 11 ? -10.348 1.385   -3.326  1.00 10.00 ? 12  TRP A CA   1 
ATOM   149  C C    . TRP A 1 11 ? -10.431 1.166   -1.818  1.00 10.00 ? 12  TRP A C    1 
ATOM   150  O O    . TRP A 1 11 ? -11.382 1.651   -1.203  1.00 10.00 ? 12  TRP A O    1 
ATOM   151  C CB   . TRP A 1 11 ? -10.703 0.116   -4.130  1.00 10.00 ? 12  TRP A CB   1 
ATOM   152  C CG   . TRP A 1 11 ? -11.875 -0.761  -3.761  1.00 10.00 ? 12  TRP A CG   1 
ATOM   153  C CD1  . TRP A 1 11 ? -12.915 -0.512  -2.931  1.00 10.00 ? 12  TRP A CD1  1 
ATOM   154  C CD2  . TRP A 1 11 ? -12.140 -2.088  -4.297  1.00 10.00 ? 12  TRP A CD2  1 
ATOM   155  N NE1  . TRP A 1 11 ? -13.756 -1.610  -2.874  1.00 10.00 ? 12  TRP A NE1  1 
ATOM   156  C CE2  . TRP A 1 11 ? -13.302 -2.632  -3.677  1.00 10.00 ? 12  TRP A CE2  1 
ATOM   157  C CE3  . TRP A 1 11 ? -11.506 -2.876  -5.270  1.00 10.00 ? 12  TRP A CE3  1 
ATOM   158  C CZ2  . TRP A 1 11 ? -13.776 -3.922  -3.962  1.00 10.00 ? 12  TRP A CZ2  1 
ATOM   159  C CZ3  . TRP A 1 11 ? -11.971 -4.165  -5.565  1.00 10.00 ? 12  TRP A CZ3  1 
ATOM   160  C CH2  . TRP A 1 11 ? -13.091 -4.701  -4.912  1.00 10.00 ? 12  TRP A CH2  1 
ATOM   161  H H    . TRP A 1 11 ? -8.751  1.538   -4.702  1.00 10.00 ? 12  TRP A H    1 
ATOM   162  H HA   . TRP A 1 11 ? -11.074 2.155   -3.584  1.00 10.00 ? 12  TRP A HA   1 
ATOM   163  H HB2  . TRP A 1 11 ? -10.849 0.413   -5.167  1.00 10.00 ? 12  TRP A HB2  1 
ATOM   164  H HB3  . TRP A 1 11 ? -9.832  -0.540  -4.114  1.00 10.00 ? 12  TRP A HB3  1 
ATOM   165  H HD1  . TRP A 1 11 ? -13.070 0.411   -2.388  1.00 10.00 ? 12  TRP A HD1  1 
ATOM   166  H HE1  . TRP A 1 11 ? -14.651 -1.593  -2.405  1.00 10.00 ? 12  TRP A HE1  1 
ATOM   167  H HE3  . TRP A 1 11 ? -10.662 -2.478  -5.812  1.00 10.00 ? 12  TRP A HE3  1 
ATOM   168  H HZ2  . TRP A 1 11 ? -14.675 -4.299  -3.501  1.00 10.00 ? 12  TRP A HZ2  1 
ATOM   169  H HZ3  . TRP A 1 11 ? -11.469 -4.734  -6.322  1.00 10.00 ? 12  TRP A HZ3  1 
ATOM   170  H HH2  . TRP A 1 11 ? -13.447 -5.689  -5.186  1.00 10.00 ? 12  TRP A HH2  1 
ATOM   171  N N    . LYS A 1 12 ? -9.474  0.456   -1.210  1.00 10.00 ? 13  LYS A N    1 
ATOM   172  C CA   . LYS A 1 12 ? -9.427  0.318   0.245   1.00 10.00 ? 13  LYS A CA   1 
ATOM   173  C C    . LYS A 1 12 ? -7.987  0.365   0.730   1.00 10.00 ? 13  LYS A C    1 
ATOM   174  O O    . LYS A 1 12 ? -7.074  0.032   -0.032  1.00 10.00 ? 13  LYS A O    1 
ATOM   175  C CB   . LYS A 1 12 ? -10.137 -0.959  0.726   1.00 10.00 ? 13  LYS A CB   1 
ATOM   176  C CG   . LYS A 1 12 ? -11.667 -0.823  0.641   1.00 10.00 ? 13  LYS A CG   1 
ATOM   177  C CD   . LYS A 1 12 ? -12.441 -1.964  1.310   1.00 10.00 ? 13  LYS A CD   1 
ATOM   178  C CE   . LYS A 1 12 ? -12.136 -3.300  0.621   1.00 10.00 ? 13  LYS A CE   1 
ATOM   179  N NZ   . LYS A 1 12 ? -12.964 -4.426  1.118   1.00 10.00 ? 13  LYS A NZ   1 
ATOM   180  H H    . LYS A 1 12 ? -8.663  0.149   -1.741  1.00 10.00 ? 13  LYS A H    1 
ATOM   181  H HA   . LYS A 1 12 ? -9.950  1.163   0.678   1.00 10.00 ? 13  LYS A HA   1 
ATOM   182  H HB2  . LYS A 1 12 ? -9.788  -1.819  0.149   1.00 10.00 ? 13  LYS A HB2  1 
ATOM   183  H HB3  . LYS A 1 12 ? -9.879  -1.112  1.773   1.00 10.00 ? 13  LYS A HB3  1 
ATOM   184  H HG2  . LYS A 1 12 ? -11.961 0.110   1.124   1.00 10.00 ? 13  LYS A HG2  1 
ATOM   185  H HG3  . LYS A 1 12 ? -11.966 -0.777  -0.404  1.00 10.00 ? 13  LYS A HG3  1 
ATOM   186  H HD2  . LYS A 1 12 ? -12.171 -2.004  2.366   1.00 10.00 ? 13  LYS A HD2  1 
ATOM   187  H HD3  . LYS A 1 12 ? -13.505 -1.734  1.227   1.00 10.00 ? 13  LYS A HD3  1 
ATOM   188  H HE2  . LYS A 1 12 ? -12.292 -3.173  -0.453  1.00 10.00 ? 13  LYS A HE2  1 
ATOM   189  H HE3  . LYS A 1 12 ? -11.079 -3.534  0.781   1.00 10.00 ? 13  LYS A HE3  1 
ATOM   190  H HZ1  . LYS A 1 12 ? -12.792 -4.579  2.102   1.00 10.00 ? 13  LYS A HZ1  1 
ATOM   191  H HZ2  . LYS A 1 12 ? -13.948 -4.249  0.967   1.00 10.00 ? 13  LYS A HZ2  1 
ATOM   192  H HZ3  . LYS A 1 12 ? -12.693 -5.271  0.628   1.00 10.00 ? 13  LYS A HZ3  1 
ATOM   193  N N    . VAL A 1 13 ? -7.780  0.702   1.999   1.00 10.00 ? 14  VAL A N    1 
ATOM   194  C CA   . VAL A 1 13 ? -6.480  0.677   2.649   1.00 10.00 ? 14  VAL A CA   1 
ATOM   195  C C    . VAL A 1 13 ? -6.691  -0.024  3.990   1.00 10.00 ? 14  VAL A C    1 
ATOM   196  O O    . VAL A 1 13 ? -7.761  0.074   4.586   1.00 10.00 ? 14  VAL A O    1 
ATOM   197  C CB   . VAL A 1 13 ? -5.949  2.120   2.771   1.00 10.00 ? 14  VAL A CB   1 
ATOM   198  C CG1  . VAL A 1 13 ? -4.624  2.210   3.541   1.00 10.00 ? 14  VAL A CG1  1 
ATOM   199  C CG2  . VAL A 1 13 ? -5.701  2.714   1.375   1.00 10.00 ? 14  VAL A CG2  1 
ATOM   200  H H    . VAL A 1 13 ? -8.559  0.959   2.603   1.00 10.00 ? 14  VAL A H    1 
ATOM   201  H HA   . VAL A 1 13 ? -5.780  0.091   2.055   1.00 10.00 ? 14  VAL A HA   1 
ATOM   202  H HB   . VAL A 1 13 ? -6.688  2.736   3.284   1.00 10.00 ? 14  VAL A HB   1 
ATOM   203  H HG11 . VAL A 1 13 ? -4.756  1.862   4.564   1.00 10.00 ? 14  VAL A HG11 1 
ATOM   204  H HG12 . VAL A 1 13 ? -3.856  1.615   3.043   1.00 10.00 ? 14  VAL A HG12 1 
ATOM   205  H HG13 . VAL A 1 13 ? -4.305  3.251   3.588   1.00 10.00 ? 14  VAL A HG13 1 
ATOM   206  H HG21 . VAL A 1 13 ? -5.001  2.082   0.829   1.00 10.00 ? 14  VAL A HG21 1 
ATOM   207  H HG22 . VAL A 1 13 ? -6.630  2.789   0.810   1.00 10.00 ? 14  VAL A HG22 1 
ATOM   208  H HG23 . VAL A 1 13 ? -5.281  3.711   1.474   1.00 10.00 ? 14  VAL A HG23 1 
ATOM   209  N N    . HIS A 1 14 ? -5.687  -0.767  4.458   1.00 10.00 ? 15  HIS A N    1 
ATOM   210  C CA   . HIS A 1 14 ? -5.804  -1.686  5.592   1.00 10.00 ? 15  HIS A CA   1 
ATOM   211  C C    . HIS A 1 14 ? -4.615  -1.535  6.546   1.00 10.00 ? 15  HIS A C    1 
ATOM   212  O O    . HIS A 1 14 ? -4.281  -2.454  7.285   1.00 10.00 ? 15  HIS A O    1 
ATOM   213  C CB   . HIS A 1 14 ? -5.936  -3.123  5.060   1.00 10.00 ? 15  HIS A CB   1 
ATOM   214  C CG   . HIS A 1 14 ? -7.074  -3.284  4.086   1.00 10.00 ? 15  HIS A CG   1 
ATOM   215  N ND1  . HIS A 1 14 ? -8.406  -3.150  4.391   1.00 10.00 ? 15  HIS A ND1  1 
ATOM   216  C CD2  . HIS A 1 14 ? -6.983  -3.480  2.734   1.00 10.00 ? 15  HIS A CD2  1 
ATOM   217  C CE1  . HIS A 1 14 ? -9.096  -3.265  3.248   1.00 10.00 ? 15  HIS A CE1  1 
ATOM   218  N NE2  . HIS A 1 14 ? -8.277  -3.472  2.204   1.00 10.00 ? 15  HIS A NE2  1 
ATOM   219  H H    . HIS A 1 14 ? -4.828  -0.837  3.921   1.00 10.00 ? 15  HIS A H    1 
ATOM   220  H HA   . HIS A 1 14 ? -6.705  -1.438  6.155   1.00 10.00 ? 15  HIS A HA   1 
ATOM   221  H HB2  . HIS A 1 14 ? -5.005  -3.418  4.577   1.00 10.00 ? 15  HIS A HB2  1 
ATOM   222  H HB3  . HIS A 1 14 ? -6.106  -3.797  5.900   1.00 10.00 ? 15  HIS A HB3  1 
ATOM   223  H HD1  . HIS A 1 14 ? -8.781  -2.919  5.299   1.00 10.00 ? 15  HIS A HD1  1 
ATOM   224  H HD2  . HIS A 1 14 ? -6.070  -3.592  2.168   1.00 10.00 ? 15  HIS A HD2  1 
ATOM   225  H HE1  . HIS A 1 14 ? -10.168 -3.183  3.183   1.00 10.00 ? 15  HIS A HE1  1 
ATOM   226  N N    . VAL A 1 15 ? -3.951  -0.383  6.493   1.00 10.00 ? 16  VAL A N    1 
ATOM   227  C CA   . VAL A 1 15 ? -2.737  -0.082  7.232   1.00 10.00 ? 16  VAL A CA   1 
ATOM   228  C C    . VAL A 1 15 ? -2.871  1.314   7.806   1.00 10.00 ? 16  VAL A C    1 
ATOM   229  O O    . VAL A 1 15 ? -3.591  2.154   7.261   1.00 10.00 ? 16  VAL A O    1 
ATOM   230  C CB   . VAL A 1 15 ? -1.516  -0.159  6.295   1.00 10.00 ? 16  VAL A CB   1 
ATOM   231  C CG1  . VAL A 1 15 ? -1.104  -1.618  6.129   1.00 10.00 ? 16  VAL A CG1  1 
ATOM   232  C CG2  . VAL A 1 15 ? -1.749  0.522   4.928   1.00 10.00 ? 16  VAL A CG2  1 
ATOM   233  H H    . VAL A 1 15 ? -4.294  0.358   5.899   1.00 10.00 ? 16  VAL A H    1 
ATOM   234  H HA   . VAL A 1 15 ? -2.614  -0.791  8.059   1.00 10.00 ? 16  VAL A HA   1 
ATOM   235  H HB   . VAL A 1 15 ? -0.676  0.351   6.770   1.00 10.00 ? 16  VAL A HB   1 
ATOM   236  H HG11 . VAL A 1 15 ? -0.879  -2.036  7.113   1.00 10.00 ? 16  VAL A HG11 1 
ATOM   237  H HG12 . VAL A 1 15 ? -1.913  -2.199  5.688   1.00 10.00 ? 16  VAL A HG12 1 
ATOM   238  H HG13 . VAL A 1 15 ? -0.210  -1.672  5.514   1.00 10.00 ? 16  VAL A HG13 1 
ATOM   239  H HG21 . VAL A 1 15 ? -2.582  0.063   4.404   1.00 10.00 ? 16  VAL A HG21 1 
ATOM   240  H HG22 . VAL A 1 15 ? -1.960  1.581   5.072   1.00 10.00 ? 16  VAL A HG22 1 
ATOM   241  H HG23 . VAL A 1 15 ? -0.879  0.438   4.290   1.00 10.00 ? 16  VAL A HG23 1 
ATOM   242  N N    . LYS A 1 16 ? -2.135  1.592   8.878   1.00 10.00 ? 17  LYS A N    1 
ATOM   243  C CA   . LYS A 1 16 ? -2.038  2.912   9.496   1.00 10.00 ? 17  LYS A CA   1 
ATOM   244  C C    . LYS A 1 16 ? -0.611  3.084   9.993   1.00 10.00 ? 17  LYS A C    1 
ATOM   245  O O    . LYS A 1 16 ? 0.061   2.084   10.224  1.00 10.00 ? 17  LYS A O    1 
ATOM   246  C CB   . LYS A 1 16 ? -2.982  3.012   10.698  1.00 10.00 ? 17  LYS A CB   1 
ATOM   247  C CG   . LYS A 1 16 ? -4.440  2.651   10.375  1.00 10.00 ? 17  LYS A CG   1 
ATOM   248  C CD   . LYS A 1 16 ? -5.368  2.877   11.572  1.00 10.00 ? 17  LYS A CD   1 
ATOM   249  C CE   . LYS A 1 16 ? -4.927  2.031   12.778  1.00 10.00 ? 17  LYS A CE   1 
ATOM   250  N NZ   . LYS A 1 16 ? -5.985  1.944   13.808  1.00 10.00 ? 17  LYS A NZ   1 
ATOM   251  H H    . LYS A 1 16 ? -1.568  0.854   9.284   1.00 10.00 ? 17  LYS A H    1 
ATOM   252  H HA   . LYS A 1 16 ? -2.277  3.682   8.762   1.00 10.00 ? 17  LYS A HA   1 
ATOM   253  H HB2  . LYS A 1 16 ? -2.607  2.342   11.474  1.00 10.00 ? 17  LYS A HB2  1 
ATOM   254  H HB3  . LYS A 1 16 ? -2.942  4.034   11.080  1.00 10.00 ? 17  LYS A HB3  1 
ATOM   255  H HG2  . LYS A 1 16 ? -4.785  3.256   9.534   1.00 10.00 ? 17  LYS A HG2  1 
ATOM   256  H HG3  . LYS A 1 16 ? -4.504  1.599   10.091  1.00 10.00 ? 17  LYS A HG3  1 
ATOM   257  H HD2  . LYS A 1 16 ? -5.365  3.938   11.831  1.00 10.00 ? 17  LYS A HD2  1 
ATOM   258  H HD3  . LYS A 1 16 ? -6.376  2.595   11.264  1.00 10.00 ? 17  LYS A HD3  1 
ATOM   259  H HE2  . LYS A 1 16 ? -4.675  1.024   12.431  1.00 10.00 ? 17  LYS A HE2  1 
ATOM   260  H HE3  . LYS A 1 16 ? -4.020  2.467   13.208  1.00 10.00 ? 17  LYS A HE3  1 
ATOM   261  H HZ1  . LYS A 1 16 ? -6.241  2.868   14.127  1.00 10.00 ? 17  LYS A HZ1  1 
ATOM   262  H HZ2  . LYS A 1 16 ? -6.795  1.488   13.411  1.00 10.00 ? 17  LYS A HZ2  1 
ATOM   263  H HZ3  . LYS A 1 16 ? -5.663  1.396   14.596  1.00 10.00 ? 17  LYS A HZ3  1 
ATOM   264  N N    . ALA A 1 17 ? -0.166  4.324   10.216  1.00 10.00 ? 18  ALA A N    1 
ATOM   265  C CA   . ALA A 1 17 ? 1.060   4.572   10.968  1.00 10.00 ? 18  ALA A CA   1 
ATOM   266  C C    . ALA A 1 17 ? 1.018   3.789   12.286  1.00 10.00 ? 18  ALA A C    1 
ATOM   267  O O    . ALA A 1 17 ? -0.010  3.809   12.964  1.00 10.00 ? 18  ALA A O    1 
ATOM   268  C CB   . ALA A 1 17 ? 1.222   6.076   11.207  1.00 10.00 ? 18  ALA A CB   1 
ATOM   269  H H    . ALA A 1 17 ? -0.770  5.108   10.037  1.00 10.00 ? 18  ALA A H    1 
ATOM   270  H HA   . ALA A 1 17 ? 1.913   4.229   10.390  1.00 10.00 ? 18  ALA A HA   1 
ATOM   271  H HB1  . ALA A 1 17 ? 1.249   6.606   10.254  1.00 10.00 ? 18  ALA A HB1  1 
ATOM   272  H HB2  . ALA A 1 17 ? 0.399   6.450   11.817  1.00 10.00 ? 18  ALA A HB2  1 
ATOM   273  H HB3  . ALA A 1 17 ? 2.162   6.257   11.730  1.00 10.00 ? 18  ALA A HB3  1 
ATOM   274  N N    . GLY A 1 18 ? 2.113   3.110   12.627  1.00 10.00 ? 19  GLY A N    1 
ATOM   275  C CA   . GLY A 1 18 ? 2.281   2.327   13.841  1.00 10.00 ? 19  GLY A CA   1 
ATOM   276  C C    . GLY A 1 18 ? 1.750   0.894   13.749  1.00 10.00 ? 19  GLY A C    1 
ATOM   277  O O    . GLY A 1 18 ? 1.985   0.129   14.681  1.00 10.00 ? 19  GLY A O    1 
ATOM   278  H H    . GLY A 1 18 ? 2.903   3.089   11.991  1.00 10.00 ? 19  GLY A H    1 
ATOM   279  H HA2  . GLY A 1 18 ? 3.347   2.274   14.060  1.00 10.00 ? 19  GLY A HA2  1 
ATOM   280  H HA3  . GLY A 1 18 ? 1.780   2.830   14.667  1.00 10.00 ? 19  GLY A HA3  1 
ATOM   281  N N    . ASP A 1 19 ? 1.053   0.517   12.674  1.00 10.00 ? 20  ASP A N    1 
ATOM   282  C CA   . ASP A 1 19 ? 0.530   -0.841  12.511  1.00 10.00 ? 20  ASP A CA   1 
ATOM   283  C C    . ASP A 1 19 ? 1.642   -1.804  12.081  1.00 10.00 ? 20  ASP A C    1 
ATOM   284  O O    . ASP A 1 19 ? 2.625   -1.381  11.469  1.00 10.00 ? 20  ASP A O    1 
ATOM   285  C CB   . ASP A 1 19 ? -0.596  -0.805  11.477  1.00 10.00 ? 20  ASP A CB   1 
ATOM   286  C CG   . ASP A 1 19 ? -1.502  -2.031  11.501  1.00 10.00 ? 20  ASP A CG   1 
ATOM   287  O OD1  . ASP A 1 19 ? -1.368  -2.877  12.414  1.00 10.00 ? 20  ASP A OD1  1 
ATOM   288  O OD2  . ASP A 1 19 ? -2.426  -1.986  10.666  1.00 10.00 ? 20  ASP A OD2  1 
ATOM   289  H H    . ASP A 1 19 ? 0.938   1.148   11.891  1.00 10.00 ? 20  ASP A H    1 
ATOM   290  H HA   . ASP A 1 19 ? 0.122   -1.182  13.464  1.00 10.00 ? 20  ASP A HA   1 
ATOM   291  H HB2  . ASP A 1 19 ? -1.234  0.056   11.690  1.00 10.00 ? 20  ASP A HB2  1 
ATOM   292  H HB3  . ASP A 1 19 ? -0.173  -0.683  10.478  1.00 10.00 ? 20  ASP A HB3  1 
ATOM   293  N N    . GLN A 1 20 ? 1.505   -3.091  12.384  1.00 10.00 ? 21  GLN A N    1 
ATOM   294  C CA   . GLN A 1 20 ? 2.461   -4.132  12.012  1.00 10.00 ? 21  GLN A CA   1 
ATOM   295  C C    . GLN A 1 20 ? 1.956   -4.741  10.707  1.00 10.00 ? 21  GLN A C    1 
ATOM   296  O O    . GLN A 1 20 ? 0.775   -5.035  10.577  1.00 10.00 ? 21  GLN A O    1 
ATOM   297  C CB   . GLN A 1 20 ? 2.513   -5.181  13.144  1.00 10.00 ? 21  GLN A CB   1 
ATOM   298  C CG   . GLN A 1 20 ? 3.300   -6.477  12.857  1.00 10.00 ? 21  GLN A CG   1 
ATOM   299  C CD   . GLN A 1 20 ? 4.828   -6.324  12.877  1.00 10.00 ? 21  GLN A CD   1 
ATOM   300  O OE1  . GLN A 1 20 ? 5.437   -6.005  13.890  1.00 10.00 ? 21  GLN A OE1  1 
ATOM   301  N NE2  . GLN A 1 20 ? 5.501   -6.586  11.768  1.00 10.00 ? 21  GLN A NE2  1 
ATOM   302  H H    . GLN A 1 20 ? 0.577   -3.397  12.676  1.00 10.00 ? 21  GLN A H    1 
ATOM   303  H HA   . GLN A 1 20 ? 3.455   -3.709  11.868  1.00 10.00 ? 21  GLN A HA   1 
ATOM   304  H HB2  . GLN A 1 20 ? 2.928   -4.714  14.038  1.00 10.00 ? 21  GLN A HB2  1 
ATOM   305  H HB3  . GLN A 1 20 ? 1.484   -5.469  13.373  1.00 10.00 ? 21  GLN A HB3  1 
ATOM   306  H HG2  . GLN A 1 20 ? 3.029   -7.205  13.624  1.00 10.00 ? 21  GLN A HG2  1 
ATOM   307  H HG3  . GLN A 1 20 ? 2.972   -6.907  11.909  1.00 10.00 ? 21  GLN A HG3  1 
ATOM   308  H HE21 . GLN A 1 20 ? 4.993   -6.809  10.911  1.00 10.00 ? 21  GLN A HE21 1 
ATOM   309  H HE22 . GLN A 1 20 ? 6.504   -6.555  11.809  1.00 10.00 ? 21  GLN A HE22 1 
ATOM   310  N N    . ILE A 1 21 ? 2.859   -5.054  9.779   1.00 10.00 ? 22  ILE A N    1 
ATOM   311  C CA   . ILE A 1 21 ? 2.540   -5.800  8.569   1.00 10.00 ? 22  ILE A CA   1 
ATOM   312  C C    . ILE A 1 21 ? 3.571   -6.914  8.383   1.00 10.00 ? 22  ILE A C    1 
ATOM   313  O O    . ILE A 1 21 ? 4.643   -6.912  9.002   1.00 10.00 ? 22  ILE A O    1 
ATOM   314  C CB   . ILE A 1 21 ? 2.418   -4.861  7.344   1.00 10.00 ? 22  ILE A CB   1 
ATOM   315  C CG1  . ILE A 1 21 ? 3.751   -4.157  7.010   1.00 10.00 ? 22  ILE A CG1  1 
ATOM   316  C CG2  . ILE A 1 21 ? 1.266   -3.863  7.542   1.00 10.00 ? 22  ILE A CG2  1 
ATOM   317  C CD1  . ILE A 1 21 ? 3.708   -3.326  5.725   1.00 10.00 ? 22  ILE A CD1  1 
ATOM   318  H H    . ILE A 1 21 ? 3.826   -4.797  9.924   1.00 10.00 ? 22  ILE A H    1 
ATOM   319  H HA   . ILE A 1 21 ? 1.573   -6.291  8.703   1.00 10.00 ? 22  ILE A HA   1 
ATOM   320  H HB   . ILE A 1 21 ? 2.151   -5.482  6.486   1.00 10.00 ? 22  ILE A HB   1 
ATOM   321  H HG12 . ILE A 1 21 ? 4.038   -3.502  7.831   1.00 10.00 ? 22  ILE A HG12 1 
ATOM   322  H HG13 . ILE A 1 21 ? 4.528   -4.911  6.881   1.00 10.00 ? 22  ILE A HG13 1 
ATOM   323  H HG21 . ILE A 1 21 ? 0.342   -4.404  7.758   1.00 10.00 ? 22  ILE A HG21 1 
ATOM   324  H HG22 . ILE A 1 21 ? 1.469   -3.186  8.374   1.00 10.00 ? 22  ILE A HG22 1 
ATOM   325  H HG23 . ILE A 1 21 ? 1.114   -3.279  6.640   1.00 10.00 ? 22  ILE A HG23 1 
ATOM   326  H HD11 . ILE A 1 21 ? 3.351   -3.930  4.896   1.00 10.00 ? 22  ILE A HD11 1 
ATOM   327  H HD12 . ILE A 1 21 ? 3.062   -2.457  5.848   1.00 10.00 ? 22  ILE A HD12 1 
ATOM   328  H HD13 . ILE A 1 21 ? 4.717   -2.995  5.497   1.00 10.00 ? 22  ILE A HD13 1 
ATOM   329  N N    . GLU A 1 22 ? 3.237   -7.857  7.510   1.00 10.00 ? 23  GLU A N    1 
ATOM   330  C CA   . GLU A 1 22 ? 3.980   -9.071  7.243   1.00 10.00 ? 23  GLU A CA   1 
ATOM   331  C C    . GLU A 1 22 ? 3.914   -9.295  5.735   1.00 10.00 ? 23  GLU A C    1 
ATOM   332  O O    . GLU A 1 22 ? 2.904   -8.972  5.107   1.00 10.00 ? 23  GLU A O    1 
ATOM   333  C CB   . GLU A 1 22 ? 3.366   -10.232 8.040   1.00 10.00 ? 23  GLU A CB   1 
ATOM   334  C CG   . GLU A 1 22 ? 4.228   -11.497 7.928   1.00 10.00 ? 23  GLU A CG   1 
ATOM   335  C CD   . GLU A 1 22 ? 3.819   -12.579 8.939   1.00 10.00 ? 23  GLU A CD   1 
ATOM   336  O OE1  . GLU A 1 22 ? 4.345   -12.511 10.075  1.00 10.00 ? 23  GLU A OE1  1 
ATOM   337  O OE2  . GLU A 1 22 ? 3.028   -13.464 8.547   1.00 10.00 ? 23  GLU A OE2  1 
ATOM   338  H H    . GLU A 1 22 ? 2.377   -7.776  6.986   1.00 10.00 ? 23  GLU A H    1 
ATOM   339  H HA   . GLU A 1 22 ? 5.011   -8.944  7.560   1.00 10.00 ? 23  GLU A HA   1 
ATOM   340  H HB2  . GLU A 1 22 ? 3.309   -9.935  9.088   1.00 10.00 ? 23  GLU A HB2  1 
ATOM   341  H HB3  . GLU A 1 22 ? 2.355   -10.433 7.679   1.00 10.00 ? 23  GLU A HB3  1 
ATOM   342  H HG2  . GLU A 1 22 ? 4.169   -11.886 6.908   1.00 10.00 ? 23  GLU A HG2  1 
ATOM   343  H HG3  . GLU A 1 22 ? 5.269   -11.224 8.116   1.00 10.00 ? 23  GLU A HG3  1 
ATOM   344  N N    . LYS A 1 23 ? 5.004   -9.778  5.142   1.00 10.00 ? 24  LYS A N    1 
ATOM   345  C CA   . LYS A 1 23 ? 5.109   -9.975  3.703   1.00 10.00 ? 24  LYS A CA   1 
ATOM   346  C C    . LYS A 1 23 ? 3.932   -10.815 3.188   1.00 10.00 ? 24  LYS A C    1 
ATOM   347  O O    . LYS A 1 23 ? 3.743   -11.937 3.647   1.00 10.00 ? 24  LYS A O    1 
ATOM   348  C CB   . LYS A 1 23 ? 6.452   -10.654 3.424   1.00 10.00 ? 24  LYS A CB   1 
ATOM   349  C CG   . LYS A 1 23 ? 6.652   -10.873 1.922   1.00 10.00 ? 24  LYS A CG   1 
ATOM   350  C CD   . LYS A 1 23 ? 8.007   -11.534 1.618   1.00 10.00 ? 24  LYS A CD   1 
ATOM   351  C CE   . LYS A 1 23 ? 8.965   -10.494 1.018   1.00 10.00 ? 24  LYS A CE   1 
ATOM   352  N NZ   . LYS A 1 23 ? 9.735   -10.989 -0.145  1.00 10.00 ? 24  LYS A NZ   1 
ATOM   353  H H    . LYS A 1 23 ? 5.788   -10.041 5.724   1.00 10.00 ? 24  LYS A H    1 
ATOM   354  H HA   . LYS A 1 23 ? 5.082   -8.996  3.226   1.00 10.00 ? 24  LYS A HA   1 
ATOM   355  H HB2  . LYS A 1 23 ? 7.258   -10.034 3.814   1.00 10.00 ? 24  LYS A HB2  1 
ATOM   356  H HB3  . LYS A 1 23 ? 6.471   -11.619 3.936   1.00 10.00 ? 24  LYS A HB3  1 
ATOM   357  H HG2  . LYS A 1 23 ? 5.864   -11.525 1.544   1.00 10.00 ? 24  LYS A HG2  1 
ATOM   358  H HG3  . LYS A 1 23 ? 6.561   -9.914  1.409   1.00 10.00 ? 24  LYS A HG3  1 
ATOM   359  H HD2  . LYS A 1 23 ? 8.431   -11.966 2.528   1.00 10.00 ? 24  LYS A HD2  1 
ATOM   360  H HD3  . LYS A 1 23 ? 7.834   -12.341 0.908   1.00 10.00 ? 24  LYS A HD3  1 
ATOM   361  H HE2  . LYS A 1 23 ? 8.351   -9.682  0.646   1.00 10.00 ? 24  LYS A HE2  1 
ATOM   362  H HE3  . LYS A 1 23 ? 9.617   -10.081 1.792   1.00 10.00 ? 24  LYS A HE3  1 
ATOM   363  H HZ1  . LYS A 1 23 ? 10.306  -11.779 0.107   1.00 10.00 ? 24  LYS A HZ1  1 
ATOM   364  H HZ2  . LYS A 1 23 ? 9.095   -11.247 -0.884  1.00 10.00 ? 24  LYS A HZ2  1 
ATOM   365  H HZ3  . LYS A 1 23 ? 10.312  -10.240 -0.509  1.00 10.00 ? 24  LYS A HZ3  1 
ATOM   366  N N    . GLY A 1 24 ? 3.179   -10.294 2.219   1.00 10.00 ? 25  GLY A N    1 
ATOM   367  C CA   . GLY A 1 24 ? 2.037   -10.990 1.634   1.00 10.00 ? 25  GLY A CA   1 
ATOM   368  C C    . GLY A 1 24 ? 0.702   -10.649 2.310   1.00 10.00 ? 25  GLY A C    1 
ATOM   369  O O    . GLY A 1 24 ? -0.345  -11.025 1.782   1.00 10.00 ? 25  GLY A O    1 
ATOM   370  H H    . GLY A 1 24 ? 3.409   -9.375  1.855   1.00 10.00 ? 25  GLY A H    1 
ATOM   371  H HA2  . GLY A 1 24 ? 1.976   -10.723 0.580   1.00 10.00 ? 25  GLY A HA2  1 
ATOM   372  H HA3  . GLY A 1 24 ? 2.198   -12.068 1.698   1.00 10.00 ? 25  GLY A HA3  1 
ATOM   373  N N    . GLN A 1 25 ? 0.711   -9.917  3.436   1.00 10.00 ? 26  GLN A N    1 
ATOM   374  C CA   . GLN A 1 25 ? -0.512  -9.413  4.056   1.00 10.00 ? 26  GLN A CA   1 
ATOM   375  C C    . GLN A 1 25 ? -1.100  -8.327  3.150   1.00 10.00 ? 26  GLN A C    1 
ATOM   376  O O    . GLN A 1 25 ? -0.347  -7.500  2.637   1.00 10.00 ? 26  GLN A O    1 
ATOM   377  C CB   . GLN A 1 25 ? -0.244  -8.844  5.468   1.00 10.00 ? 26  GLN A CB   1 
ATOM   378  C CG   . GLN A 1 25 ? -1.518  -8.886  6.346   1.00 10.00 ? 26  GLN A CG   1 
ATOM   379  C CD   . GLN A 1 25 ? -1.764  -7.635  7.212   1.00 10.00 ? 26  GLN A CD   1 
ATOM   380  O OE1  . GLN A 1 25 ? -1.829  -7.708  8.429   1.00 10.00 ? 26  GLN A OE1  1 
ATOM   381  N NE2  . GLN A 1 25 ? -1.951  -6.466  6.624   1.00 10.00 ? 26  GLN A NE2  1 
ATOM   382  H H    . GLN A 1 25 ? 1.595   -9.627  3.843   1.00 10.00 ? 26  GLN A H    1 
ATOM   383  H HA   . GLN A 1 25 ? -1.206  -10.251 4.129   1.00 10.00 ? 26  GLN A HA   1 
ATOM   384  H HB2  . GLN A 1 25 ? 0.518   -9.449  5.962   1.00 10.00 ? 26  GLN A HB2  1 
ATOM   385  H HB3  . GLN A 1 25 ? 0.142   -7.826  5.387   1.00 10.00 ? 26  GLN A HB3  1 
ATOM   386  H HG2  . GLN A 1 25 ? -2.397  -9.046  5.720   1.00 10.00 ? 26  GLN A HG2  1 
ATOM   387  H HG3  . GLN A 1 25 ? -1.427  -9.756  7.002   1.00 10.00 ? 26  GLN A HG3  1 
ATOM   388  H HE21 . GLN A 1 25 ? -2.153  -6.389  5.630   1.00 10.00 ? 26  GLN A HE21 1 
ATOM   389  H HE22 . GLN A 1 25 ? -2.153  -5.677  7.218   1.00 10.00 ? 26  GLN A HE22 1 
ATOM   390  N N    . GLU A 1 26 ? -2.420  -8.310  2.976   1.00 10.00 ? 27  GLU A N    1 
ATOM   391  C CA   . GLU A 1 26 ? -3.145  -7.276  2.253   1.00 10.00 ? 27  GLU A CA   1 
ATOM   392  C C    . GLU A 1 26 ? -2.976  -5.957  3.002   1.00 10.00 ? 27  GLU A C    1 
ATOM   393  O O    . GLU A 1 26 ? -3.210  -5.905  4.206   1.00 10.00 ? 27  GLU A O    1 
ATOM   394  C CB   . GLU A 1 26 ? -4.612  -7.717  2.128   1.00 10.00 ? 27  GLU A CB   1 
ATOM   395  C CG   . GLU A 1 26 ? -5.412  -6.786  1.211   1.00 10.00 ? 27  GLU A CG   1 
ATOM   396  C CD   . GLU A 1 26 ? -6.774  -7.387  0.847   1.00 10.00 ? 27  GLU A CD   1 
ATOM   397  O OE1  . GLU A 1 26 ? -6.821  -8.081  -0.192  1.00 10.00 ? 27  GLU A OE1  1 
ATOM   398  O OE2  . GLU A 1 26 ? -7.783  -7.092  1.527   1.00 10.00 ? 27  GLU A OE2  1 
ATOM   399  H H    . GLU A 1 26 ? -2.990  -8.995  3.445   1.00 10.00 ? 27  GLU A H    1 
ATOM   400  H HA   . GLU A 1 26 ? -2.735  -7.170  1.250   1.00 10.00 ? 27  GLU A HA   1 
ATOM   401  H HB2  . GLU A 1 26 ? -4.631  -8.722  1.702   1.00 10.00 ? 27  GLU A HB2  1 
ATOM   402  H HB3  . GLU A 1 26 ? -5.080  -7.754  3.113   1.00 10.00 ? 27  GLU A HB3  1 
ATOM   403  H HG2  . GLU A 1 26 ? -5.542  -5.818  1.696   1.00 10.00 ? 27  GLU A HG2  1 
ATOM   404  H HG3  . GLU A 1 26 ? -4.844  -6.627  0.292   1.00 10.00 ? 27  GLU A HG3  1 
ATOM   405  N N    . VAL A 1 27 ? -2.544  -4.903  2.311   1.00 10.00 ? 28  VAL A N    1 
ATOM   406  C CA   . VAL A 1 27 ? -2.338  -3.575  2.883   1.00 10.00 ? 28  VAL A CA   1 
ATOM   407  C C    . VAL A 1 27 ? -3.195  -2.532  2.161   1.00 10.00 ? 28  VAL A C    1 
ATOM   408  O O    . VAL A 1 27 ? -3.528  -1.515  2.765   1.00 10.00 ? 28  VAL A O    1 
ATOM   409  C CB   . VAL A 1 27 ? -0.838  -3.200  2.899   1.00 10.00 ? 28  VAL A CB   1 
ATOM   410  C CG1  . VAL A 1 27 ? -0.050  -4.079  3.882   1.00 10.00 ? 28  VAL A CG1  1 
ATOM   411  C CG2  . VAL A 1 27 ? -0.173  -3.287  1.518   1.00 10.00 ? 28  VAL A CG2  1 
ATOM   412  H H    . VAL A 1 27 ? -2.316  -5.032  1.331   1.00 10.00 ? 28  VAL A H    1 
ATOM   413  H HA   . VAL A 1 27 ? -2.679  -3.583  3.919   1.00 10.00 ? 28  VAL A HA   1 
ATOM   414  H HB   . VAL A 1 27 ? -0.750  -2.168  3.238   1.00 10.00 ? 28  VAL A HB   1 
ATOM   415  H HG11 . VAL A 1 27 ? -0.488  -4.026  4.878   1.00 10.00 ? 28  VAL A HG11 1 
ATOM   416  H HG12 . VAL A 1 27 ? -0.063  -5.119  3.559   1.00 10.00 ? 28  VAL A HG12 1 
ATOM   417  H HG13 . VAL A 1 27 ? 0.983   -3.735  3.941   1.00 10.00 ? 28  VAL A HG13 1 
ATOM   418  H HG21 . VAL A 1 27 ? -0.194  -4.307  1.145   1.00 10.00 ? 28  VAL A HG21 1 
ATOM   419  H HG22 . VAL A 1 27 ? -0.684  -2.635  0.811   1.00 10.00 ? 28  VAL A HG22 1 
ATOM   420  H HG23 . VAL A 1 27 ? 0.867   -2.965  1.590   1.00 10.00 ? 28  VAL A HG23 1 
ATOM   421  N N    . ALA A 1 28 ? -3.604  -2.771  0.911   1.00 10.00 ? 29  ALA A N    1 
ATOM   422  C CA   . ALA A 1 28 ? -4.568  -1.951  0.189   1.00 10.00 ? 29  ALA A CA   1 
ATOM   423  C C    . ALA A 1 28 ? -5.191  -2.773  -0.948  1.00 10.00 ? 29  ALA A C    1 
ATOM   424  O O    . ALA A 1 28 ? -4.781  -3.908  -1.183  1.00 10.00 ? 29  ALA A O    1 
ATOM   425  C CB   . ALA A 1 28 ? -3.867  -0.688  -0.342  1.00 10.00 ? 29  ALA A CB   1 
ATOM   426  H H    . ALA A 1 28 ? -3.348  -3.639  0.449   1.00 10.00 ? 29  ALA A H    1 
ATOM   427  H HA   . ALA A 1 28 ? -5.365  -1.667  0.874   1.00 10.00 ? 29  ALA A HA   1 
ATOM   428  H HB1  . ALA A 1 28 ? -3.459  -0.109  0.487   1.00 10.00 ? 29  ALA A HB1  1 
ATOM   429  H HB2  . ALA A 1 28 ? -3.061  -0.952  -1.024  1.00 10.00 ? 29  ALA A HB2  1 
ATOM   430  H HB3  . ALA A 1 28 ? -4.588  -0.066  -0.868  1.00 10.00 ? 29  ALA A HB3  1 
ATOM   431  N N    . ILE A 1 29 ? -6.134  -2.193  -1.688  1.00 10.00 ? 30  ILE A N    1 
ATOM   432  C CA   . ILE A 1 29 ? -6.727  -2.781  -2.886  1.00 10.00 ? 30  ILE A CA   1 
ATOM   433  C C    . ILE A 1 29 ? -6.858  -1.641  -3.889  1.00 10.00 ? 30  ILE A C    1 
ATOM   434  O O    . ILE A 1 29 ? -7.246  -0.534  -3.501  1.00 10.00 ? 30  ILE A O    1 
ATOM   435  C CB   . ILE A 1 29 ? -8.113  -3.416  -2.591  1.00 10.00 ? 30  ILE A CB   1 
ATOM   436  C CG1  . ILE A 1 29 ? -8.062  -4.460  -1.452  1.00 10.00 ? 30  ILE A CG1  1 
ATOM   437  C CG2  . ILE A 1 29 ? -8.668  -4.054  -3.883  1.00 10.00 ? 30  ILE A CG2  1 
ATOM   438  C CD1  . ILE A 1 29 ? -9.421  -5.082  -1.111  1.00 10.00 ? 30  ILE A CD1  1 
ATOM   439  H H    . ILE A 1 29 ? -6.440  -1.256  -1.446  1.00 10.00 ? 30  ILE A H    1 
ATOM   440  H HA   . ILE A 1 29 ? -6.062  -3.548  -3.285  1.00 10.00 ? 30  ILE A HA   1 
ATOM   441  H HB   . ILE A 1 29 ? -8.793  -2.618  -2.287  1.00 10.00 ? 30  ILE A HB   1 
ATOM   442  H HG12 . ILE A 1 29 ? -7.365  -5.257  -1.714  1.00 10.00 ? 30  ILE A HG12 1 
ATOM   443  H HG13 . ILE A 1 29 ? -7.700  -3.981  -0.543  1.00 10.00 ? 30  ILE A HG13 1 
ATOM   444  H HG21 . ILE A 1 29 ? -8.753  -3.309  -4.670  1.00 10.00 ? 30  ILE A HG21 1 
ATOM   445  H HG22 . ILE A 1 29 ? -8.012  -4.855  -4.223  1.00 10.00 ? 30  ILE A HG22 1 
ATOM   446  H HG23 . ILE A 1 29 ? -9.669  -4.449  -3.727  1.00 10.00 ? 30  ILE A HG23 1 
ATOM   447  H HD11 . ILE A 1 29 ? -10.140 -4.291  -0.912  1.00 10.00 ? 30  ILE A HD11 1 
ATOM   448  H HD12 . ILE A 1 29 ? -9.780  -5.706  -1.928  1.00 10.00 ? 30  ILE A HD12 1 
ATOM   449  H HD13 . ILE A 1 29 ? -9.320  -5.708  -0.224  1.00 10.00 ? 30  ILE A HD13 1 
ATOM   450  N N    . LEU A 1 30 ? -6.553  -1.908  -5.160  1.00 10.00 ? 31  LEU A N    1 
ATOM   451  C CA   . LEU A 1 30 ? -6.878  -1.040  -6.278  1.00 10.00 ? 31  LEU A CA   1 
ATOM   452  C C    . LEU A 1 30 ? -8.207  -1.470  -6.870  1.00 10.00 ? 31  LEU A C    1 
ATOM   453  O O    . LEU A 1 30 ? -8.385  -2.643  -7.213  1.00 10.00 ? 31  LEU A O    1 
ATOM   454  C CB   . LEU A 1 30 ? -5.833  -1.198  -7.385  1.00 10.00 ? 31  LEU A CB   1 
ATOM   455  C CG   . LEU A 1 30 ? -4.465  -0.602  -7.061  1.00 10.00 ? 31  LEU A CG   1 
ATOM   456  C CD1  . LEU A 1 30 ? -3.509  -0.958  -8.203  1.00 10.00 ? 31  LEU A CD1  1 
ATOM   457  C CD2  . LEU A 1 30 ? -4.495  0.913   -6.887  1.00 10.00 ? 31  LEU A CD2  1 
ATOM   458  H H    . LEU A 1 30 ? -6.250  -2.850  -5.395  1.00 10.00 ? 31  LEU A H    1 
ATOM   459  H HA   . LEU A 1 30 ? -6.936  -0.001  -5.959  1.00 10.00 ? 31  LEU A HA   1 
ATOM   460  H HB2  . LEU A 1 30 ? -5.724  -2.260  -7.592  1.00 10.00 ? 31  LEU A HB2  1 
ATOM   461  H HB3  . LEU A 1 30 ? -6.202  -0.732  -8.295  1.00 10.00 ? 31  LEU A HB3  1 
ATOM   462  H HG   . LEU A 1 30 ? -4.102  -1.029  -6.133  1.00 10.00 ? 31  LEU A HG   1 
ATOM   463  H HD11 . LEU A 1 30 ? -3.488  -2.038  -8.347  1.00 10.00 ? 31  LEU A HD11 1 
ATOM   464  H HD12 . LEU A 1 30 ? -3.842  -0.482  -9.126  1.00 10.00 ? 31  LEU A HD12 1 
ATOM   465  H HD13 . LEU A 1 30 ? -2.503  -0.631  -7.972  1.00 10.00 ? 31  LEU A HD13 1 
ATOM   466  H HD21 . LEU A 1 30 ? -4.892  1.393   -7.783  1.00 10.00 ? 31  LEU A HD21 1 
ATOM   467  H HD22 . LEU A 1 30 ? -5.114  1.180   -6.033  1.00 10.00 ? 31  LEU A HD22 1 
ATOM   468  H HD23 . LEU A 1 30 ? -3.480  1.255   -6.692  1.00 10.00 ? 31  LEU A HD23 1 
ATOM   469  N N    . GLU A 1 31 ? -9.084  -0.492  -7.066  1.00 10.00 ? 32  GLU A N    1 
ATOM   470  C CA   . GLU A 1 31 ? -9.823  -0.426  -8.310  1.00 10.00 ? 32  GLU A CA   1 
ATOM   471  C C    . GLU A 1 31 ? -8.808  0.035   -9.359  1.00 10.00 ? 32  GLU A C    1 
ATOM   472  O O    . GLU A 1 31 ? -7.949  0.862   -9.056  1.00 10.00 ? 32  GLU A O    1 
ATOM   473  C CB   . GLU A 1 31 ? -10.969 0.580   -8.144  1.00 10.00 ? 32  GLU A CB   1 
ATOM   474  C CG   . GLU A 1 31 ? -11.704 0.939   -9.447  1.00 10.00 ? 32  GLU A CG   1 
ATOM   475  C CD   . GLU A 1 31 ? -11.291 2.311   -9.976  1.00 10.00 ? 32  GLU A CD   1 
ATOM   476  O OE1  . GLU A 1 31 ? -10.288 2.412   -10.720 1.00 10.00 ? 32  GLU A OE1  1 
ATOM   477  O OE2  . GLU A 1 31 ? -11.971 3.297   -9.629  1.00 10.00 ? 32  GLU A OE2  1 
ATOM   478  H H    . GLU A 1 31 ? -8.789  0.435   -6.772  1.00 10.00 ? 32  GLU A H    1 
ATOM   479  H HA   . GLU A 1 31 ? -10.224 -1.406  -8.571  1.00 10.00 ? 32  GLU A HA   1 
ATOM   480  H HB2  . GLU A 1 31 ? -11.691 0.143   -7.456  1.00 10.00 ? 32  GLU A HB2  1 
ATOM   481  H HB3  . GLU A 1 31 ? -10.591 1.493   -7.679  1.00 10.00 ? 32  GLU A HB3  1 
ATOM   482  H HG2  . GLU A 1 31 ? -11.551 0.173   -10.211 1.00 10.00 ? 32  GLU A HG2  1 
ATOM   483  H HG3  . GLU A 1 31 ? -12.767 0.986   -9.227  1.00 10.00 ? 32  GLU A HG3  1 
ATOM   484  N N    . SER A 1 32 ? -8.913  -0.495  -10.569 1.00 10.00 ? 33  SER A N    1 
ATOM   485  C CA   . SER A 1 32 ? -8.081  -0.146  -11.702 1.00 10.00 ? 33  SER A CA   1 
ATOM   486  C C    . SER A 1 32 ? -8.981  -0.098  -12.928 1.00 10.00 ? 33  SER A C    1 
ATOM   487  O O    . SER A 1 32 ? -9.048  -1.054  -13.700 1.00 10.00 ? 33  SER A O    1 
ATOM   488  C CB   . SER A 1 32 ? -6.934  -1.152  -11.838 1.00 10.00 ? 33  SER A CB   1 
ATOM   489  O OG   . SER A 1 32 ? -5.928  -0.906  -10.874 1.00 10.00 ? 33  SER A OG   1 
ATOM   490  H H    . SER A 1 32 ? -9.604  -1.224  -10.705 1.00 10.00 ? 33  SER A H    1 
ATOM   491  H HA   . SER A 1 32 ? -7.657  0.850   -11.562 1.00 10.00 ? 33  SER A HA   1 
ATOM   492  H HB2  . SER A 1 32 ? -7.322  -2.163  -11.701 1.00 10.00 ? 33  SER A HB2  1 
ATOM   493  H HB3  . SER A 1 32 ? -6.501  -1.071  -12.835 1.00 10.00 ? 33  SER A HB3  1 
ATOM   494  H HG   . SER A 1 32 ? -5.101  -1.236  -11.230 1.00 10.00 ? 33  SER A HG   1 
ATOM   495  N N    . MET A 1 33 ? -9.718  1.006   -13.073 1.00 10.00 ? 34  MET A N    1 
ATOM   496  C CA   . MET A 1 33 ? -10.582 1.296   -14.213 1.00 10.00 ? 34  MET A CA   1 
ATOM   497  C C    . MET A 1 33 ? -11.607 0.161   -14.395 1.00 10.00 ? 34  MET A C    1 
ATOM   498  O O    . MET A 1 33 ? -11.872 -0.261  -15.524 1.00 10.00 ? 34  MET A O    1 
ATOM   499  C CB   . MET A 1 33 ? -9.746  1.620   -15.481 1.00 10.00 ? 34  MET A CB   1 
ATOM   500  C CG   . MET A 1 33 ? -8.800  2.845   -15.407 1.00 10.00 ? 34  MET A CG   1 
ATOM   501  S SD   . MET A 1 33 ? -7.611  2.931   -14.017 1.00 10.00 ? 34  MET A SD   1 
ATOM   502  C CE   . MET A 1 33 ? -6.965  4.622   -14.088 1.00 10.00 ? 34  MET A CE   1 
ATOM   503  H H    . MET A 1 33 ? -9.705  1.688   -12.313 1.00 10.00 ? 34  MET A H    1 
ATOM   504  H HA   . MET A 1 33 ? -11.154 2.188   -13.956 1.00 10.00 ? 34  MET A HA   1 
ATOM   505  H HB2  . MET A 1 33 ? -9.162  0.741   -15.755 1.00 10.00 ? 34  MET A HB2  1 
ATOM   506  H HB3  . MET A 1 33 ? -10.443 1.804   -16.303 1.00 10.00 ? 34  MET A HB3  1 
ATOM   507  H HG2  . MET A 1 33 ? -8.215  2.853   -16.329 1.00 10.00 ? 34  MET A HG2  1 
ATOM   508  H HG3  . MET A 1 33 ? -9.412  3.748   -15.408 1.00 10.00 ? 34  MET A HG3  1 
ATOM   509  H HE1  . MET A 1 33 ? -6.328  4.722   -14.964 1.00 10.00 ? 34  MET A HE1  1 
ATOM   510  H HE2  . MET A 1 33 ? -7.785  5.339   -14.133 1.00 10.00 ? 34  MET A HE2  1 
ATOM   511  H HE3  . MET A 1 33 ? -6.372  4.818   -13.192 1.00 10.00 ? 34  MET A HE3  1 
ATOM   512  N N    . LYS A 1 34 ? -12.155 -0.318  -13.260 1.00 10.00 ? 35  LYS A N    1 
ATOM   513  C CA   . LYS A 1 34 ? -13.175 -1.360  -13.086 1.00 10.00 ? 35  LYS A CA   1 
ATOM   514  C C    . LYS A 1 34 ? -12.604 -2.781  -12.968 1.00 10.00 ? 35  LYS A C    1 
ATOM   515  O O    . LYS A 1 34 ? -13.374 -3.740  -12.925 1.00 10.00 ? 35  LYS A O    1 
ATOM   516  C CB   . LYS A 1 34 ? -14.326 -1.282  -14.105 1.00 10.00 ? 35  LYS A CB   1 
ATOM   517  C CG   . LYS A 1 34 ? -14.889 0.141   -14.203 1.00 10.00 ? 35  LYS A CG   1 
ATOM   518  C CD   . LYS A 1 34 ? -16.321 0.142   -14.748 1.00 10.00 ? 35  LYS A CD   1 
ATOM   519  C CE   . LYS A 1 34 ? -16.861 1.573   -14.847 1.00 10.00 ? 35  LYS A CE   1 
ATOM   520  N NZ   . LYS A 1 34 ? -16.881 2.217   -13.540 1.00 10.00 ? 35  LYS A NZ   1 
ATOM   521  H H    . LYS A 1 34 ? -11.860 0.124   -12.401 1.00 10.00 ? 35  LYS A H    1 
ATOM   522  H HA   . LYS A 1 34 ? -13.619 -1.149  -12.112 1.00 10.00 ? 35  LYS A HA   1 
ATOM   523  H HB2  . LYS A 1 34 ? -13.998 -1.627  -15.085 1.00 10.00 ? 35  LYS A HB2  1 
ATOM   524  H HB3  . LYS A 1 34 ? -15.119 -1.946  -13.761 1.00 10.00 ? 35  LYS A HB3  1 
ATOM   525  H HG2  . LYS A 1 34 ? -14.877 0.589   -13.210 1.00 10.00 ? 35  LYS A HG2  1 
ATOM   526  H HG3  . LYS A 1 34 ? -14.259 0.742   -14.861 1.00 10.00 ? 35  LYS A HG3  1 
ATOM   527  H HD2  . LYS A 1 34 ? -16.330 -0.311  -15.740 1.00 10.00 ? 35  LYS A HD2  1 
ATOM   528  H HD3  . LYS A 1 34 ? -16.964 -0.444  -14.089 1.00 10.00 ? 35  LYS A HD3  1 
ATOM   529  H HE2  . LYS A 1 34 ? -16.217 2.148   -15.515 1.00 10.00 ? 35  LYS A HE2  1 
ATOM   530  H HE3  . LYS A 1 34 ? -17.866 1.552   -15.267 1.00 10.00 ? 35  LYS A HE3  1 
ATOM   531  H HZ1  . LYS A 1 34 ? -16.006 2.607   -13.216 1.00 10.00 ? 35  LYS A HZ1  1 
ATOM   532  N N    . MET A 1 35 ? -11.275 -2.916  -12.870 1.00 10.00 ? 36  MET A N    1 
ATOM   533  C CA   . MET A 1 35 ? -10.604 -4.153  -12.482 1.00 10.00 ? 36  MET A CA   1 
ATOM   534  C C    . MET A 1 35 ? -10.254 -4.067  -10.993 1.00 10.00 ? 36  MET A C    1 
ATOM   535  O O    . MET A 1 35 ? -10.259 -2.980  -10.415 1.00 10.00 ? 36  MET A O    1 
ATOM   536  C CB   . MET A 1 35 ? -9.340  -4.350  -13.332 1.00 10.00 ? 36  MET A CB   1 
ATOM   537  C CG   . MET A 1 35 ? -9.639  -4.343  -14.839 1.00 10.00 ? 36  MET A CG   1 
ATOM   538  S SD   . MET A 1 35 ? -8.191  -4.618  -15.897 1.00 10.00 ? 36  MET A SD   1 
ATOM   539  C CE   . MET A 1 35 ? -7.348  -3.024  -15.693 1.00 10.00 ? 36  MET A CE   1 
ATOM   540  H H    . MET A 1 35 ? -10.683 -2.094  -12.915 1.00 10.00 ? 36  MET A H    1 
ATOM   541  H HA   . MET A 1 35 ? -11.265 -5.007  -12.638 1.00 10.00 ? 36  MET A HA   1 
ATOM   542  H HB2  . MET A 1 35 ? -8.625  -3.562  -13.101 1.00 10.00 ? 36  MET A HB2  1 
ATOM   543  H HB3  . MET A 1 35 ? -8.883  -5.307  -13.073 1.00 10.00 ? 36  MET A HB3  1 
ATOM   544  H HG2  . MET A 1 35 ? -10.369 -5.127  -15.048 1.00 10.00 ? 36  MET A HG2  1 
ATOM   545  H HG3  . MET A 1 35 ? -10.085 -3.388  -15.117 1.00 10.00 ? 36  MET A HG3  1 
ATOM   546  H HE1  . MET A 1 35 ? -8.009  -2.213  -16.000 1.00 10.00 ? 36  MET A HE1  1 
ATOM   547  H HE2  . MET A 1 35 ? -7.075  -2.880  -14.648 1.00 10.00 ? 36  MET A HE2  1 
ATOM   548  H HE3  . MET A 1 35 ? -6.449  -3.011  -16.308 1.00 10.00 ? 36  MET A HE3  1 
ATOM   549  N N    . GLU A 1 36 ? -9.911  -5.200  -10.390 1.00 10.00 ? 37  GLU A N    1 
ATOM   550  C CA   . GLU A 1 36 ? -9.645  -5.344  -8.967  1.00 10.00 ? 37  GLU A CA   1 
ATOM   551  C C    . GLU A 1 36 ? -8.271  -5.979  -8.806  1.00 10.00 ? 37  GLU A C    1 
ATOM   552  O O    . GLU A 1 36 ? -7.951  -6.946  -9.499  1.00 10.00 ? 37  GLU A O    1 
ATOM   553  C CB   . GLU A 1 36 ? -10.750 -6.198  -8.325  1.00 10.00 ? 37  GLU A CB   1 
ATOM   554  C CG   . GLU A 1 36 ? -10.978 -7.601  -8.917  1.00 10.00 ? 37  GLU A CG   1 
ATOM   555  C CD   . GLU A 1 36 ? -12.377 -8.108  -8.552  1.00 10.00 ? 37  GLU A CD   1 
ATOM   556  O OE1  . GLU A 1 36 ? -12.509 -8.711  -7.464  1.00 10.00 ? 37  GLU A OE1  1 
ATOM   557  O OE2  . GLU A 1 36 ? -13.300 -7.863  -9.361  1.00 10.00 ? 37  GLU A OE2  1 
ATOM   558  H H    . GLU A 1 36 ? -9.904  -6.066  -10.906 1.00 10.00 ? 37  GLU A H    1 
ATOM   559  H HA   . GLU A 1 36 ? -9.646  -4.363  -8.488  1.00 10.00 ? 37  GLU A HA   1 
ATOM   560  H HB2  . GLU A 1 36 ? -10.502 -6.330  -7.273  1.00 10.00 ? 37  GLU A HB2  1 
ATOM   561  H HB3  . GLU A 1 36 ? -11.680 -5.632  -8.398  1.00 10.00 ? 37  GLU A HB3  1 
ATOM   562  H HG2  . GLU A 1 36 ? -10.879 -7.582  -10.005 1.00 10.00 ? 37  GLU A HG2  1 
ATOM   563  H HG3  . GLU A 1 36 ? -10.222 -8.284  -8.527  1.00 10.00 ? 37  GLU A HG3  1 
ATOM   564  N N    . ILE A 1 37 ? -7.422  -5.416  -7.942  1.00 10.00 ? 38  ILE A N    1 
ATOM   565  C CA   . ILE A 1 37 ? -6.049  -5.881  -7.778  1.00 10.00 ? 38  ILE A CA   1 
ATOM   566  C C    . ILE A 1 37 ? -5.691  -5.719  -6.293  1.00 10.00 ? 38  ILE A C    1 
ATOM   567  O O    . ILE A 1 37 ? -5.597  -4.580  -5.828  1.00 10.00 ? 38  ILE A O    1 
ATOM   568  C CB   . ILE A 1 37 ? -5.068  -5.114  -8.710  1.00 10.00 ? 38  ILE A CB   1 
ATOM   569  C CG1  . ILE A 1 37 ? -5.591  -4.925  -10.159 1.00 10.00 ? 38  ILE A CG1  1 
ATOM   570  C CG2  . ILE A 1 37 ? -3.722  -5.862  -8.711  1.00 10.00 ? 38  ILE A CG2  1 
ATOM   571  C CD1  . ILE A 1 37 ? -4.707  -4.040  -11.039 1.00 10.00 ? 38  ILE A CD1  1 
ATOM   572  H H    . ILE A 1 37 ? -7.699  -4.577  -7.438  1.00 10.00 ? 38  ILE A H    1 
ATOM   573  H HA   . ILE A 1 37 ? -6.008  -6.932  -8.057  1.00 10.00 ? 38  ILE A HA   1 
ATOM   574  H HB   . ILE A 1 37 ? -4.897  -4.124  -8.296  1.00 10.00 ? 38  ILE A HB   1 
ATOM   575  H HG12 . ILE A 1 37 ? -5.709  -5.898  -10.637 1.00 10.00 ? 38  ILE A HG12 1 
ATOM   576  H HG13 . ILE A 1 37 ? -6.564  -4.433  -10.137 1.00 10.00 ? 38  ILE A HG13 1 
ATOM   577  H HG21 . ILE A 1 37 ? -3.334  -5.940  -7.695  1.00 10.00 ? 38  ILE A HG21 1 
ATOM   578  H HG22 . ILE A 1 37 ? -3.848  -6.865  -9.122  1.00 10.00 ? 38  ILE A HG22 1 
ATOM   579  H HG23 . ILE A 1 37 ? -2.976  -5.326  -9.298  1.00 10.00 ? 38  ILE A HG23 1 
ATOM   580  H HD11 . ILE A 1 37 ? -4.567  -3.076  -10.555 1.00 10.00 ? 38  ILE A HD11 1 
ATOM   581  H HD12 . ILE A 1 37 ? -3.737  -4.505  -11.211 1.00 10.00 ? 38  ILE A HD12 1 
ATOM   582  H HD13 . ILE A 1 37 ? -5.197  -3.891  -12.003 1.00 10.00 ? 38  ILE A HD13 1 
ATOM   583  N N    . PRO A 1 38 ? -5.529  -6.809  -5.517  1.00 10.00 ? 39  PRO A N    1 
ATOM   584  C CA   . PRO A 1 38 ? -4.996  -6.731  -4.160  1.00 10.00 ? 39  PRO A CA   1 
ATOM   585  C C    . PRO A 1 38 ? -3.615  -6.077  -4.158  1.00 10.00 ? 39  PRO A C    1 
ATOM   586  O O    . PRO A 1 38 ? -2.839  -6.266  -5.095  1.00 10.00 ? 39  PRO A O    1 
ATOM   587  C CB   . PRO A 1 38 ? -4.877  -8.174  -3.656  1.00 10.00 ? 39  PRO A CB   1 
ATOM   588  C CG   . PRO A 1 38 ? -5.744  -8.996  -4.608  1.00 10.00 ? 39  PRO A CG   1 
ATOM   589  C CD   . PRO A 1 38 ? -5.753  -8.189  -5.904  1.00 10.00 ? 39  PRO A CD   1 
ATOM   590  H HA   . PRO A 1 38 ? -5.688  -6.169  -3.532  1.00 10.00 ? 39  PRO A HA   1 
ATOM   591  H HB2  . PRO A 1 38 ? -3.843  -8.515  -3.736  1.00 10.00 ? 39  PRO A HB2  1 
ATOM   592  H HB3  . PRO A 1 38 ? -5.218  -8.262  -2.624  1.00 10.00 ? 39  PRO A HB3  1 
ATOM   593  H HG2  . PRO A 1 38 ? -5.327  -9.992  -4.764  1.00 10.00 ? 39  PRO A HG2  1 
ATOM   594  H HG3  . PRO A 1 38 ? -6.757  -9.063  -4.210  1.00 10.00 ? 39  PRO A HG3  1 
ATOM   595  H HD2  . PRO A 1 38 ? -4.939  -8.514  -6.554  1.00 10.00 ? 39  PRO A HD2  1 
ATOM   596  H HD3  . PRO A 1 38 ? -6.713  -8.307  -6.410  1.00 10.00 ? 39  PRO A HD3  1 
ATOM   597  N N    . ILE A 1 39 ? -3.269  -5.380  -3.079  1.00 10.00 ? 40  ILE A N    1 
ATOM   598  C CA   . ILE A 1 39 ? -1.956  -4.796  -2.857  1.00 10.00 ? 40  ILE A CA   1 
ATOM   599  C C    . ILE A 1 39 ? -1.516  -5.372  -1.525  1.00 10.00 ? 40  ILE A C    1 
ATOM   600  O O    . ILE A 1 39 ? -2.136  -5.141  -0.488  1.00 10.00 ? 40  ILE A O    1 
ATOM   601  C CB   . ILE A 1 39 ? -1.992  -3.251  -2.839  1.00 10.00 ? 40  ILE A CB   1 
ATOM   602  C CG1  . ILE A 1 39 ? -2.800  -2.635  -4.002  1.00 10.00 ? 40  ILE A CG1  1 
ATOM   603  C CG2  . ILE A 1 39 ? -0.557  -2.692  -2.840  1.00 10.00 ? 40  ILE A CG2  1 
ATOM   604  C CD1  . ILE A 1 39 ? -2.151  -2.891  -5.374  1.00 10.00 ? 40  ILE A CD1  1 
ATOM   605  H H    . ILE A 1 39 ? -3.932  -5.261  -2.316  1.00 10.00 ? 40  ILE A H    1 
ATOM   606  H HA   . ILE A 1 39 ? -1.275  -5.125  -3.641  1.00 10.00 ? 40  ILE A HA   1 
ATOM   607  H HB   . ILE A 1 39 ? -2.462  -2.935  -1.909  1.00 10.00 ? 40  ILE A HB   1 
ATOM   608  H HG12 . ILE A 1 39 ? -3.813  -3.037  -3.997  1.00 10.00 ? 40  ILE A HG12 1 
ATOM   609  H HG13 . ILE A 1 39 ? -2.897  -1.560  -3.843  1.00 10.00 ? 40  ILE A HG13 1 
ATOM   610  H HG21 . ILE A 1 39 ? -0.040  -2.973  -1.922  1.00 10.00 ? 40  ILE A HG21 1 
ATOM   611  H HG22 . ILE A 1 39 ? 0.004   -3.085  -3.689  1.00 10.00 ? 40  ILE A HG22 1 
ATOM   612  H HG23 . ILE A 1 39 ? -0.587  -1.606  -2.913  1.00 10.00 ? 40  ILE A HG23 1 
ATOM   613  H HD11 . ILE A 1 39 ? -1.303  -2.219  -5.513  1.00 10.00 ? 40  ILE A HD11 1 
ATOM   614  H HD12 . ILE A 1 39 ? -1.809  -3.920  -5.457  1.00 10.00 ? 40  ILE A HD12 1 
ATOM   615  H HD13 . ILE A 1 39 ? -2.871  -2.733  -6.168  1.00 10.00 ? 40  ILE A HD13 1 
ATOM   616  N N    . VAL A 1 40 ? -0.447  -6.151  -1.554  1.00 10.00 ? 41  VAL A N    1 
ATOM   617  C CA   . VAL A 1 40 ? 0.061   -6.877  -0.408  1.00 10.00 ? 41  VAL A CA   1 
ATOM   618  C C    . VAL A 1 40 ? 1.416   -6.279  -0.023  1.00 10.00 ? 41  VAL A C    1 
ATOM   619  O O    . VAL A 1 40 ? 2.064   -5.623  -0.840  1.00 10.00 ? 41  VAL A O    1 
ATOM   620  C CB   . VAL A 1 40 ? 0.074   -8.393  -0.713  1.00 10.00 ? 41  VAL A CB   1 
ATOM   621  C CG1  . VAL A 1 40 ? -1.353  -8.965  -0.657  1.00 10.00 ? 41  VAL A CG1  1 
ATOM   622  C CG2  . VAL A 1 40 ? 0.683   -8.754  -2.082  1.00 10.00 ? 41  VAL A CG2  1 
ATOM   623  H H    . VAL A 1 40 ? 0.052   -6.270  -2.420  1.00 10.00 ? 41  VAL A H    1 
ATOM   624  H HA   . VAL A 1 40 ? -0.610  -6.714  0.431   1.00 10.00 ? 41  VAL A HA   1 
ATOM   625  H HB   . VAL A 1 40 ? 0.660   -8.887  0.059   1.00 10.00 ? 41  VAL A HB   1 
ATOM   626  H HG11 . VAL A 1 40 ? -1.751  -8.857  0.348   1.00 10.00 ? 41  VAL A HG11 1 
ATOM   627  H HG12 . VAL A 1 40 ? -2.015  -8.467  -1.366  1.00 10.00 ? 41  VAL A HG12 1 
ATOM   628  H HG13 . VAL A 1 40 ? -1.335  -10.036 -0.866  1.00 10.00 ? 41  VAL A HG13 1 
ATOM   629  H HG21 . VAL A 1 40 ? 0.071   -8.349  -2.889  1.00 10.00 ? 41  VAL A HG21 1 
ATOM   630  H HG22 . VAL A 1 40 ? 1.699   -8.364  -2.160  1.00 10.00 ? 41  VAL A HG22 1 
ATOM   631  H HG23 . VAL A 1 40 ? 0.703   -9.838  -2.194  1.00 10.00 ? 41  VAL A HG23 1 
ATOM   632  N N    . ALA A 1 41 ? 1.809   -6.437  1.240   1.00 10.00 ? 42  ALA A N    1 
ATOM   633  C CA   . ALA A 1 41 ? 3.048   -5.915  1.771   1.00 10.00 ? 42  ALA A CA   1 
ATOM   634  C C    . ALA A 1 41 ? 4.221   -6.603  1.075   1.00 10.00 ? 42  ALA A C    1 
ATOM   635  O O    . ALA A 1 41 ? 4.365   -7.822  1.186   1.00 10.00 ? 42  ALA A O    1 
ATOM   636  C CB   . ALA A 1 41 ? 3.088   -6.195  3.271   1.00 10.00 ? 42  ALA A CB   1 
ATOM   637  H H    . ALA A 1 41 ? 1.193   -6.921  1.884   1.00 10.00 ? 42  ALA A H    1 
ATOM   638  H HA   . ALA A 1 41 ? 3.083   -4.839  1.600   1.00 10.00 ? 42  ALA A HA   1 
ATOM   639  H HB1  . ALA A 1 41 ? 2.244   -5.731  3.776   1.00 10.00 ? 42  ALA A HB1  1 
ATOM   640  H HB2  . ALA A 1 41 ? 3.047   -7.267  3.428   1.00 10.00 ? 42  ALA A HB2  1 
ATOM   641  H HB3  . ALA A 1 41 ? 4.015   -5.815  3.689   1.00 10.00 ? 42  ALA A HB3  1 
ATOM   642  N N    . ASP A 1 42 ? 5.061   -5.815  0.403   1.00 10.00 ? 43  ASP A N    1 
ATOM   643  C CA   . ASP A 1 42 ? 6.317   -6.277  -0.191  1.00 10.00 ? 43  ASP A CA   1 
ATOM   644  C C    . ASP A 1 42 ? 7.280   -6.832  0.871   1.00 10.00 ? 43  ASP A C    1 
ATOM   645  O O    . ASP A 1 42 ? 8.139   -7.659  0.578   1.00 10.00 ? 43  ASP A O    1 
ATOM   646  C CB   . ASP A 1 42 ? 6.970   -5.122  -0.956  1.00 10.00 ? 43  ASP A CB   1 
ATOM   647  C CG   . ASP A 1 42 ? 8.363   -5.503  -1.472  1.00 10.00 ? 43  ASP A CG   1 
ATOM   648  O OD1  . ASP A 1 42 ? 8.456   -6.439  -2.300  1.00 10.00 ? 43  ASP A OD1  1 
ATOM   649  O OD2  . ASP A 1 42 ? 9.327   -4.850  -0.995  1.00 10.00 ? 43  ASP A OD2  1 
ATOM   650  H H    . ASP A 1 42 ? 4.818   -4.849  0.262   1.00 10.00 ? 43  ASP A H    1 
ATOM   651  H HA   . ASP A 1 42 ? 6.102   -7.073  -0.907  1.00 10.00 ? 43  ASP A HA   1 
ATOM   652  H HB2  . ASP A 1 42 ? 6.322   -4.824  -1.785  1.00 10.00 ? 43  ASP A HB2  1 
ATOM   653  H HB3  . ASP A 1 42 ? 7.066   -4.268  -0.282  1.00 10.00 ? 43  ASP A HB3  1 
ATOM   654  N N    . ARG A 1 43 ? 7.124   -6.449  2.141   1.00 10.00 ? 44  ARG A N    1 
ATOM   655  C CA   . ARG A 1 43 ? 7.943   -6.937  3.245   1.00 10.00 ? 44  ARG A CA   1 
ATOM   656  C C    . ARG A 1 43 ? 7.226   -6.740  4.573   1.00 10.00 ? 44  ARG A C    1 
ATOM   657  O O    . ARG A 1 43 ? 6.269   -5.971  4.683   1.00 10.00 ? 44  ARG A O    1 
ATOM   658  C CB   . ARG A 1 43 ? 9.295   -6.203  3.257   1.00 10.00 ? 44  ARG A CB   1 
ATOM   659  C CG   . ARG A 1 43 ? 9.124   -4.679  3.435   1.00 10.00 ? 44  ARG A CG   1 
ATOM   660  C CD   . ARG A 1 43 ? 9.875   -3.897  2.349   1.00 10.00 ? 44  ARG A CD   1 
ATOM   661  N NE   . ARG A 1 43 ? 11.323  -3.853  2.645   1.00 10.00 ? 44  ARG A NE   1 
ATOM   662  C CZ   . ARG A 1 43 ? 12.295  -3.775  1.703   1.00 10.00 ? 44  ARG A CZ   1 
ATOM   663  N NH1  . ARG A 1 43 ? 12.018  -3.279  0.475   1.00 10.00 ? 44  ARG A NH1  1 
ATOM   664  N NH2  . ARG A 1 43 ? 13.518  -4.289  1.961   1.00 10.00 ? 44  ARG A NH2  1 
ATOM   665  H H    . ARG A 1 43 ? 6.373   -5.816  2.375   1.00 10.00 ? 44  ARG A H    1 
ATOM   666  H HA   . ARG A 1 43 ? 8.123   -8.000  3.096   1.00 10.00 ? 44  ARG A HA   1 
ATOM   667  H HB2  . ARG A 1 43 ? 9.908   -6.597  4.069   1.00 10.00 ? 44  ARG A HB2  1 
ATOM   668  H HB3  . ARG A 1 43 ? 9.817   -6.425  2.324   1.00 10.00 ? 44  ARG A HB3  1 
ATOM   669  H HG2  . ARG A 1 43 ? 8.070   -4.406  3.388   1.00 10.00 ? 44  ARG A HG2  1 
ATOM   670  H HG3  . ARG A 1 43 ? 9.480   -4.388  4.426   1.00 10.00 ? 44  ARG A HG3  1 
ATOM   671  H HD2  . ARG A 1 43 ? 9.706   -4.403  1.396   1.00 10.00 ? 44  ARG A HD2  1 
ATOM   672  H HD3  . ARG A 1 43 ? 9.446   -2.898  2.284   1.00 10.00 ? 44  ARG A HD3  1 
ATOM   673  H HE   . ARG A 1 43 ? 11.522  -4.197  3.580   1.00 10.00 ? 44  ARG A HE   1 
ATOM   674  H HH11 . ARG A 1 43 ? 11.057  -3.120  0.168   1.00 10.00 ? 44  ARG A HH11 1 
ATOM   675  H HH12 . ARG A 1 43 ? 12.698  -3.199  -0.269  1.00 10.00 ? 44  ARG A HH12 1 
ATOM   676  H HH21 . ARG A 1 43 ? 13.888  -4.447  2.904   1.00 10.00 ? 44  ARG A HH21 1 
ATOM   677  H HH22 . ARG A 1 43 ? 14.021  -4.744  1.202   1.00 10.00 ? 44  ARG A HH22 1 
ATOM   678  N N    . SER A 1 44 ? 7.723   -7.440  5.583   1.00 10.00 ? 45  SER A N    1 
ATOM   679  C CA   . SER A 1 44 ? 7.274   -7.300  6.949   1.00 10.00 ? 45  SER A CA   1 
ATOM   680  C C    . SER A 1 44 ? 7.895   -6.057  7.583   1.00 10.00 ? 45  SER A C    1 
ATOM   681  O O    . SER A 1 44 ? 9.028   -5.683  7.257   1.00 10.00 ? 45  SER A O    1 
ATOM   682  C CB   . SER A 1 44 ? 7.700   -8.556  7.717   1.00 10.00 ? 45  SER A CB   1 
ATOM   683  O OG   . SER A 1 44 ? 7.435   -9.725  6.952   1.00 10.00 ? 45  SER A OG   1 
ATOM   684  H H    . SER A 1 44 ? 8.490   -8.073  5.430   1.00 10.00 ? 45  SER A H    1 
ATOM   685  H HA   . SER A 1 44 ? 6.190   -7.199  6.949   1.00 10.00 ? 45  SER A HA   1 
ATOM   686  H HB2  . SER A 1 44 ? 8.772   -8.501  7.917   1.00 10.00 ? 45  SER A HB2  1 
ATOM   687  H HB3  . SER A 1 44 ? 7.162   -8.594  8.665   1.00 10.00 ? 45  SER A HB3  1 
ATOM   688  H HG   . SER A 1 44 ? 7.486   -10.504 7.522   1.00 10.00 ? 45  SER A HG   1 
ATOM   689  N N    . GLY A 1 45 ? 7.202   -5.441  8.535   1.00 10.00 ? 46  GLY A N    1 
ATOM   690  C CA   . GLY A 1 45 ? 7.721   -4.320  9.283   1.00 10.00 ? 46  GLY A CA   1 
ATOM   691  C C    . GLY A 1 45 ? 6.627   -3.607  10.045  1.00 10.00 ? 46  GLY A C    1 
ATOM   692  O O    . GLY A 1 45 ? 5.470   -4.010  9.988   1.00 10.00 ? 46  GLY A O    1 
ATOM   693  H H    . GLY A 1 45 ? 6.266   -5.752  8.782   1.00 10.00 ? 46  GLY A H    1 
ATOM   694  H HA2  . GLY A 1 45 ? 8.470   -4.682  9.989   1.00 10.00 ? 46  GLY A HA2  1 
ATOM   695  H HA3  . GLY A 1 45 ? 8.159   -3.614  8.581   1.00 10.00 ? 46  GLY A HA3  1 
ATOM   696  N N    . ILE A 1 46 ? 6.991   -2.538  10.742  1.00 10.00 ? 47  ILE A N    1 
ATOM   697  C CA   . ILE A 1 46 ? 6.033   -1.625  11.339  1.00 10.00 ? 47  ILE A CA   1 
ATOM   698  C C    . ILE A 1 46 ? 5.920   -0.479  10.351  1.00 10.00 ? 47  ILE A C    1 
ATOM   699  O O    . ILE A 1 46 ? 6.932   0.019   9.848   1.00 10.00 ? 47  ILE A O    1 
ATOM   700  C CB   . ILE A 1 46 ? 6.511   -1.193  12.742  1.00 10.00 ? 47  ILE A CB   1 
ATOM   701  C CG1  . ILE A 1 46 ? 6.691   -2.456  13.636  1.00 10.00 ? 47  ILE A CG1  1 
ATOM   702  C CG2  . ILE A 1 46 ? 5.596   -0.103  13.340  1.00 10.00 ? 47  ILE A CG2  1 
ATOM   703  C CD1  . ILE A 1 46 ? 5.905   -2.517  14.951  1.00 10.00 ? 47  ILE A CD1  1 
ATOM   704  H H    . ILE A 1 46 ? 7.951   -2.238  10.735  1.00 10.00 ? 47  ILE A H    1 
ATOM   705  H HA   . ILE A 1 46 ? 5.061   -2.111  11.439  1.00 10.00 ? 47  ILE A HA   1 
ATOM   706  H HB   . ILE A 1 46 ? 7.494   -0.735  12.621  1.00 10.00 ? 47  ILE A HB   1 
ATOM   707  H HG12 . ILE A 1 46 ? 6.410   -3.353  13.082  1.00 10.00 ? 47  ILE A HG12 1 
ATOM   708  H HG13 . ILE A 1 46 ? 7.753   -2.557  13.864  1.00 10.00 ? 47  ILE A HG13 1 
ATOM   709  H HG21 . ILE A 1 46 ? 5.613   0.791   12.718  1.00 10.00 ? 47  ILE A HG21 1 
ATOM   710  H HG22 . ILE A 1 46 ? 4.565   -0.460  13.409  1.00 10.00 ? 47  ILE A HG22 1 
ATOM   711  H HG23 . ILE A 1 46 ? 5.949   0.188   14.330  1.00 10.00 ? 47  ILE A HG23 1 
ATOM   712  H HD11 . ILE A 1 46 ? 6.206   -1.708  15.616  1.00 10.00 ? 47  ILE A HD11 1 
ATOM   713  H HD12 . ILE A 1 46 ? 4.836   -2.456  14.747  1.00 10.00 ? 47  ILE A HD12 1 
ATOM   714  H HD13 . ILE A 1 46 ? 6.106   -3.468  15.444  1.00 10.00 ? 47  ILE A HD13 1 
ATOM   715  N N    . VAL A 1 47 ? 4.686   -0.084  10.070  1.00 10.00 ? 48  VAL A N    1 
ATOM   716  C CA   . VAL A 1 47 ? 4.352   1.061   9.252   1.00 10.00 ? 48  VAL A CA   1 
ATOM   717  C C    . VAL A 1 47 ? 4.815   2.306   9.984   1.00 10.00 ? 48  VAL A C    1 
ATOM   718  O O    . VAL A 1 47 ? 4.424   2.559   11.122  1.00 10.00 ? 48  VAL A O    1 
ATOM   719  C CB   . VAL A 1 47 ? 2.837   1.109   8.997   1.00 10.00 ? 48  VAL A CB   1 
ATOM   720  C CG1  . VAL A 1 47 ? 2.490   2.360   8.171   1.00 10.00 ? 48  VAL A CG1  1 
ATOM   721  C CG2  . VAL A 1 47 ? 2.363   -0.161  8.275   1.00 10.00 ? 48  VAL A CG2  1 
ATOM   722  H H    . VAL A 1 47 ? 3.913   -0.522  10.569  1.00 10.00 ? 48  VAL A H    1 
ATOM   723  H HA   . VAL A 1 47 ? 4.875   0.979   8.302   1.00 10.00 ? 48  VAL A HA   1 
ATOM   724  H HB   . VAL A 1 47 ? 2.328   1.166   9.957   1.00 10.00 ? 48  VAL A HB   1 
ATOM   725  H HG11 . VAL A 1 47 ? 2.626   3.261   8.757   1.00 10.00 ? 48  VAL A HG11 1 
ATOM   726  H HG12 . VAL A 1 47 ? 3.159   2.442   7.320   1.00 10.00 ? 48  VAL A HG12 1 
ATOM   727  H HG13 . VAL A 1 47 ? 1.453   2.315   7.840   1.00 10.00 ? 48  VAL A HG13 1 
ATOM   728  H HG21 . VAL A 1 47 ? 2.933   -0.320  7.365   1.00 10.00 ? 48  VAL A HG21 1 
ATOM   729  H HG22 . VAL A 1 47 ? 2.499   -1.029  8.918   1.00 10.00 ? 48  VAL A HG22 1 
ATOM   730  H HG23 . VAL A 1 47 ? 1.300   -0.090  8.045   1.00 10.00 ? 48  VAL A HG23 1 
ATOM   731  N N    . LYS A 1 48 ? 5.617   3.099   9.292   1.00 10.00 ? 49  LYS A N    1 
ATOM   732  C CA   . LYS A 1 48 ? 5.959   4.435   9.709   1.00 10.00 ? 49  LYS A CA   1 
ATOM   733  C C    . LYS A 1 48 ? 4.896   5.417   9.230   1.00 10.00 ? 49  LYS A C    1 
ATOM   734  O O    . LYS A 1 48 ? 4.427   6.232   10.017  1.00 10.00 ? 49  LYS A O    1 
ATOM   735  C CB   . LYS A 1 48 ? 7.306   4.755   9.082   1.00 10.00 ? 49  LYS A CB   1 
ATOM   736  C CG   . LYS A 1 48 ? 7.834   6.085   9.598   1.00 10.00 ? 49  LYS A CG   1 
ATOM   737  C CD   . LYS A 1 48 ? 9.032   6.464   8.739   1.00 10.00 ? 49  LYS A CD   1 
ATOM   738  C CE   . LYS A 1 48 ? 9.939   7.412   9.515   1.00 10.00 ? 49  LYS A CE   1 
ATOM   739  N NZ   . LYS A 1 48 ? 11.274  7.454   8.871   1.00 10.00 ? 49  LYS A NZ   1 
ATOM   740  H H    . LYS A 1 48 ? 5.886   2.819   8.355   1.00 10.00 ? 49  LYS A H    1 
ATOM   741  H HA   . LYS A 1 48 ? 6.025   4.478   10.797  1.00 10.00 ? 49  LYS A HA   1 
ATOM   742  H HB2  . LYS A 1 48 ? 8.017   3.974   9.349   1.00 10.00 ? 49  LYS A HB2  1 
ATOM   743  H HB3  . LYS A 1 48 ? 7.210   4.784   7.996   1.00 10.00 ? 49  LYS A HB3  1 
ATOM   744  H HG2  . LYS A 1 48 ? 7.078   6.866   9.523   1.00 10.00 ? 49  LYS A HG2  1 
ATOM   745  H HG3  . LYS A 1 48 ? 8.131   5.957   10.640  1.00 10.00 ? 49  LYS A HG3  1 
ATOM   746  H HD2  . LYS A 1 48 ? 9.589   5.564   8.477   1.00 10.00 ? 49  LYS A HD2  1 
ATOM   747  H HD3  . LYS A 1 48 ? 8.673   6.938   7.822   1.00 10.00 ? 49  LYS A HD3  1 
ATOM   748  H HE2  . LYS A 1 48 ? 9.474   8.402   9.553   1.00 10.00 ? 49  LYS A HE2  1 
ATOM   749  H HE3  . LYS A 1 48 ? 10.014  7.039   10.541  1.00 10.00 ? 49  LYS A HE3  1 
ATOM   750  H HZ1  . LYS A 1 48 ? 11.692  6.537   8.904   1.00 10.00 ? 49  LYS A HZ1  1 
ATOM   751  H HZ2  . LYS A 1 48 ? 11.164  7.701   7.886   1.00 10.00 ? 49  LYS A HZ2  1 
ATOM   752  H HZ3  . LYS A 1 48 ? 11.892  8.113   9.328   1.00 10.00 ? 49  LYS A HZ3  1 
ATOM   753  N N    . GLU A 1 49 ? 4.507   5.326   7.959   1.00 10.00 ? 50  GLU A N    1 
ATOM   754  C CA   . GLU A 1 49 ? 3.569   6.251   7.349   1.00 10.00 ? 50  GLU A CA   1 
ATOM   755  C C    . GLU A 1 49 ? 2.844   5.554   6.203   1.00 10.00 ? 50  GLU A C    1 
ATOM   756  O O    . GLU A 1 49 ? 3.382   4.616   5.604   1.00 10.00 ? 50  GLU A O    1 
ATOM   757  C CB   . GLU A 1 49 ? 4.320   7.490   6.837   1.00 10.00 ? 50  GLU A CB   1 
ATOM   758  C CG   . GLU A 1 49 ? 3.331   8.578   6.403   1.00 10.00 ? 50  GLU A CG   1 
ATOM   759  C CD   . GLU A 1 49 ? 4.024   9.931   6.347   1.00 10.00 ? 50  GLU A CD   1 
ATOM   760  O OE1  . GLU A 1 49 ? 4.883   10.094  5.445   1.00 10.00 ? 50  GLU A OE1  1 
ATOM   761  O OE2  . GLU A 1 49 ? 3.712   10.766  7.214   1.00 10.00 ? 50  GLU A OE2  1 
ATOM   762  H H    . GLU A 1 49 ? 4.856   4.582   7.369   1.00 10.00 ? 50  GLU A H    1 
ATOM   763  H HA   . GLU A 1 49 ? 2.849   6.560   8.106   1.00 10.00 ? 50  GLU A HA   1 
ATOM   764  H HB2  . GLU A 1 49 ? 4.952   7.879   7.638   1.00 10.00 ? 50  GLU A HB2  1 
ATOM   765  H HB3  . GLU A 1 49 ? 4.956   7.229   5.989   1.00 10.00 ? 50  GLU A HB3  1 
ATOM   766  H HG2  . GLU A 1 49 ? 2.939   8.341   5.413   1.00 10.00 ? 50  GLU A HG2  1 
ATOM   767  H HG3  . GLU A 1 49 ? 2.494   8.604   7.109   1.00 10.00 ? 50  GLU A HG3  1 
ATOM   768  N N    . VAL A 1 50 ? 1.648   6.046   5.875   1.00 10.00 ? 51  VAL A N    1 
ATOM   769  C CA   . VAL A 1 50 ? 0.885   5.645   4.705   1.00 10.00 ? 51  VAL A CA   1 
ATOM   770  C C    . VAL A 1 50 ? 0.817   6.891   3.821   1.00 10.00 ? 51  VAL A C    1 
ATOM   771  O O    . VAL A 1 50 ? 0.340   7.945   4.232   1.00 10.00 ? 51  VAL A O    1 
ATOM   772  C CB   . VAL A 1 50 ? -0.511  5.114   5.092   1.00 10.00 ? 51  VAL A CB   1 
ATOM   773  C CG1  . VAL A 1 50 ? -1.120  4.331   3.922   1.00 10.00 ? 51  VAL A CG1  1 
ATOM   774  C CG2  . VAL A 1 50 ? -0.482  4.174   6.311   1.00 10.00 ? 51  VAL A CG2  1 
ATOM   775  H H    . VAL A 1 50 ? 1.302   6.865   6.360   1.00 10.00 ? 51  VAL A H    1 
ATOM   776  H HA   . VAL A 1 50 ? 1.421   4.852   4.182   1.00 10.00 ? 51  VAL A HA   1 
ATOM   777  H HB   . VAL A 1 50 ? -1.161  5.956   5.339   1.00 10.00 ? 51  VAL A HB   1 
ATOM   778  H HG11 . VAL A 1 50 ? -1.174  4.962   3.039   1.00 10.00 ? 51  VAL A HG11 1 
ATOM   779  H HG12 . VAL A 1 50 ? -0.509  3.463   3.681   1.00 10.00 ? 51  VAL A HG12 1 
ATOM   780  H HG13 . VAL A 1 50 ? -2.130  4.013   4.179   1.00 10.00 ? 51  VAL A HG13 1 
ATOM   781  H HG21 . VAL A 1 50 ? 0.151   3.311   6.105   1.00 10.00 ? 51  VAL A HG21 1 
ATOM   782  H HG22 . VAL A 1 50 ? -0.112  4.696   7.191   1.00 10.00 ? 51  VAL A HG22 1 
ATOM   783  H HG23 . VAL A 1 50 ? -1.495  3.835   6.527   1.00 10.00 ? 51  VAL A HG23 1 
ATOM   784  N N    . LYS A 1 51 ? 1.357   6.783   2.612   1.00 10.00 ? 52  LYS A N    1 
ATOM   785  C CA   . LYS A 1 51 ? 1.544   7.892   1.682   1.00 10.00 ? 52  LYS A CA   1 
ATOM   786  C C    . LYS A 1 51 ? 0.280   8.201   0.885   1.00 10.00 ? 52  LYS A C    1 
ATOM   787  O O    . LYS A 1 51 ? 0.294   9.122   0.072   1.00 10.00 ? 52  LYS A O    1 
ATOM   788  C CB   . LYS A 1 51 ? 2.709   7.555   0.731   1.00 10.00 ? 52  LYS A CB   1 
ATOM   789  C CG   . LYS A 1 51 ? 4.049   7.286   1.442   1.00 10.00 ? 52  LYS A CG   1 
ATOM   790  C CD   . LYS A 1 51 ? 4.552   8.508   2.230   1.00 10.00 ? 52  LYS A CD   1 
ATOM   791  C CE   . LYS A 1 51 ? 5.989   8.271   2.712   1.00 10.00 ? 52  LYS A CE   1 
ATOM   792  N NZ   . LYS A 1 51 ? 6.552   9.403   3.479   1.00 10.00 ? 52  LYS A NZ   1 
ATOM   793  H H    . LYS A 1 51 ? 1.642   5.862   2.299   1.00 10.00 ? 52  LYS A H    1 
ATOM   794  H HA   . LYS A 1 51 ? 1.778   8.790   2.252   1.00 10.00 ? 52  LYS A HA   1 
ATOM   795  H HB2  . LYS A 1 51 ? 2.440   6.681   0.134   1.00 10.00 ? 52  LYS A HB2  1 
ATOM   796  H HB3  . LYS A 1 51 ? 2.846   8.391   0.047   1.00 10.00 ? 52  LYS A HB3  1 
ATOM   797  H HG2  . LYS A 1 51 ? 3.952   6.431   2.114   1.00 10.00 ? 52  LYS A HG2  1 
ATOM   798  H HG3  . LYS A 1 51 ? 4.786   7.026   0.683   1.00 10.00 ? 52  LYS A HG3  1 
ATOM   799  H HD2  . LYS A 1 51 ? 4.519   9.386   1.583   1.00 10.00 ? 52  LYS A HD2  1 
ATOM   800  H HD3  . LYS A 1 51 ? 3.907   8.674   3.096   1.00 10.00 ? 52  LYS A HD3  1 
ATOM   801  H HE2  . LYS A 1 51 ? 5.999   7.393   3.353   1.00 10.00 ? 52  LYS A HE2  1 
ATOM   802  H HE3  . LYS A 1 51 ? 6.628   8.071   1.851   1.00 10.00 ? 52  LYS A HE3  1 
ATOM   803  H HZ1  . LYS A 1 51 ? 6.586   10.250  2.938   1.00 10.00 ? 52  LYS A HZ1  1 
ATOM   804  H HZ2  . LYS A 1 51 ? 5.976   9.614   4.305   1.00 10.00 ? 52  LYS A HZ2  1 
ATOM   805  H HZ3  . LYS A 1 51 ? 7.487   9.152   3.795   1.00 10.00 ? 52  LYS A HZ3  1 
ATOM   806  N N    . LYS A 1 52 ? -0.777  7.411   1.071   1.00 10.00 ? 53  LYS A N    1 
ATOM   807  C CA   . LYS A 1 52 ? -2.059  7.506   0.396   1.00 10.00 ? 53  LYS A CA   1 
ATOM   808  C C    . LYS A 1 52 ? -3.119  7.088   1.399   1.00 10.00 ? 53  LYS A C    1 
ATOM   809  O O    . LYS A 1 52 ? -2.820  6.674   2.521   1.00 10.00 ? 53  LYS A O    1 
ATOM   810  C CB   . LYS A 1 52 ? -2.120  6.545   -0.803  1.00 10.00 ? 53  LYS A CB   1 
ATOM   811  C CG   . LYS A 1 52 ? -1.125  6.828   -1.926  1.00 10.00 ? 53  LYS A CG   1 
ATOM   812  C CD   . LYS A 1 52 ? -1.454  8.096   -2.721  1.00 10.00 ? 53  LYS A CD   1 
ATOM   813  C CE   . LYS A 1 52 ? -0.373  8.208   -3.791  1.00 10.00 ? 53  LYS A CE   1 
ATOM   814  N NZ   . LYS A 1 52 ? -0.681  9.223   -4.815  1.00 10.00 ? 53  LYS A NZ   1 
ATOM   815  H H    . LYS A 1 52 ? -0.747  6.747   1.833   1.00 10.00 ? 53  LYS A H    1 
ATOM   816  H HA   . LYS A 1 52 ? -2.238  8.537   0.078   1.00 10.00 ? 53  LYS A HA   1 
ATOM   817  H HB2  . LYS A 1 52 ? -1.942  5.534   -0.433  1.00 10.00 ? 53  LYS A HB2  1 
ATOM   818  H HB3  . LYS A 1 52 ? -3.122  6.571   -1.235  1.00 10.00 ? 53  LYS A HB3  1 
ATOM   819  H HG2  . LYS A 1 52 ? -0.119  6.900   -1.515  1.00 10.00 ? 53  LYS A HG2  1 
ATOM   820  H HG3  . LYS A 1 52 ? -1.145  5.976   -2.605  1.00 10.00 ? 53  LYS A HG3  1 
ATOM   821  H HD2  . LYS A 1 52 ? -2.435  8.000   -3.192  1.00 10.00 ? 53  LYS A HD2  1 
ATOM   822  H HD3  . LYS A 1 52 ? -1.440  8.978   -2.078  1.00 10.00 ? 53  LYS A HD3  1 
ATOM   823  H HE2  . LYS A 1 52 ? 0.590   8.416   -3.319  1.00 10.00 ? 53  LYS A HE2  1 
ATOM   824  H HE3  . LYS A 1 52 ? -0.270  7.244   -4.286  1.00 10.00 ? 53  LYS A HE3  1 
ATOM   825  H HZ1  . LYS A 1 52 ? -1.557  9.009   -5.282  1.00 10.00 ? 53  LYS A HZ1  1 
ATOM   826  H HZ2  . LYS A 1 52 ? -0.739  10.141  -4.417  1.00 10.00 ? 53  LYS A HZ2  1 
ATOM   827  H HZ3  . LYS A 1 52 ? 0.053   9.174   -5.532  1.00 10.00 ? 53  LYS A HZ3  1 
ATOM   828  N N    . LYS A 1 53 ? -4.369  7.144   0.972   1.00 10.00 ? 54  LYS A N    1 
ATOM   829  C CA   . LYS A 1 53 ? -5.513  6.749   1.760   1.00 10.00 ? 54  LYS A CA   1 
ATOM   830  C C    . LYS A 1 53 ? -6.541  6.143   0.814   1.00 10.00 ? 54  LYS A C    1 
ATOM   831  O O    . LYS A 1 53 ? -6.388  6.208   -0.405  1.00 10.00 ? 54  LYS A O    1 
ATOM   832  C CB   . LYS A 1 53 ? -6.054  7.990   2.489   1.00 10.00 ? 54  LYS A CB   1 
ATOM   833  C CG   . LYS A 1 53 ? -6.441  9.072   1.468   1.00 10.00 ? 54  LYS A CG   1 
ATOM   834  C CD   . LYS A 1 53 ? -7.185  10.251  2.085   1.00 10.00 ? 54  LYS A CD   1 
ATOM   835  C CE   . LYS A 1 53 ? -8.181  10.708  1.010   1.00 10.00 ? 54  LYS A CE   1 
ATOM   836  N NZ   . LYS A 1 53 ? -8.784  12.027  1.310   1.00 10.00 ? 54  LYS A NZ   1 
ATOM   837  H H    . LYS A 1 53 ? -4.560  7.428   0.017   1.00 10.00 ? 54  LYS A H    1 
ATOM   838  H HA   . LYS A 1 53 ? -5.206  5.995   2.489   1.00 10.00 ? 54  LYS A HA   1 
ATOM   839  H HB2  . LYS A 1 53 ? -6.931  7.702   3.070   1.00 10.00 ? 54  LYS A HB2  1 
ATOM   840  H HB3  . LYS A 1 53 ? -5.297  8.377   3.176   1.00 10.00 ? 54  LYS A HB3  1 
ATOM   841  H HG2  . LYS A 1 53 ? -5.553  9.452   0.960   1.00 10.00 ? 54  LYS A HG2  1 
ATOM   842  H HG3  . LYS A 1 53 ? -7.084  8.618   0.715   1.00 10.00 ? 54  LYS A HG3  1 
ATOM   843  H HD2  . LYS A 1 53 ? -7.713  9.936   2.988   1.00 10.00 ? 54  LYS A HD2  1 
ATOM   844  H HD3  . LYS A 1 53 ? -6.465  11.035  2.328   1.00 10.00 ? 54  LYS A HD3  1 
ATOM   845  H HE2  . LYS A 1 53 ? -7.647  10.750  0.055   1.00 10.00 ? 54  LYS A HE2  1 
ATOM   846  H HE3  . LYS A 1 53 ? -8.949  9.931   0.908   1.00 10.00 ? 54  LYS A HE3  1 
ATOM   847  H HZ1  . LYS A 1 53 ? -9.258  12.015  2.203   1.00 10.00 ? 54  LYS A HZ1  1 
ATOM   848  H HZ2  . LYS A 1 53 ? -8.057  12.729  1.315   1.00 10.00 ? 54  LYS A HZ2  1 
ATOM   849  H HZ3  . LYS A 1 53 ? -9.454  12.279  0.596   1.00 10.00 ? 54  LYS A HZ3  1 
ATOM   850  N N    . GLU A 1 54 ? -7.591  5.604   1.409   1.00 10.00 ? 55  GLU A N    1 
ATOM   851  C CA   . GLU A 1 54 ? -8.815  5.177   0.760   1.00 10.00 ? 55  GLU A CA   1 
ATOM   852  C C    . GLU A 1 54 ? -9.255  6.199   -0.297  1.00 10.00 ? 55  GLU A C    1 
ATOM   853  O O    . GLU A 1 54 ? -9.423  7.385   0.007   1.00 10.00 ? 55  GLU A O    1 
ATOM   854  C CB   . GLU A 1 54 ? -9.867  5.004   1.877   1.00 10.00 ? 55  GLU A CB   1 
ATOM   855  C CG   . GLU A 1 54 ? -10.406 3.574   1.947   1.00 10.00 ? 55  GLU A CG   1 
ATOM   856  C CD   . GLU A 1 54 ? -10.820 3.211   3.371   1.00 10.00 ? 55  GLU A CD   1 
ATOM   857  O OE1  . GLU A 1 54 ? -9.911  2.715   4.073   1.00 10.00 ? 55  GLU A OE1  1 
ATOM   858  O OE2  . GLU A 1 54 ? -12.002 3.426   3.722   1.00 10.00 ? 55  GLU A OE2  1 
ATOM   859  H H    . GLU A 1 54 ? -7.605  5.562   2.415   1.00 10.00 ? 55  GLU A H    1 
ATOM   860  H HA   . GLU A 1 54 ? -8.630  4.219   0.272   1.00 10.00 ? 55  GLU A HA   1 
ATOM   861  H HB2  . GLU A 1 54 ? -9.408  5.235   2.842   1.00 10.00 ? 55  GLU A HB2  1 
ATOM   862  H HB3  . GLU A 1 54 ? -10.690 5.706   1.740   1.00 10.00 ? 55  GLU A HB3  1 
ATOM   863  H HG2  . GLU A 1 54 ? -11.242 3.449   1.258   1.00 10.00 ? 55  GLU A HG2  1 
ATOM   864  H HG3  . GLU A 1 54 ? -9.601  2.899   1.651   1.00 10.00 ? 55  GLU A HG3  1 
ATOM   865  N N    . GLY A 1 55 ? -9.435  5.738   -1.536  1.00 10.00 ? 56  GLY A N    1 
ATOM   866  C CA   . GLY A 1 55 ? -10.039 6.516   -2.604  1.00 10.00 ? 56  GLY A CA   1 
ATOM   867  C C    . GLY A 1 55 ? -9.083  7.519   -3.248  1.00 10.00 ? 56  GLY A C    1 
ATOM   868  O O    . GLY A 1 55 ? -9.533  8.286   -4.095  1.00 10.00 ? 56  GLY A O    1 
ATOM   869  H H    . GLY A 1 55 ? -9.152  4.786   -1.751  1.00 10.00 ? 56  GLY A H    1 
ATOM   870  H HA2  . GLY A 1 55 ? -10.404 5.837   -3.375  1.00 10.00 ? 56  GLY A HA2  1 
ATOM   871  H HA3  . GLY A 1 55 ? -10.886 7.066   -2.194  1.00 10.00 ? 56  GLY A HA3  1 
ATOM   872  N N    . ASP A 1 56 ? -7.800  7.548   -2.860  1.00 10.00 ? 57  ASP A N    1 
ATOM   873  C CA   . ASP A 1 56 ? -6.799  8.406   -3.502  1.00 10.00 ? 57  ASP A CA   1 
ATOM   874  C C    . ASP A 1 56 ? -6.414  7.843   -4.871  1.00 10.00 ? 57  ASP A C    1 
ATOM   875  O O    . ASP A 1 56 ? -6.420  6.620   -5.059  1.00 10.00 ? 57  ASP A O    1 
ATOM   876  C CB   . ASP A 1 56 ? -5.549  8.510   -2.619  1.00 10.00 ? 57  ASP A CB   1 
ATOM   877  C CG   . ASP A 1 56 ? -4.840  9.853   -2.785  1.00 10.00 ? 57  ASP A CG   1 
ATOM   878  O OD1  . ASP A 1 56 ? -4.344  10.147  -3.893  1.00 10.00 ? 57  ASP A OD1  1 
ATOM   879  O OD2  . ASP A 1 56 ? -4.820  10.580  -1.768  1.00 10.00 ? 57  ASP A OD2  1 
ATOM   880  H H    . ASP A 1 56 ? -7.479  6.913   -2.140  1.00 10.00 ? 57  ASP A H    1 
ATOM   881  H HA   . ASP A 1 56 ? -7.228  9.402   -3.634  1.00 10.00 ? 57  ASP A HA   1 
ATOM   882  H HB2  . ASP A 1 56 ? -5.844  8.424   -1.574  1.00 10.00 ? 57  ASP A HB2  1 
ATOM   883  H HB3  . ASP A 1 56 ? -4.861  7.693   -2.843  1.00 10.00 ? 57  ASP A HB3  1 
ATOM   884  N N    . PHE A 1 57 ? -6.049  8.709   -5.814  1.00 10.00 ? 58  PHE A N    1 
ATOM   885  C CA   . PHE A 1 57 ? -5.577  8.300   -7.125  1.00 10.00 ? 58  PHE A CA   1 
ATOM   886  C C    . PHE A 1 57 ? -4.136  7.803   -7.005  1.00 10.00 ? 58  PHE A C    1 
ATOM   887  O O    . PHE A 1 57 ? -3.299  8.367   -6.290  1.00 10.00 ? 58  PHE A O    1 
ATOM   888  C CB   . PHE A 1 57 ? -5.667  9.472   -8.105  1.00 10.00 ? 58  PHE A CB   1 
ATOM   889  C CG   . PHE A 1 57 ? -5.210  9.125   -9.508  1.00 10.00 ? 58  PHE A CG   1 
ATOM   890  C CD1  . PHE A 1 57 ? -6.079  8.454   -10.389 1.00 10.00 ? 58  PHE A CD1  1 
ATOM   891  C CD2  . PHE A 1 57 ? -3.906  9.455   -9.923  1.00 10.00 ? 58  PHE A CD2  1 
ATOM   892  C CE1  . PHE A 1 57 ? -5.652  8.133   -11.689 1.00 10.00 ? 58  PHE A CE1  1 
ATOM   893  C CE2  . PHE A 1 57 ? -3.481  9.142   -11.225 1.00 10.00 ? 58  PHE A CE2  1 
ATOM   894  C CZ   . PHE A 1 57 ? -4.357  8.488   -12.110 1.00 10.00 ? 58  PHE A CZ   1 
ATOM   895  H H    . PHE A 1 57 ? -5.891  9.671   -5.543  1.00 10.00 ? 58  PHE A H    1 
ATOM   896  H HA   . PHE A 1 57 ? -6.216  7.491   -7.492  1.00 10.00 ? 58  PHE A HA   1 
ATOM   897  H HB2  . PHE A 1 57 ? -6.701  9.813   -8.156  1.00 10.00 ? 58  PHE A HB2  1 
ATOM   898  H HB3  . PHE A 1 57 ? -5.059  10.296  -7.727  1.00 10.00 ? 58  PHE A HB3  1 
ATOM   899  H HD1  . PHE A 1 57 ? -7.075  8.173   -10.063 1.00 10.00 ? 58  PHE A HD1  1 
ATOM   900  H HD2  . PHE A 1 57 ? -3.228  9.949   -9.240  1.00 10.00 ? 58  PHE A HD2  1 
ATOM   901  H HE1  . PHE A 1 57 ? -6.320  7.613   -12.360 1.00 10.00 ? 58  PHE A HE1  1 
ATOM   902  H HE2  . PHE A 1 57 ? -2.480  9.400   -11.540 1.00 10.00 ? 58  PHE A HE2  1 
ATOM   903  H HZ   . PHE A 1 57 ? -4.032  8.255   -13.113 1.00 10.00 ? 58  PHE A HZ   1 
ATOM   904  N N    . VAL A 1 58 ? -3.818  6.769   -7.778  1.00 10.00 ? 59  VAL A N    1 
ATOM   905  C CA   . VAL A 1 58 ? -2.537  6.095   -7.676  1.00 10.00 ? 59  VAL A CA   1 
ATOM   906  C C    . VAL A 1 58 ? -2.091  5.564   -9.034  1.00 10.00 ? 59  VAL A C    1 
ATOM   907  O O    . VAL A 1 58 ? -2.883  5.423   -9.969  1.00 10.00 ? 59  VAL A O    1 
ATOM   908  C CB   . VAL A 1 58 ? -2.635  4.966   -6.640  1.00 10.00 ? 59  VAL A CB   1 
ATOM   909  C CG1  . VAL A 1 58 ? -2.518  5.457   -5.193  1.00 10.00 ? 59  VAL A CG1  1 
ATOM   910  C CG2  . VAL A 1 58 ? -3.890  4.092   -6.747  1.00 10.00 ? 59  VAL A CG2  1 
ATOM   911  H H    . VAL A 1 58 ? -4.500  6.370   -8.421  1.00 10.00 ? 59  VAL A H    1 
ATOM   912  H HA   . VAL A 1 58 ? -1.778  6.809   -7.352  1.00 10.00 ? 59  VAL A HA   1 
ATOM   913  H HB   . VAL A 1 58 ? -1.774  4.345   -6.839  1.00 10.00 ? 59  VAL A HB   1 
ATOM   914  H HG11 . VAL A 1 58 ? -1.585  6.002   -5.085  1.00 10.00 ? 59  VAL A HG11 1 
ATOM   915  H HG12 . VAL A 1 58 ? -3.355  6.106   -4.938  1.00 10.00 ? 59  VAL A HG12 1 
ATOM   916  H HG13 . VAL A 1 58 ? -2.511  4.613   -4.503  1.00 10.00 ? 59  VAL A HG13 1 
ATOM   917  H HG21 . VAL A 1 58 ? -4.793  4.683   -6.599  1.00 10.00 ? 59  VAL A HG21 1 
ATOM   918  H HG22 . VAL A 1 58 ? -3.918  3.620   -7.728  1.00 10.00 ? 59  VAL A HG22 1 
ATOM   919  H HG23 . VAL A 1 58 ? -3.861  3.330   -5.972  1.00 10.00 ? 59  VAL A HG23 1 
ATOM   920  N N    . ASN A 1 59 ? -0.799  5.276   -9.188  1.00 10.00 ? 60  ASN A N    1 
ATOM   921  C CA   . ASN A 1 59 ? -0.247  4.839   -10.468 1.00 10.00 ? 60  ASN A CA   1 
ATOM   922  C C    . ASN A 1 59 ? 0.944   3.918   -10.286 1.00 10.00 ? 60  ASN A C    1 
ATOM   923  O O    . ASN A 1 59 ? 1.425   3.754   -9.169  1.00 10.00 ? 60  ASN A O    1 
ATOM   924  C CB   . ASN A 1 59 ? 0.094   6.057   -11.346 1.00 10.00 ? 60  ASN A CB   1 
ATOM   925  C CG   . ASN A 1 59 ? -0.714  6.018   -12.634 1.00 10.00 ? 60  ASN A CG   1 
ATOM   926  O OD1  . ASN A 1 59 ? -0.191  5.767   -13.707 1.00 10.00 ? 60  ASN A OD1  1 
ATOM   927  N ND2  . ASN A 1 59 ? -2.019  6.190   -12.530 1.00 10.00 ? 60  ASN A ND2  1 
ATOM   928  H H    . ASN A 1 59 ? -0.156  5.380   -8.415  1.00 10.00 ? 60  ASN A H    1 
ATOM   929  H HA   . ASN A 1 59 ? -0.996  4.239   -10.966 1.00 10.00 ? 60  ASN A HA   1 
ATOM   930  H HB2  . ASN A 1 59 ? -0.121  6.988   -10.816 1.00 10.00 ? 60  ASN A HB2  1 
ATOM   931  H HB3  . ASN A 1 59 ? 1.159   6.061   -11.587 1.00 10.00 ? 60  ASN A HB3  1 
ATOM   932  H HD21 . ASN A 1 59 ? -2.448  6.254   -11.603 1.00 10.00 ? 60  ASN A HD21 1 
ATOM   933  H HD22 . ASN A 1 59 ? -2.586  6.163   -13.357 1.00 10.00 ? 60  ASN A HD22 1 
ATOM   934  N N    . GLU A 1 60 ? 1.404   3.290   -11.368 1.00 10.00 ? 61  GLU A N    1 
ATOM   935  C CA   . GLU A 1 60 ? 2.598   2.458   -11.328 1.00 10.00 ? 61  GLU A CA   1 
ATOM   936  C C    . GLU A 1 60 ? 3.771   3.304   -10.808 1.00 10.00 ? 61  GLU A C    1 
ATOM   937  O O    . GLU A 1 60 ? 4.052   4.370   -11.353 1.00 10.00 ? 61  GLU A O    1 
ATOM   938  C CB   . GLU A 1 60 ? 2.849   1.886   -12.731 1.00 10.00 ? 61  GLU A CB   1 
ATOM   939  C CG   . GLU A 1 60 ? 4.012   0.886   -12.735 1.00 10.00 ? 61  GLU A CG   1 
ATOM   940  C CD   . GLU A 1 60 ? 4.397   0.484   -14.163 1.00 10.00 ? 61  GLU A CD   1 
ATOM   941  O OE1  . GLU A 1 60 ? 5.244   1.200   -14.739 1.00 10.00 ? 61  GLU A OE1  1 
ATOM   942  O OE2  . GLU A 1 60 ? 3.847   -0.526  -14.655 1.00 10.00 ? 61  GLU A OE2  1 
ATOM   943  H H    . GLU A 1 60 ? 1.049   3.529   -12.282 1.00 10.00 ? 61  GLU A H    1 
ATOM   944  H HA   . GLU A 1 60 ? 2.423   1.630   -10.642 1.00 10.00 ? 61  GLU A HA   1 
ATOM   945  H HB2  . GLU A 1 60 ? 1.946   1.373   -13.071 1.00 10.00 ? 61  GLU A HB2  1 
ATOM   946  H HB3  . GLU A 1 60 ? 3.059   2.704   -13.422 1.00 10.00 ? 61  GLU A HB3  1 
ATOM   947  H HG2  . GLU A 1 60 ? 4.880   1.334   -12.248 1.00 10.00 ? 61  GLU A HG2  1 
ATOM   948  H HG3  . GLU A 1 60 ? 3.728   0.006   -12.158 1.00 10.00 ? 61  GLU A HG3  1 
ATOM   949  N N    . GLY A 1 61 ? 4.416   2.850   -9.728  1.00 10.00 ? 62  GLY A N    1 
ATOM   950  C CA   . GLY A 1 61 ? 5.574   3.506   -9.132  1.00 10.00 ? 62  GLY A CA   1 
ATOM   951  C C    . GLY A 1 61 ? 5.222   4.608   -8.126  1.00 10.00 ? 62  GLY A C    1 
ATOM   952  O O    . GLY A 1 61 ? 6.129   5.126   -7.474  1.00 10.00 ? 62  GLY A O    1 
ATOM   953  H H    . GLY A 1 61 ? 4.068   2.028   -9.249  1.00 10.00 ? 62  GLY A H    1 
ATOM   954  H HA2  . GLY A 1 61 ? 6.170   2.749   -8.621  1.00 10.00 ? 62  GLY A HA2  1 
ATOM   955  H HA3  . GLY A 1 61 ? 6.178   3.939   -9.929  1.00 10.00 ? 62  GLY A HA3  1 
ATOM   956  N N    . ASP A 1 62 ? 3.937   4.957   -7.983  1.00 10.00 ? 63  ASP A N    1 
ATOM   957  C CA   . ASP A 1 62 ? 3.455   5.929   -7.000  1.00 10.00 ? 63  ASP A CA   1 
ATOM   958  C C    . ASP A 1 62 ? 3.537   5.280   -5.619  1.00 10.00 ? 63  ASP A C    1 
ATOM   959  O O    . ASP A 1 62 ? 3.233   4.095   -5.460  1.00 10.00 ? 63  ASP A O    1 
ATOM   960  C CB   . ASP A 1 62 ? 2.022   6.370   -7.353  1.00 10.00 ? 63  ASP A CB   1 
ATOM   961  C CG   . ASP A 1 62 ? 1.532   7.597   -6.577  1.00 10.00 ? 63  ASP A CG   1 
ATOM   962  O OD1  . ASP A 1 62 ? 2.071   7.927   -5.503  1.00 10.00 ? 63  ASP A OD1  1 
ATOM   963  O OD2  . ASP A 1 62 ? 0.530   8.208   -7.007  1.00 10.00 ? 63  ASP A OD2  1 
ATOM   964  H H    . ASP A 1 62 ? 3.231   4.437   -8.489  1.00 10.00 ? 63  ASP A H    1 
ATOM   965  H HA   . ASP A 1 62 ? 4.104   6.806   -7.019  1.00 10.00 ? 63  ASP A HA   1 
ATOM   966  H HB2  . ASP A 1 62 ? 1.975   6.593   -8.422  1.00 10.00 ? 63  ASP A HB2  1 
ATOM   967  H HB3  . ASP A 1 62 ? 1.335   5.550   -7.148  1.00 10.00 ? 63  ASP A HB3  1 
ATOM   968  N N    . VAL A 1 63 ? 4.030   6.014   -4.626  1.00 10.00 ? 64  VAL A N    1 
ATOM   969  C CA   . VAL A 1 63 ? 4.273   5.498   -3.289  1.00 10.00 ? 64  VAL A CA   1 
ATOM   970  C C    . VAL A 1 63 ? 2.960   5.110   -2.590  1.00 10.00 ? 64  VAL A C    1 
ATOM   971  O O    . VAL A 1 63 ? 1.876   5.624   -2.875  1.00 10.00 ? 64  VAL A O    1 
ATOM   972  C CB   . VAL A 1 63 ? 5.117   6.515   -2.489  1.00 10.00 ? 64  VAL A CB   1 
ATOM   973  C CG1  . VAL A 1 63 ? 6.560   6.568   -3.019  1.00 10.00 ? 64  VAL A CG1  1 
ATOM   974  C CG2  . VAL A 1 63 ? 4.527   7.936   -2.484  1.00 10.00 ? 64  VAL A CG2  1 
ATOM   975  H H    . VAL A 1 63 ? 4.115   7.010   -4.767  1.00 10.00 ? 64  VAL A H    1 
ATOM   976  H HA   . VAL A 1 63 ? 4.857   4.583   -3.389  1.00 10.00 ? 64  VAL A HA   1 
ATOM   977  H HB   . VAL A 1 63 ? 5.174   6.168   -1.456  1.00 10.00 ? 64  VAL A HB   1 
ATOM   978  H HG11 . VAL A 1 63 ? 7.015   5.579   -2.951  1.00 10.00 ? 64  VAL A HG11 1 
ATOM   979  H HG12 . VAL A 1 63 ? 6.565   6.885   -4.064  1.00 10.00 ? 64  VAL A HG12 1 
ATOM   980  H HG13 . VAL A 1 63 ? 7.153   7.271   -2.432  1.00 10.00 ? 64  VAL A HG13 1 
ATOM   981  H HG21 . VAL A 1 63 ? 4.504   8.354   -3.491  1.00 10.00 ? 64  VAL A HG21 1 
ATOM   982  H HG22 . VAL A 1 63 ? 3.504   7.907   -2.111  1.00 10.00 ? 64  VAL A HG22 1 
ATOM   983  H HG23 . VAL A 1 63 ? 5.122   8.588   -1.842  1.00 10.00 ? 64  VAL A HG23 1 
ATOM   984  N N    . LEU A 1 64 ? 3.088   4.227   -1.596  1.00 10.00 ? 65  LEU A N    1 
ATOM   985  C CA   . LEU A 1 64 ? 1.988   3.762   -0.758  1.00 10.00 ? 65  LEU A CA   1 
ATOM   986  C C    . LEU A 1 64 ? 2.395   3.801   0.702   1.00 10.00 ? 65  LEU A C    1 
ATOM   987  O O    . LEU A 1 64 ? 1.621   4.253   1.535   1.00 10.00 ? 65  LEU A O    1 
ATOM   988  C CB   . LEU A 1 64 ? 1.597   2.328   -1.163  1.00 10.00 ? 65  LEU A CB   1 
ATOM   989  C CG   . LEU A 1 64 ? 0.547   1.634   -0.263  1.00 10.00 ? 65  LEU A CG   1 
ATOM   990  C CD1  . LEU A 1 64 ? -0.747  2.445   -0.108  1.00 10.00 ? 65  LEU A CD1  1 
ATOM   991  C CD2  . LEU A 1 64 ? 0.199   0.244   -0.817  1.00 10.00 ? 65  LEU A CD2  1 
ATOM   992  H H    . LEU A 1 64 ? 3.998   3.816   -1.439  1.00 10.00 ? 65  LEU A H    1 
ATOM   993  H HA   . LEU A 1 64 ? 1.121   4.413   -0.887  1.00 10.00 ? 65  LEU A HA   1 
ATOM   994  H HB2  . LEU A 1 64 ? 1.228   2.386   -2.178  1.00 10.00 ? 65  LEU A HB2  1 
ATOM   995  H HB3  . LEU A 1 64 ? 2.493   1.708   -1.166  1.00 10.00 ? 65  LEU A HB3  1 
ATOM   996  H HG   . LEU A 1 64 ? 0.977   1.489   0.723   1.00 10.00 ? 65  LEU A HG   1 
ATOM   997  H HD11 . LEU A 1 64 ? -0.550  3.407   0.362   1.00 10.00 ? 65  LEU A HD11 1 
ATOM   998  H HD12 . LEU A 1 64 ? -1.204  2.620   -1.079  1.00 10.00 ? 65  LEU A HD12 1 
ATOM   999  H HD13 . LEU A 1 64 ? -1.447  1.905   0.531   1.00 10.00 ? 65  LEU A HD13 1 
ATOM   1000 H HD21 . LEU A 1 64 ? -0.275  0.345   -1.788  1.00 10.00 ? 65  LEU A HD21 1 
ATOM   1001 H HD22 . LEU A 1 64 ? 1.097   -0.369  -0.924  1.00 10.00 ? 65  LEU A HD22 1 
ATOM   1002 H HD23 . LEU A 1 64 ? -0.502  -0.265  -0.157  1.00 10.00 ? 65  LEU A HD23 1 
ATOM   1003 N N    . LEU A 1 65 ? 3.598   3.349   1.039   1.00 10.00 ? 66  LEU A N    1 
ATOM   1004 C CA   . LEU A 1 65 ? 3.904   3.004   2.418   1.00 10.00 ? 66  LEU A CA   1 
ATOM   1005 C C    . LEU A 1 65 ? 5.365   3.312   2.684   1.00 10.00 ? 66  LEU A C    1 
ATOM   1006 O O    . LEU A 1 65 ? 6.229   3.147   1.809   1.00 10.00 ? 66  LEU A O    1 
ATOM   1007 C CB   . LEU A 1 65 ? 3.538   1.521   2.651   1.00 10.00 ? 66  LEU A CB   1 
ATOM   1008 C CG   . LEU A 1 65 ? 2.329   1.339   3.585   1.00 10.00 ? 66  LEU A CG   1 
ATOM   1009 C CD1  . LEU A 1 65 ? 1.566   0.045   3.254   1.00 10.00 ? 66  LEU A CD1  1 
ATOM   1010 C CD2  . LEU A 1 65 ? 2.827   1.255   5.022   1.00 10.00 ? 66  LEU A CD2  1 
ATOM   1011 H H    . LEU A 1 65 ? 4.235   3.028   0.319   1.00 10.00 ? 66  LEU A H    1 
ATOM   1012 H HA   . LEU A 1 65 ? 3.303   3.616   3.093   1.00 10.00 ? 66  LEU A HA   1 
ATOM   1013 H HB2  . LEU A 1 65 ? 3.276   1.068   1.700   1.00 10.00 ? 66  LEU A HB2  1 
ATOM   1014 H HB3  . LEU A 1 65 ? 4.392   0.979   3.061   1.00 10.00 ? 66  LEU A HB3  1 
ATOM   1015 H HG   . LEU A 1 65 ? 1.640   2.180   3.502   1.00 10.00 ? 66  LEU A HG   1 
ATOM   1016 H HD11 . LEU A 1 65 ? 0.794   0.227   2.506   1.00 10.00 ? 66  LEU A HD11 1 
ATOM   1017 H HD12 . LEU A 1 65 ? 2.232   -0.737  2.889   1.00 10.00 ? 66  LEU A HD12 1 
ATOM   1018 H HD13 . LEU A 1 65 ? 1.085   -0.305  4.163   1.00 10.00 ? 66  LEU A HD13 1 
ATOM   1019 H HD21 . LEU A 1 65 ? 3.155   0.244   5.244   1.00 10.00 ? 66  LEU A HD21 1 
ATOM   1020 H HD22 . LEU A 1 65 ? 3.644   1.960   5.194   1.00 10.00 ? 66  LEU A HD22 1 
ATOM   1021 H HD23 . LEU A 1 65 ? 2.000   1.492   5.689   1.00 10.00 ? 66  LEU A HD23 1 
ATOM   1022 N N    . GLU A 1 66 ? 5.644   3.717   3.918   1.00 10.00 ? 67  GLU A N    1 
ATOM   1023 C CA   . GLU A 1 66 ? 6.977   3.830   4.467   1.00 10.00 ? 67  GLU A CA   1 
ATOM   1024 C C    . GLU A 1 66 ? 6.956   3.043   5.773   1.00 10.00 ? 67  GLU A C    1 
ATOM   1025 O O    . GLU A 1 66 ? 5.950   3.056   6.484   1.00 10.00 ? 67  GLU A O    1 
ATOM   1026 C CB   . GLU A 1 66 ? 7.341   5.306   4.642   1.00 10.00 ? 67  GLU A CB   1 
ATOM   1027 C CG   . GLU A 1 66 ? 8.830   5.469   4.976   1.00 10.00 ? 67  GLU A CG   1 
ATOM   1028 C CD   . GLU A 1 66 ? 9.321   6.915   4.802   1.00 10.00 ? 67  GLU A CD   1 
ATOM   1029 O OE1  . GLU A 1 66 ? 8.922   7.548   3.792   1.00 10.00 ? 67  GLU A OE1  1 
ATOM   1030 O OE2  . GLU A 1 66 ? 10.099  7.345   5.688   1.00 10.00 ? 67  GLU A OE2  1 
ATOM   1031 H H    . GLU A 1 66 ? 4.890   3.837   4.598   1.00 10.00 ? 67  GLU A H    1 
ATOM   1032 H HA   . GLU A 1 66 ? 7.683   3.388   3.771   1.00 10.00 ? 67  GLU A HA   1 
ATOM   1033 H HB2  . GLU A 1 66 ? 7.130   5.801   3.695   1.00 10.00 ? 67  GLU A HB2  1 
ATOM   1034 H HB3  . GLU A 1 66 ? 6.731   5.760   5.425   1.00 10.00 ? 67  GLU A HB3  1 
ATOM   1035 H HG2  . GLU A 1 66 ? 8.991   5.143   6.007   1.00 10.00 ? 67  GLU A HG2  1 
ATOM   1036 H HG3  . GLU A 1 66 ? 9.413   4.810   4.330   1.00 10.00 ? 67  GLU A HG3  1 
ATOM   1037 N N    . LEU A 1 67 ? 8.033   2.325   6.090   1.00 10.00 ? 68  LEU A N    1 
ATOM   1038 C CA   . LEU A 1 67 ? 8.061   1.394   7.217   1.00 10.00 ? 68  LEU A CA   1 
ATOM   1039 C C    . LEU A 1 67 ? 9.301   1.699   8.038   1.00 10.00 ? 68  LEU A C    1 
ATOM   1040 O O    . LEU A 1 67 ? 10.363  1.970   7.478   1.00 10.00 ? 68  LEU A O    1 
ATOM   1041 C CB   . LEU A 1 67 ? 8.062   -0.099  6.804   1.00 10.00 ? 68  LEU A CB   1 
ATOM   1042 C CG   . LEU A 1 67 ? 7.143   -0.531  5.635   1.00 10.00 ? 68  LEU A CG   1 
ATOM   1043 C CD1  . LEU A 1 67 ? 7.373   -1.975  5.153   1.00 10.00 ? 68  LEU A CD1  1 
ATOM   1044 C CD2  . LEU A 1 67 ? 5.684   -0.413  6.055   1.00 10.00 ? 68  LEU A CD2  1 
ATOM   1045 H H    . LEU A 1 67 ? 8.902   2.492   5.608   1.00 10.00 ? 68  LEU A H    1 
ATOM   1046 H HA   . LEU A 1 67 ? 7.189   1.568   7.840   1.00 10.00 ? 68  LEU A HA   1 
ATOM   1047 H HB2  . LEU A 1 67 ? 9.089   -0.398  6.639   1.00 10.00 ? 68  LEU A HB2  1 
ATOM   1048 H HB3  . LEU A 1 67 ? 7.754   -0.679  7.671   1.00 10.00 ? 68  LEU A HB3  1 
ATOM   1049 H HG   . LEU A 1 67 ? 7.301   0.125   4.777   1.00 10.00 ? 68  LEU A HG   1 
ATOM   1050 H HD11 . LEU A 1 67 ? 8.337   -2.102  4.688   1.00 10.00 ? 68  LEU A HD11 1 
ATOM   1051 H HD12 . LEU A 1 67 ? 7.318   -2.680  5.981   1.00 10.00 ? 68  LEU A HD12 1 
ATOM   1052 H HD13 . LEU A 1 67 ? 6.649   -2.252  4.388   1.00 10.00 ? 68  LEU A HD13 1 
ATOM   1053 H HD21 . LEU A 1 67 ? 5.480   -1.026  6.935   1.00 10.00 ? 68  LEU A HD21 1 
ATOM   1054 H HD22 . LEU A 1 67 ? 5.424   0.620   6.267   1.00 10.00 ? 68  LEU A HD22 1 
ATOM   1055 H HD23 . LEU A 1 67 ? 5.053   -0.749  5.238   1.00 10.00 ? 68  LEU A HD23 1 
ATOM   1056 N N    . SER A 1 68 ? 9.185   1.587   9.356   1.00 10.00 ? 69  SER A N    1 
ATOM   1057 C CA   . SER A 1 68 ? 10.263  1.705   10.331  1.00 10.00 ? 69  SER A CA   1 
ATOM   1058 C C    . SER A 1 68 ? 11.183  0.486   10.285  1.00 10.00 ? 69  SER A C    1 
ATOM   1059 O O    . SER A 1 68 ? 12.224  0.505   10.928  1.00 10.00 ? 69  SER A O    1 
ATOM   1060 C CB   . SER A 1 68 ? 9.659   1.805   11.736  1.00 10.00 ? 69  SER A CB   1 
ATOM   1061 O OG   . SER A 1 68 ? 8.639   2.783   11.793  1.00 10.00 ? 69  SER A OG   1 
ATOM   1062 H H    . SER A 1 68 ? 8.296   1.267   9.727   1.00 10.00 ? 69  SER A H    1 
ATOM   1063 H HA   . SER A 1 68 ? 10.847  2.604   10.118  1.00 10.00 ? 69  SER A HA   1 
ATOM   1064 H HB2  . SER A 1 68 ? 9.235   0.835   11.997  1.00 10.00 ? 69  SER A HB2  1 
ATOM   1065 H HB3  . SER A 1 68 ? 10.443  2.057   12.450  1.00 10.00 ? 69  SER A HB3  1 
ATOM   1066 H HG   . SER A 1 68 ? 8.206   2.714   12.651  1.00 10.00 ? 69  SER A HG   1 
ATOM   1067 N N    . ASN A 1 69 ? 10.788  -0.536  9.514   1.00 10.00 ? 70  ASN A N    1 
ATOM   1068 C CA   . ASN A 1 69 ? 11.540  -1.739  9.201   1.00 10.00 ? 70  ASN A CA   1 
ATOM   1069 C C    . ASN A 1 69 ? 11.638  -1.942  7.659   1.00 10.00 ? 70  ASN A C    1 
ATOM   1070 O O    . ASN A 1 69 ? 11.337  -3.029  7.172   1.00 10.00 ? 70  ASN A O    1 
ATOM   1071 C CB   . ASN A 1 69 ? 10.870  -2.899  9.970   1.00 10.00 ? 70  ASN A CB   1 
ATOM   1072 C CG   . ASN A 1 69 ? 11.691  -4.171  9.954   1.00 10.00 ? 70  ASN A CG   1 
ATOM   1073 O OD1  . ASN A 1 69 ? 12.732  -4.223  10.581  1.00 10.00 ? 70  ASN A OD1  1 
ATOM   1074 N ND2  . ASN A 1 69 ? 11.254  -5.191  9.229   1.00 10.00 ? 70  ASN A ND2  1 
ATOM   1075 H H    . ASN A 1 69 ? 9.843   -0.500  9.164   1.00 10.00 ? 70  ASN A H    1 
ATOM   1076 H HA   . ASN A 1 69 ? 12.560  -1.631  9.577   1.00 10.00 ? 70  ASN A HA   1 
ATOM   1077 H HB2  . ASN A 1 69 ? 10.715  -2.634  11.022  1.00 10.00 ? 70  ASN A HB2  1 
ATOM   1078 H HB3  . ASN A 1 69 ? 9.917   -3.097  9.512   1.00 10.00 ? 70  ASN A HB3  1 
ATOM   1079 H HD21 . ASN A 1 69 ? 10.445  -5.118  8.614   1.00 10.00 ? 70  ASN A HD21 1 
ATOM   1080 H HD22 . ASN A 1 69 ? 11.894  -5.964  9.135   1.00 10.00 ? 70  ASN A HD22 1 
ATOM   1081 N N    . SER A 1 70 ? 12.047  -0.923  6.882   1.00 10.00 ? 71  SER A N    1 
ATOM   1082 C CA   . SER A 1 70 ? 12.513  -1.001  5.465   1.00 10.00 ? 71  SER A CA   1 
ATOM   1083 C C    . SER A 1 70 ? 13.777  -0.168  5.211   1.00 10.00 ? 71  SER A C    1 
ATOM   1084 O O    . SER A 1 70 ? 14.089  0.159   4.069   1.00 10.00 ? 71  SER A O    1 
ATOM   1085 C CB   . SER A 1 70 ? 11.507  -0.341  4.554   1.00 10.00 ? 71  SER A CB   1 
ATOM   1086 O OG   . SER A 1 70 ? 10.312  -1.005  4.783   1.00 10.00 ? 71  SER A OG   1 
ATOM   1087 H H    . SER A 1 70 ? 12.158  -0.006  7.307   1.00 10.00 ? 71  SER A H    1 
ATOM   1088 H HA   . SER A 1 70 ? 12.649  -2.043  5.158   1.00 10.00 ? 71  SER A HA   1 
ATOM   1089 H HB2  . SER A 1 70 ? 11.435  0.727   4.787   1.00 10.00 ? 71  SER A HB2  1 
ATOM   1090 H HB3  . SER A 1 70 ? 11.826  -0.454  3.514   1.00 10.00 ? 71  SER A HB3  1 
ATOM   1091 H HG   . SER A 1 70 ? 9.588   -0.371  4.858   1.00 10.00 ? 71  SER A HG   1 
ATOM   1092 N N    . THR A 1 71 ? 14.270  0.331   6.330   1.00 10.00 ? 72  THR A N    1 
ATOM   1093 C CA   . THR A 1 71 ? 15.020  1.536   6.632   1.00 10.00 ? 72  THR A CA   1 
ATOM   1094 C C    . THR A 1 71 ? 16.509  1.151   6.827   1.00 10.00 ? 72  THR A C    1 
ATOM   1095 O O    . THR A 1 71 ? 17.414  1.965   6.624   1.00 10.00 ? 72  THR A O    1 
ATOM   1096 C CB   . THR A 1 71 ? 14.384  2.040   7.960   1.00 10.00 ? 72  THR A CB   1 
ATOM   1097 O OG1  . THR A 1 71 ? 13.179  1.345   8.311   1.00 10.00 ? 72  THR A OG1  1 
ATOM   1098 C CG2  . THR A 1 71 ? 13.973  3.506   7.898   1.00 10.00 ? 72  THR A CG2  1 
ATOM   1099 H H    . THR A 1 71 ? 13.833  -0.017  7.167   1.00 10.00 ? 72  THR A H    1 
ATOM   1100 H HA   . THR A 1 71 ? 14.894  2.282   5.844   1.00 10.00 ? 72  THR A HA   1 
ATOM   1101 H HB   . THR A 1 71 ? 15.111  1.907   8.763   1.00 10.00 ? 72  THR A HB   1 
ATOM   1102 H HG1  . THR A 1 71 ? 12.471  1.986   8.427   1.00 10.00 ? 72  THR A HG1  1 
ATOM   1103 H HG21 . THR A 1 71 ? 14.858  4.120   7.714   1.00 10.00 ? 72  THR A HG21 1 
ATOM   1104 H HG22 . THR A 1 71 ? 13.271  3.635   7.072   1.00 10.00 ? 72  THR A HG22 1 
ATOM   1105 H HG23 . THR A 1 71 ? 13.513  3.801   8.845   1.00 10.00 ? 72  THR A HG23 1 
ATOM   1106 N N    . GLN A 1 72 ? 16.664  -0.105  7.289   1.00 10.00 ? 73  GLN A N    1 
ATOM   1107 C CA   . GLN A 1 72 ? 17.453  -1.200  6.714   1.00 10.00 ? 73  GLN A CA   1 
ATOM   1108 C C    . GLN A 1 72 ? 17.604  -1.020  5.208   1.00 10.00 ? 73  GLN A C    1 
ATOM   1109 O O    . GLN A 1 72 ? 18.729  -0.680  4.796   1.00 10.00 ? 73  GLN A O    1 
ATOM   1110 C CB   . GLN A 1 72 ? 16.726  -2.560  7.032   1.00 10.00 ? 73  GLN A CB   1 
ATOM   1111 C CG   . GLN A 1 72 ? 15.184  -2.597  7.292   1.00 10.00 ? 73  GLN A CG   1 
ATOM   1112 C CD   . GLN A 1 72 ? 14.681  -3.905  7.944   1.00 10.00 ? 73  GLN A CD   1 
ATOM   1113 O OE1  . GLN A 1 72 ? 15.236  -4.358  8.933   1.00 10.00 ? 73  GLN A OE1  1 
ATOM   1114 N NE2  . GLN A 1 72 ? 13.655  -4.549  7.379   1.00 10.00 ? 73  GLN A NE2  1 
ATOM   1115 O OXT  . GLN A 1 72 ? 16.613  -1.321  4.511   1.00 10.00 ? 73  GLN A OXT  1 
ATOM   1116 H H    . GLN A 1 72 ? 15.777  -0.479  7.565   1.00 10.00 ? 73  GLN A H    1 
ATOM   1117 H HA   . GLN A 1 72 ? 18.480  -1.232  7.101   1.00 10.00 ? 73  GLN A HA   1 
ATOM   1118 H HB2  . GLN A 1 72 ? 16.903  -3.220  6.183   1.00 10.00 ? 73  GLN A HB2  1 
ATOM   1119 H HB3  . GLN A 1 72 ? 17.214  -3.027  7.885   1.00 10.00 ? 73  GLN A HB3  1 
ATOM   1120 H HG2  . GLN A 1 72 ? 14.876  -1.774  7.945   1.00 10.00 ? 73  GLN A HG2  1 
ATOM   1121 H HG3  . GLN A 1 72 ? 14.667  -2.478  6.342   1.00 10.00 ? 73  GLN A HG3  1 
ATOM   1122 H HE21 . GLN A 1 72 ? 13.743  -4.585  6.388   1.00 10.00 ? 73  GLN A HE21 1 
ATOM   1123 H HE22 . GLN A 1 72 ? 12.707  -4.300  7.683   1.00 10.00 ? 73  GLN A HE22 1 
HETATM 1124 C C11  . BTN B 2 .  ? -17.950 2.305   -12.736 1.00 10.00 ? 135 BTN A C11  1 
HETATM 1125 O O11  . BTN B 2 .  ? -19.050 1.819   -13.003 1.00 10.00 ? 135 BTN A O11  1 
HETATM 1126 C C10  . BTN B 2 .  ? -17.743 3.092   -11.439 1.00 10.00 ? 135 BTN A C10  1 
HETATM 1127 C C9   . BTN B 2 .  ? -17.408 2.227   -10.209 1.00 10.00 ? 135 BTN A C9   1 
HETATM 1128 C C8   . BTN B 2 .  ? -16.335 1.144   -10.419 1.00 10.00 ? 135 BTN A C8   1 
HETATM 1129 C C7   . BTN B 2 .  ? -16.079 0.407   -9.095  1.00 10.00 ? 135 BTN A C7   1 
HETATM 1130 C C2   . BTN B 2 .  ? -15.129 -0.789  -9.265  1.00 10.00 ? 135 BTN A C2   1 
HETATM 1131 S S1   . BTN B 2 .  ? -15.783 -2.201  -10.175 1.00 10.00 ? 135 BTN A S1   1 
HETATM 1132 C C6   . BTN B 2 .  ? -14.399 -3.182  -9.575  1.00 10.00 ? 135 BTN A C6   1 
HETATM 1133 C C5   . BTN B 2 .  ? -14.092 -2.757  -8.136  1.00 10.00 ? 135 BTN A C5   1 
HETATM 1134 N N1   . BTN B 2 .  ? -14.926 -3.483  -7.199  1.00 10.00 ? 135 BTN A N1   1 
HETATM 1135 C C3   . BTN B 2 .  ? -15.804 -2.747  -6.506  1.00 10.00 ? 135 BTN A C3   1 
HETATM 1136 O O3   . BTN B 2 .  ? -16.613 -3.137  -5.668  1.00 10.00 ? 135 BTN A O3   1 
HETATM 1137 N N2   . BTN B 2 .  ? -15.594 -1.490  -6.914  1.00 10.00 ? 135 BTN A N2   1 
HETATM 1138 C C4   . BTN B 2 .  ? -14.569 -1.317  -7.928  1.00 10.00 ? 135 BTN A C4   1 
HETATM 1139 H H101 . BTN B 2 .  ? -18.654 3.656   -11.223 1.00 10.00 ? 135 BTN A H101 1 
HETATM 1140 H H102 . BTN B 2 .  ? -16.941 3.816   -11.591 1.00 10.00 ? 135 BTN A H102 1 
HETATM 1141 H H91  . BTN B 2 .  ? -18.321 1.742   -9.864  1.00 10.00 ? 135 BTN A H91  1 
HETATM 1142 H H92  . BTN B 2 .  ? -17.067 2.899   -9.419  1.00 10.00 ? 135 BTN A H92  1 
HETATM 1143 H H81  . BTN B 2 .  ? -15.405 1.601   -10.765 1.00 10.00 ? 135 BTN A H81  1 
HETATM 1144 H H82  . BTN B 2 .  ? -16.682 0.431   -11.168 1.00 10.00 ? 135 BTN A H82  1 
HETATM 1145 H H71  . BTN B 2 .  ? -17.028 0.049   -8.693  1.00 10.00 ? 135 BTN A H71  1 
HETATM 1146 H H72  . BTN B 2 .  ? -15.643 1.110   -8.382  1.00 10.00 ? 135 BTN A H72  1 
HETATM 1147 H H2   . BTN B 2 .  ? -14.272 -0.442  -9.839  1.00 10.00 ? 135 BTN A H2   1 
HETATM 1148 H H61  . BTN B 2 .  ? -13.529 -2.956  -10.193 1.00 10.00 ? 135 BTN A H61  1 
HETATM 1149 H H62  . BTN B 2 .  ? -14.619 -4.247  -9.637  1.00 10.00 ? 135 BTN A H62  1 
HETATM 1150 H H5   . BTN B 2 .  ? -13.035 -2.876  -7.897  1.00 10.00 ? 135 BTN A H5   1 
HETATM 1151 H HN1  . BTN B 2 .  ? -14.840 -4.482  -7.089  1.00 10.00 ? 135 BTN A HN1  1 
HETATM 1152 H HN2  . BTN B 2 .  ? -16.114 -0.702  -6.557  1.00 10.00 ? 135 BTN A HN2  1 
HETATM 1153 H H4   . BTN B 2 .  ? -13.772 -0.680  -7.549  1.00 10.00 ? 135 BTN A H4   1 
# 
